data_1SEN
# 
_entry.id   1SEN 
# 
_audit_conform.dict_name       mmcif_pdbx.dic 
_audit_conform.dict_version    5.398 
_audit_conform.dict_location   http://mmcif.pdb.org/dictionaries/ascii/mmcif_pdbx.dic 
# 
loop_
_database_2.database_id 
_database_2.database_code 
_database_2.pdbx_database_accession 
_database_2.pdbx_DOI 
PDB   1SEN         pdb_00001sen 10.2210/pdb1sen/pdb 
RCSB  RCSB021641   ?            ?                   
WWPDB D_1000021641 ?            ?                   
# 
loop_
_pdbx_audit_revision_history.ordinal 
_pdbx_audit_revision_history.data_content_type 
_pdbx_audit_revision_history.major_revision 
_pdbx_audit_revision_history.minor_revision 
_pdbx_audit_revision_history.revision_date 
1 'Structure model' 1 0 2004-07-13 
2 'Structure model' 1 1 2008-04-29 
3 'Structure model' 1 2 2011-07-13 
4 'Structure model' 1 3 2017-10-11 
5 'Structure model' 1 4 2024-11-13 
# 
_pdbx_audit_revision_details.ordinal             1 
_pdbx_audit_revision_details.revision_ordinal    1 
_pdbx_audit_revision_details.data_content_type   'Structure model' 
_pdbx_audit_revision_details.provider            repository 
_pdbx_audit_revision_details.type                'Initial release' 
_pdbx_audit_revision_details.description         ? 
_pdbx_audit_revision_details.details             ? 
# 
loop_
_pdbx_audit_revision_group.ordinal 
_pdbx_audit_revision_group.revision_ordinal 
_pdbx_audit_revision_group.data_content_type 
_pdbx_audit_revision_group.group 
1 2 'Structure model' 'Version format compliance' 
2 3 'Structure model' 'Version format compliance' 
3 4 'Structure model' 'Refinement description'    
4 5 'Structure model' 'Data collection'           
5 5 'Structure model' 'Database references'       
6 5 'Structure model' 'Derived calculations'      
7 5 'Structure model' 'Structure summary'         
# 
loop_
_pdbx_audit_revision_category.ordinal 
_pdbx_audit_revision_category.revision_ordinal 
_pdbx_audit_revision_category.data_content_type 
_pdbx_audit_revision_category.category 
1  4 'Structure model' software                  
2  5 'Structure model' chem_comp_atom            
3  5 'Structure model' chem_comp_bond            
4  5 'Structure model' database_2                
5  5 'Structure model' pdbx_entry_details        
6  5 'Structure model' pdbx_modification_feature 
7  5 'Structure model' pdbx_struct_conn_angle    
8  5 'Structure model' struct_conn               
9  5 'Structure model' struct_ref_seq_dif        
10 5 'Structure model' struct_site               
# 
loop_
_pdbx_audit_revision_item.ordinal 
_pdbx_audit_revision_item.revision_ordinal 
_pdbx_audit_revision_item.data_content_type 
_pdbx_audit_revision_item.item 
1  5 'Structure model' '_database_2.pdbx_DOI'                        
2  5 'Structure model' '_database_2.pdbx_database_accession'         
3  5 'Structure model' '_pdbx_struct_conn_angle.ptnr1_auth_comp_id'  
4  5 'Structure model' '_pdbx_struct_conn_angle.ptnr1_auth_seq_id'   
5  5 'Structure model' '_pdbx_struct_conn_angle.ptnr1_label_alt_id'  
6  5 'Structure model' '_pdbx_struct_conn_angle.ptnr1_label_asym_id' 
7  5 'Structure model' '_pdbx_struct_conn_angle.ptnr1_label_atom_id' 
8  5 'Structure model' '_pdbx_struct_conn_angle.ptnr1_label_comp_id' 
9  5 'Structure model' '_pdbx_struct_conn_angle.ptnr1_label_seq_id'  
10 5 'Structure model' '_pdbx_struct_conn_angle.ptnr3_auth_comp_id'  
11 5 'Structure model' '_pdbx_struct_conn_angle.ptnr3_auth_seq_id'   
12 5 'Structure model' '_pdbx_struct_conn_angle.ptnr3_label_alt_id'  
13 5 'Structure model' '_pdbx_struct_conn_angle.ptnr3_label_asym_id' 
14 5 'Structure model' '_pdbx_struct_conn_angle.ptnr3_label_atom_id' 
15 5 'Structure model' '_pdbx_struct_conn_angle.ptnr3_label_comp_id' 
16 5 'Structure model' '_pdbx_struct_conn_angle.ptnr3_label_seq_id'  
17 5 'Structure model' '_pdbx_struct_conn_angle.value'               
18 5 'Structure model' '_struct_conn.pdbx_dist_value'                
19 5 'Structure model' '_struct_conn.pdbx_ptnr1_label_alt_id'        
20 5 'Structure model' '_struct_conn.pdbx_ptnr2_label_alt_id'        
21 5 'Structure model' '_struct_conn.ptnr1_auth_comp_id'             
22 5 'Structure model' '_struct_conn.ptnr1_auth_seq_id'              
23 5 'Structure model' '_struct_conn.ptnr1_label_asym_id'            
24 5 'Structure model' '_struct_conn.ptnr1_label_atom_id'            
25 5 'Structure model' '_struct_conn.ptnr1_label_comp_id'            
26 5 'Structure model' '_struct_conn.ptnr1_label_seq_id'             
27 5 'Structure model' '_struct_conn.ptnr2_auth_comp_id'             
28 5 'Structure model' '_struct_conn.ptnr2_auth_seq_id'              
29 5 'Structure model' '_struct_conn.ptnr2_label_asym_id'            
30 5 'Structure model' '_struct_conn.ptnr2_label_atom_id'            
31 5 'Structure model' '_struct_conn.ptnr2_label_comp_id'            
32 5 'Structure model' '_struct_conn.ptnr2_label_seq_id'             
33 5 'Structure model' '_struct_ref_seq_dif.details'                 
34 5 'Structure model' '_struct_site.pdbx_auth_asym_id'              
35 5 'Structure model' '_struct_site.pdbx_auth_comp_id'              
36 5 'Structure model' '_struct_site.pdbx_auth_seq_id'               
# 
_pdbx_database_status.entry_id                        1SEN 
_pdbx_database_status.deposit_site                    RCSB 
_pdbx_database_status.process_site                    RCSB 
_pdbx_database_status.recvd_initial_deposition_date   2004-02-17 
_pdbx_database_status.status_code                     REL 
_pdbx_database_status.status_code_sf                  REL 
_pdbx_database_status.status_code_mr                  ? 
_pdbx_database_status.SG_entry                        Y 
_pdbx_database_status.pdb_format_compatible           Y 
_pdbx_database_status.status_code_cs                  ? 
_pdbx_database_status.methods_development_category    ? 
_pdbx_database_status.status_code_nmr_data            ? 
# 
_pdbx_database_related.db_name        TargetDB 
_pdbx_database_related.db_id          O95881 
_pdbx_database_related.details        . 
_pdbx_database_related.content_type   unspecified 
# 
loop_
_audit_author.name 
_audit_author.pdbx_ordinal 
'Liu, Z.-J.'                                              1  
'Chen, L.'                                                2  
'Tempel, W.'                                              3  
'Shah, A.'                                                4  
'Lee, D.'                                                 5  
'Dailey, T.A.'                                            6  
'Mayer, M.R.'                                             7  
'Rose, J.P.'                                              8  
'Richardson, D.C.'                                        9  
'Richardson, J.S.'                                        10 
'Dailey, H.A.'                                            11 
'Wang, B.-C.'                                             12 
'Southeast Collaboratory for Structural Genomics (SECSG)' 13 
# 
loop_
_citation.id 
_citation.title 
_citation.journal_abbrev 
_citation.journal_volume 
_citation.page_first 
_citation.page_last 
_citation.year 
_citation.journal_id_ASTM 
_citation.country 
_citation.journal_id_ISSN 
_citation.journal_id_CSD 
_citation.book_publisher 
_citation.pdbx_database_id_PubMed 
_citation.pdbx_database_id_DOI 
primary 'Endoplasmic reticulum protein Rp19'                                            'To be Published'          ?  ?   ?   ?    
?      ?  ?         0353 ? ? ?                         
1       'Refinement of Macromolecular Structures by the Maximum-Likelihood Method'      'ACTA CRYSTALLOGR.,SECT.D' 53 240 255 1997 
ABCRE6 DK 0907-4449 0766 ? ? 10.1107/S0907444996012255 
2       'Automated MAD and MIR structure solution'                                      'ACTA CRYSTALLOGR.,SECT.D' 55 849 861 1999 
ABCRE6 DK 0907-4449 0766 ? ? 10.1107/S0907444999000839 
3       'Maximum likelihood density modification'                                       'ACTA CRYSTALLOGR.,SECT.D' 56 965 972 2000 
ABCRE6 DK 0907-4449 0766 ? ? 10.1107/S0907444900005072 
4       'Automated protein model building combined with iterative structure refinement' Nat.Struct.Biol.           6  458 463 1999 
NSBIEW US 1072-8368 2024 ? ? 10.1038/8263              
# 
loop_
_citation_author.citation_id 
_citation_author.name 
_citation_author.ordinal 
_citation_author.identifier_ORCID 
primary 'Liu, Z.-J.'        1  ? 
primary 'Chen, L.'          2  ? 
primary 'Tempel, W.'        3  ? 
primary 'Shah, A.'          4  ? 
primary 'Lee, D.'           5  ? 
primary 'Rose, J.P.'        6  ? 
primary 'Richardson, D.C.'  7  ? 
primary 'Richardson, J.S.'  8  ? 
primary 'Wang, B.-C.'       9  ? 
1       'Murshudov, G.N.'   10 ? 
1       'Vagin, A.A.'       11 ? 
1       'Dodson, E.J.'      12 ? 
2       'Terwilliger, T.C.' 13 ? 
2       'Berendzen, J.'     14 ? 
3       'Terwilliger, T.C.' 15 ? 
4       'Perrakis, A.'      16 ? 
4       'Morris, R.'        17 ? 
4       'Lamzin, V.S.'      18 ? 
# 
loop_
_entity.id 
_entity.type 
_entity.src_method 
_entity.pdbx_description 
_entity.formula_weight 
_entity.pdbx_number_of_molecules 
_entity.pdbx_ec 
_entity.pdbx_mutation 
_entity.pdbx_fragment 
_entity.details 
1 polymer     man 'Thioredoxin-like protein p19' 18304.428 1  ? ? ? ? 
2 non-polymer syn 'PLATINUM (II) ION'            195.078   2  ? ? ? ? 
3 non-polymer syn 'CHLORIDE ION'                 35.453    3  ? ? ? ? 
4 water       nat water                          18.015    97 ? ? ? ? 
# 
_entity_name_com.entity_id   1 
_entity_name_com.name        'Endoplasmic reticulum protein ERp19' 
# 
_entity_poly.entity_id                      1 
_entity_poly.type                           'polypeptide(L)' 
_entity_poly.nstd_linkage                   no 
_entity_poly.nstd_monomer                   no 
_entity_poly.pdbx_seq_one_letter_code       
;MGGSHHHHHHGMASSSDGHNGLGKGFGDHIHWRTLEDGKKEAAASGLPLMVIIHKSWCGACKALKPKFAESTEISELSHN
FVMVNLEDEEEPKDEDFSPDGGYIPRILFLDPSGKVHPEIINENGNPSYKYFYVSAEQVVQGMKEAQERLTGDAFRKKHL
EDEL
;
_entity_poly.pdbx_seq_one_letter_code_can   
;MGGSHHHHHHGMASSSDGHNGLGKGFGDHIHWRTLEDGKKEAAASGLPLMVIIHKSWCGACKALKPKFAESTEISELSHN
FVMVNLEDEEEPKDEDFSPDGGYIPRILFLDPSGKVHPEIINENGNPSYKYFYVSAEQVVQGMKEAQERLTGDAFRKKHL
EDEL
;
_entity_poly.pdbx_strand_id                 A 
_entity_poly.pdbx_target_identifier         O95881 
# 
loop_
_pdbx_entity_nonpoly.entity_id 
_pdbx_entity_nonpoly.name 
_pdbx_entity_nonpoly.comp_id 
2 'PLATINUM (II) ION' PT  
3 'CHLORIDE ION'      CL  
4 water               HOH 
# 
loop_
_entity_poly_seq.entity_id 
_entity_poly_seq.num 
_entity_poly_seq.mon_id 
_entity_poly_seq.hetero 
1 1   MET n 
1 2   GLY n 
1 3   GLY n 
1 4   SER n 
1 5   HIS n 
1 6   HIS n 
1 7   HIS n 
1 8   HIS n 
1 9   HIS n 
1 10  HIS n 
1 11  GLY n 
1 12  MET n 
1 13  ALA n 
1 14  SER n 
1 15  SER n 
1 16  SER n 
1 17  ASP n 
1 18  GLY n 
1 19  HIS n 
1 20  ASN n 
1 21  GLY n 
1 22  LEU n 
1 23  GLY n 
1 24  LYS n 
1 25  GLY n 
1 26  PHE n 
1 27  GLY n 
1 28  ASP n 
1 29  HIS n 
1 30  ILE n 
1 31  HIS n 
1 32  TRP n 
1 33  ARG n 
1 34  THR n 
1 35  LEU n 
1 36  GLU n 
1 37  ASP n 
1 38  GLY n 
1 39  LYS n 
1 40  LYS n 
1 41  GLU n 
1 42  ALA n 
1 43  ALA n 
1 44  ALA n 
1 45  SER n 
1 46  GLY n 
1 47  LEU n 
1 48  PRO n 
1 49  LEU n 
1 50  MET n 
1 51  VAL n 
1 52  ILE n 
1 53  ILE n 
1 54  HIS n 
1 55  LYS n 
1 56  SER n 
1 57  TRP n 
1 58  CYS n 
1 59  GLY n 
1 60  ALA n 
1 61  CYS n 
1 62  LYS n 
1 63  ALA n 
1 64  LEU n 
1 65  LYS n 
1 66  PRO n 
1 67  LYS n 
1 68  PHE n 
1 69  ALA n 
1 70  GLU n 
1 71  SER n 
1 72  THR n 
1 73  GLU n 
1 74  ILE n 
1 75  SER n 
1 76  GLU n 
1 77  LEU n 
1 78  SER n 
1 79  HIS n 
1 80  ASN n 
1 81  PHE n 
1 82  VAL n 
1 83  MET n 
1 84  VAL n 
1 85  ASN n 
1 86  LEU n 
1 87  GLU n 
1 88  ASP n 
1 89  GLU n 
1 90  GLU n 
1 91  GLU n 
1 92  PRO n 
1 93  LYS n 
1 94  ASP n 
1 95  GLU n 
1 96  ASP n 
1 97  PHE n 
1 98  SER n 
1 99  PRO n 
1 100 ASP n 
1 101 GLY n 
1 102 GLY n 
1 103 TYR n 
1 104 ILE n 
1 105 PRO n 
1 106 ARG n 
1 107 ILE n 
1 108 LEU n 
1 109 PHE n 
1 110 LEU n 
1 111 ASP n 
1 112 PRO n 
1 113 SER n 
1 114 GLY n 
1 115 LYS n 
1 116 VAL n 
1 117 HIS n 
1 118 PRO n 
1 119 GLU n 
1 120 ILE n 
1 121 ILE n 
1 122 ASN n 
1 123 GLU n 
1 124 ASN n 
1 125 GLY n 
1 126 ASN n 
1 127 PRO n 
1 128 SER n 
1 129 TYR n 
1 130 LYS n 
1 131 TYR n 
1 132 PHE n 
1 133 TYR n 
1 134 VAL n 
1 135 SER n 
1 136 ALA n 
1 137 GLU n 
1 138 GLN n 
1 139 VAL n 
1 140 VAL n 
1 141 GLN n 
1 142 GLY n 
1 143 MET n 
1 144 LYS n 
1 145 GLU n 
1 146 ALA n 
1 147 GLN n 
1 148 GLU n 
1 149 ARG n 
1 150 LEU n 
1 151 THR n 
1 152 GLY n 
1 153 ASP n 
1 154 ALA n 
1 155 PHE n 
1 156 ARG n 
1 157 LYS n 
1 158 LYS n 
1 159 HIS n 
1 160 LEU n 
1 161 GLU n 
1 162 ASP n 
1 163 GLU n 
1 164 LEU n 
# 
_entity_src_gen.entity_id                          1 
_entity_src_gen.pdbx_src_id                        1 
_entity_src_gen.pdbx_alt_source_flag               sample 
_entity_src_gen.pdbx_seq_type                      ? 
_entity_src_gen.pdbx_beg_seq_num                   ? 
_entity_src_gen.pdbx_end_seq_num                   ? 
_entity_src_gen.gene_src_common_name               human 
_entity_src_gen.gene_src_genus                     Homo 
_entity_src_gen.pdbx_gene_src_gene                 TLP19 
_entity_src_gen.gene_src_species                   ? 
_entity_src_gen.gene_src_strain                    ? 
_entity_src_gen.gene_src_tissue                    ? 
_entity_src_gen.gene_src_tissue_fraction           ? 
_entity_src_gen.gene_src_details                   ? 
_entity_src_gen.pdbx_gene_src_fragment             ? 
_entity_src_gen.pdbx_gene_src_scientific_name      'Homo sapiens' 
_entity_src_gen.pdbx_gene_src_ncbi_taxonomy_id     9606 
_entity_src_gen.pdbx_gene_src_variant              ? 
_entity_src_gen.pdbx_gene_src_cell_line            ? 
_entity_src_gen.pdbx_gene_src_atcc                 ? 
_entity_src_gen.pdbx_gene_src_organ                ? 
_entity_src_gen.pdbx_gene_src_organelle            ? 
_entity_src_gen.pdbx_gene_src_cell                 ? 
_entity_src_gen.pdbx_gene_src_cellular_location    ? 
_entity_src_gen.host_org_common_name               ? 
_entity_src_gen.pdbx_host_org_scientific_name      'Escherichia coli' 
_entity_src_gen.pdbx_host_org_ncbi_taxonomy_id     562 
_entity_src_gen.host_org_genus                     Escherichia 
_entity_src_gen.pdbx_host_org_gene                 ? 
_entity_src_gen.pdbx_host_org_organ                ? 
_entity_src_gen.host_org_species                   ? 
_entity_src_gen.pdbx_host_org_tissue               ? 
_entity_src_gen.pdbx_host_org_tissue_fraction      ? 
_entity_src_gen.pdbx_host_org_strain               ? 
_entity_src_gen.pdbx_host_org_variant              ? 
_entity_src_gen.pdbx_host_org_cell_line            ? 
_entity_src_gen.pdbx_host_org_atcc                 ? 
_entity_src_gen.pdbx_host_org_culture_collection   ? 
_entity_src_gen.pdbx_host_org_cell                 ? 
_entity_src_gen.pdbx_host_org_organelle            ? 
_entity_src_gen.pdbx_host_org_cellular_location    ? 
_entity_src_gen.pdbx_host_org_vector_type          ? 
_entity_src_gen.pdbx_host_org_vector               ? 
_entity_src_gen.host_org_details                   ? 
_entity_src_gen.expression_system_id               ? 
_entity_src_gen.plasmid_name                       ? 
_entity_src_gen.plasmid_details                    ? 
_entity_src_gen.pdbx_description                   
;The protein was cloned, expressed and purified by the SECSG human protein production group (T.A. Dailey, M. Mayer) under the direction of H.A. Dailey.
;
# 
loop_
_chem_comp.id 
_chem_comp.type 
_chem_comp.mon_nstd_flag 
_chem_comp.name 
_chem_comp.pdbx_synonyms 
_chem_comp.formula 
_chem_comp.formula_weight 
ALA 'L-peptide linking' y ALANINE             ? 'C3 H7 N O2'     89.093  
ARG 'L-peptide linking' y ARGININE            ? 'C6 H15 N4 O2 1' 175.209 
ASN 'L-peptide linking' y ASPARAGINE          ? 'C4 H8 N2 O3'    132.118 
ASP 'L-peptide linking' y 'ASPARTIC ACID'     ? 'C4 H7 N O4'     133.103 
CL  non-polymer         . 'CHLORIDE ION'      ? 'Cl -1'          35.453  
CYS 'L-peptide linking' y CYSTEINE            ? 'C3 H7 N O2 S'   121.158 
GLN 'L-peptide linking' y GLUTAMINE           ? 'C5 H10 N2 O3'   146.144 
GLU 'L-peptide linking' y 'GLUTAMIC ACID'     ? 'C5 H9 N O4'     147.129 
GLY 'peptide linking'   y GLYCINE             ? 'C2 H5 N O2'     75.067  
HIS 'L-peptide linking' y HISTIDINE           ? 'C6 H10 N3 O2 1' 156.162 
HOH non-polymer         . WATER               ? 'H2 O'           18.015  
ILE 'L-peptide linking' y ISOLEUCINE          ? 'C6 H13 N O2'    131.173 
LEU 'L-peptide linking' y LEUCINE             ? 'C6 H13 N O2'    131.173 
LYS 'L-peptide linking' y LYSINE              ? 'C6 H15 N2 O2 1' 147.195 
MET 'L-peptide linking' y METHIONINE          ? 'C5 H11 N O2 S'  149.211 
PHE 'L-peptide linking' y PHENYLALANINE       ? 'C9 H11 N O2'    165.189 
PRO 'L-peptide linking' y PROLINE             ? 'C5 H9 N O2'     115.130 
PT  non-polymer         . 'PLATINUM (II) ION' ? 'Pt 2'           195.078 
SER 'L-peptide linking' y SERINE              ? 'C3 H7 N O3'     105.093 
THR 'L-peptide linking' y THREONINE           ? 'C4 H9 N O3'     119.119 
TRP 'L-peptide linking' y TRYPTOPHAN          ? 'C11 H12 N2 O2'  204.225 
TYR 'L-peptide linking' y TYROSINE            ? 'C9 H11 N O3'    181.189 
VAL 'L-peptide linking' y VALINE              ? 'C5 H11 N O2'    117.146 
# 
loop_
_pdbx_poly_seq_scheme.asym_id 
_pdbx_poly_seq_scheme.entity_id 
_pdbx_poly_seq_scheme.seq_id 
_pdbx_poly_seq_scheme.mon_id 
_pdbx_poly_seq_scheme.ndb_seq_num 
_pdbx_poly_seq_scheme.pdb_seq_num 
_pdbx_poly_seq_scheme.auth_seq_num 
_pdbx_poly_seq_scheme.pdb_mon_id 
_pdbx_poly_seq_scheme.auth_mon_id 
_pdbx_poly_seq_scheme.pdb_strand_id 
_pdbx_poly_seq_scheme.pdb_ins_code 
_pdbx_poly_seq_scheme.hetero 
A 1 1   MET 1   9   ?   ?   ?   A . n 
A 1 2   GLY 2   10  ?   ?   ?   A . n 
A 1 3   GLY 3   11  ?   ?   ?   A . n 
A 1 4   SER 4   12  ?   ?   ?   A . n 
A 1 5   HIS 5   13  ?   ?   ?   A . n 
A 1 6   HIS 6   14  ?   ?   ?   A . n 
A 1 7   HIS 7   15  ?   ?   ?   A . n 
A 1 8   HIS 8   16  ?   ?   ?   A . n 
A 1 9   HIS 9   17  ?   ?   ?   A . n 
A 1 10  HIS 10  18  ?   ?   ?   A . n 
A 1 11  GLY 11  19  ?   ?   ?   A . n 
A 1 12  MET 12  20  ?   ?   ?   A . n 
A 1 13  ALA 13  21  ?   ?   ?   A . n 
A 1 14  SER 14  22  ?   ?   ?   A . n 
A 1 15  SER 15  23  ?   ?   ?   A . n 
A 1 16  SER 16  24  ?   ?   ?   A . n 
A 1 17  ASP 17  25  ?   ?   ?   A . n 
A 1 18  GLY 18  26  ?   ?   ?   A . n 
A 1 19  HIS 19  27  ?   ?   ?   A . n 
A 1 20  ASN 20  28  ?   ?   ?   A . n 
A 1 21  GLY 21  29  ?   ?   ?   A . n 
A 1 22  LEU 22  30  30  LEU LEU A . n 
A 1 23  GLY 23  31  31  GLY GLY A . n 
A 1 24  LYS 24  32  32  LYS LYS A . n 
A 1 25  GLY 25  33  33  GLY GLY A . n 
A 1 26  PHE 26  34  34  PHE PHE A . n 
A 1 27  GLY 27  35  35  GLY GLY A . n 
A 1 28  ASP 28  36  36  ASP ASP A . n 
A 1 29  HIS 29  37  37  HIS HIS A . n 
A 1 30  ILE 30  38  38  ILE ILE A . n 
A 1 31  HIS 31  39  39  HIS HIS A . n 
A 1 32  TRP 32  40  40  TRP TRP A . n 
A 1 33  ARG 33  41  41  ARG ARG A . n 
A 1 34  THR 34  42  42  THR THR A . n 
A 1 35  LEU 35  43  43  LEU LEU A . n 
A 1 36  GLU 36  44  44  GLU GLU A . n 
A 1 37  ASP 37  45  45  ASP ASP A . n 
A 1 38  GLY 38  46  46  GLY GLY A . n 
A 1 39  LYS 39  47  47  LYS LYS A . n 
A 1 40  LYS 40  48  48  LYS LYS A . n 
A 1 41  GLU 41  49  49  GLU GLU A . n 
A 1 42  ALA 42  50  50  ALA ALA A . n 
A 1 43  ALA 43  51  51  ALA ALA A . n 
A 1 44  ALA 44  52  52  ALA ALA A . n 
A 1 45  SER 45  53  53  SER SER A . n 
A 1 46  GLY 46  54  54  GLY GLY A . n 
A 1 47  LEU 47  55  55  LEU LEU A . n 
A 1 48  PRO 48  56  56  PRO PRO A . n 
A 1 49  LEU 49  57  57  LEU LEU A . n 
A 1 50  MET 50  58  58  MET MET A . n 
A 1 51  VAL 51  59  59  VAL VAL A . n 
A 1 52  ILE 52  60  60  ILE ILE A . n 
A 1 53  ILE 53  61  61  ILE ILE A . n 
A 1 54  HIS 54  62  62  HIS HIS A . n 
A 1 55  LYS 55  63  63  LYS LYS A . n 
A 1 56  SER 56  64  64  SER SER A . n 
A 1 57  TRP 57  65  65  TRP TRP A . n 
A 1 58  CYS 58  66  66  CYS CYS A . n 
A 1 59  GLY 59  67  67  GLY GLY A . n 
A 1 60  ALA 60  68  68  ALA ALA A . n 
A 1 61  CYS 61  69  69  CYS CYS A . n 
A 1 62  LYS 62  70  70  LYS LYS A . n 
A 1 63  ALA 63  71  71  ALA ALA A . n 
A 1 64  LEU 64  72  72  LEU LEU A . n 
A 1 65  LYS 65  73  73  LYS LYS A . n 
A 1 66  PRO 66  74  74  PRO PRO A . n 
A 1 67  LYS 67  75  75  LYS LYS A . n 
A 1 68  PHE 68  76  76  PHE PHE A . n 
A 1 69  ALA 69  77  77  ALA ALA A . n 
A 1 70  GLU 70  78  78  GLU GLU A . n 
A 1 71  SER 71  79  79  SER SER A . n 
A 1 72  THR 72  80  80  THR THR A . n 
A 1 73  GLU 73  81  81  GLU GLU A . n 
A 1 74  ILE 74  82  82  ILE ILE A . n 
A 1 75  SER 75  83  83  SER SER A . n 
A 1 76  GLU 76  84  84  GLU GLU A . n 
A 1 77  LEU 77  85  85  LEU LEU A . n 
A 1 78  SER 78  86  86  SER SER A . n 
A 1 79  HIS 79  87  87  HIS HIS A . n 
A 1 80  ASN 80  88  88  ASN ASN A . n 
A 1 81  PHE 81  89  89  PHE PHE A . n 
A 1 82  VAL 82  90  90  VAL VAL A . n 
A 1 83  MET 83  91  91  MET MET A . n 
A 1 84  VAL 84  92  92  VAL VAL A . n 
A 1 85  ASN 85  93  93  ASN ASN A . n 
A 1 86  LEU 86  94  94  LEU LEU A . n 
A 1 87  GLU 87  95  95  GLU GLU A . n 
A 1 88  ASP 88  96  96  ASP ASP A . n 
A 1 89  GLU 89  97  97  GLU GLU A . n 
A 1 90  GLU 90  98  98  GLU GLU A . n 
A 1 91  GLU 91  99  99  GLU GLU A . n 
A 1 92  PRO 92  100 100 PRO PRO A . n 
A 1 93  LYS 93  101 101 LYS LYS A . n 
A 1 94  ASP 94  102 102 ASP ASP A . n 
A 1 95  GLU 95  103 103 GLU GLU A . n 
A 1 96  ASP 96  104 104 ASP ASP A . n 
A 1 97  PHE 97  105 105 PHE PHE A . n 
A 1 98  SER 98  106 106 SER SER A . n 
A 1 99  PRO 99  107 107 PRO PRO A . n 
A 1 100 ASP 100 108 108 ASP ASP A . n 
A 1 101 GLY 101 109 109 GLY GLY A . n 
A 1 102 GLY 102 110 110 GLY GLY A . n 
A 1 103 TYR 103 111 111 TYR TYR A . n 
A 1 104 ILE 104 112 112 ILE ILE A . n 
A 1 105 PRO 105 113 113 PRO PRO A . n 
A 1 106 ARG 106 114 114 ARG ARG A . n 
A 1 107 ILE 107 115 115 ILE ILE A . n 
A 1 108 LEU 108 116 116 LEU LEU A . n 
A 1 109 PHE 109 117 117 PHE PHE A . n 
A 1 110 LEU 110 118 118 LEU LEU A . n 
A 1 111 ASP 111 119 119 ASP ASP A . n 
A 1 112 PRO 112 120 120 PRO PRO A . n 
A 1 113 SER 113 121 121 SER SER A . n 
A 1 114 GLY 114 122 122 GLY GLY A . n 
A 1 115 LYS 115 123 123 LYS LYS A . n 
A 1 116 VAL 116 124 124 VAL VAL A . n 
A 1 117 HIS 117 125 125 HIS HIS A . n 
A 1 118 PRO 118 126 126 PRO PRO A . n 
A 1 119 GLU 119 127 127 GLU GLU A . n 
A 1 120 ILE 120 128 128 ILE ILE A . n 
A 1 121 ILE 121 129 129 ILE ILE A . n 
A 1 122 ASN 122 130 130 ASN ASN A . n 
A 1 123 GLU 123 131 131 GLU GLU A . n 
A 1 124 ASN 124 132 132 ASN ASN A . n 
A 1 125 GLY 125 133 133 GLY GLY A . n 
A 1 126 ASN 126 134 134 ASN ASN A . n 
A 1 127 PRO 127 135 135 PRO PRO A . n 
A 1 128 SER 128 136 136 SER SER A . n 
A 1 129 TYR 129 137 137 TYR TYR A . n 
A 1 130 LYS 130 138 138 LYS LYS A . n 
A 1 131 TYR 131 139 139 TYR TYR A . n 
A 1 132 PHE 132 140 140 PHE PHE A . n 
A 1 133 TYR 133 141 141 TYR TYR A . n 
A 1 134 VAL 134 142 142 VAL VAL A . n 
A 1 135 SER 135 143 143 SER SER A . n 
A 1 136 ALA 136 144 144 ALA ALA A . n 
A 1 137 GLU 137 145 145 GLU GLU A . n 
A 1 138 GLN 138 146 146 GLN GLN A . n 
A 1 139 VAL 139 147 147 VAL VAL A . n 
A 1 140 VAL 140 148 148 VAL VAL A . n 
A 1 141 GLN 141 149 149 GLN GLN A . n 
A 1 142 GLY 142 150 150 GLY GLY A . n 
A 1 143 MET 143 151 151 MET MET A . n 
A 1 144 LYS 144 152 152 LYS LYS A . n 
A 1 145 GLU 145 153 153 GLU GLU A . n 
A 1 146 ALA 146 154 154 ALA ALA A . n 
A 1 147 GLN 147 155 155 GLN GLN A . n 
A 1 148 GLU 148 156 156 GLU GLU A . n 
A 1 149 ARG 149 157 157 ARG ARG A . n 
A 1 150 LEU 150 158 158 LEU LEU A . n 
A 1 151 THR 151 159 159 THR THR A . n 
A 1 152 GLY 152 160 160 GLY GLY A . n 
A 1 153 ASP 153 161 161 ASP ASP A . n 
A 1 154 ALA 154 162 162 ALA ALA A . n 
A 1 155 PHE 155 163 163 PHE PHE A . n 
A 1 156 ARG 156 164 164 ARG ARG A . n 
A 1 157 LYS 157 165 ?   ?   ?   A . n 
A 1 158 LYS 158 166 ?   ?   ?   A . n 
A 1 159 HIS 159 167 ?   ?   ?   A . n 
A 1 160 LEU 160 168 ?   ?   ?   A . n 
A 1 161 GLU 161 169 ?   ?   ?   A . n 
A 1 162 ASP 162 170 ?   ?   ?   A . n 
A 1 163 GLU 163 171 ?   ?   ?   A . n 
A 1 164 LEU 164 172 ?   ?   ?   A . n 
# 
loop_
_pdbx_nonpoly_scheme.asym_id 
_pdbx_nonpoly_scheme.entity_id 
_pdbx_nonpoly_scheme.mon_id 
_pdbx_nonpoly_scheme.ndb_seq_num 
_pdbx_nonpoly_scheme.pdb_seq_num 
_pdbx_nonpoly_scheme.auth_seq_num 
_pdbx_nonpoly_scheme.pdb_mon_id 
_pdbx_nonpoly_scheme.auth_mon_id 
_pdbx_nonpoly_scheme.pdb_strand_id 
_pdbx_nonpoly_scheme.pdb_ins_code 
B 2 PT  1  1001 1001 PT  PT  A . 
C 3 CL  1  1003 1003 CL  CL  A . 
D 3 CL  1  1004 1004 CL  CL  A . 
E 3 CL  1  1005 1005 CL  CL  A . 
F 2 PT  1  1002 1002 PT  PT  A . 
G 4 HOH 1  201  201  HOH HOH A . 
G 4 HOH 2  202  202  HOH HOH A . 
G 4 HOH 3  203  203  HOH HOH A . 
G 4 HOH 4  204  204  HOH HOH A . 
G 4 HOH 5  205  205  HOH HOH A . 
G 4 HOH 6  206  206  HOH HOH A . 
G 4 HOH 7  207  207  HOH HOH A . 
G 4 HOH 8  208  208  HOH HOH A . 
G 4 HOH 9  209  209  HOH HOH A . 
G 4 HOH 10 210  210  HOH HOH A . 
G 4 HOH 11 211  211  HOH HOH A . 
G 4 HOH 12 212  212  HOH HOH A . 
G 4 HOH 13 213  213  HOH HOH A . 
G 4 HOH 14 214  214  HOH HOH A . 
G 4 HOH 15 215  215  HOH HOH A . 
G 4 HOH 16 216  216  HOH HOH A . 
G 4 HOH 17 217  217  HOH HOH A . 
G 4 HOH 18 218  218  HOH HOH A . 
G 4 HOH 19 219  219  HOH HOH A . 
G 4 HOH 20 220  220  HOH HOH A . 
G 4 HOH 21 221  221  HOH HOH A . 
G 4 HOH 22 222  222  HOH HOH A . 
G 4 HOH 23 223  223  HOH HOH A . 
G 4 HOH 24 224  224  HOH HOH A . 
G 4 HOH 25 225  225  HOH HOH A . 
G 4 HOH 26 226  226  HOH HOH A . 
G 4 HOH 27 227  227  HOH HOH A . 
G 4 HOH 28 228  228  HOH HOH A . 
G 4 HOH 29 229  229  HOH HOH A . 
G 4 HOH 30 230  230  HOH HOH A . 
G 4 HOH 31 231  231  HOH HOH A . 
G 4 HOH 32 232  232  HOH HOH A . 
G 4 HOH 33 233  233  HOH HOH A . 
G 4 HOH 34 234  234  HOH HOH A . 
G 4 HOH 35 235  235  HOH HOH A . 
G 4 HOH 36 236  236  HOH HOH A . 
G 4 HOH 37 237  237  HOH HOH A . 
G 4 HOH 38 238  238  HOH HOH A . 
G 4 HOH 39 239  239  HOH HOH A . 
G 4 HOH 40 240  240  HOH HOH A . 
G 4 HOH 41 241  241  HOH HOH A . 
G 4 HOH 42 242  242  HOH HOH A . 
G 4 HOH 43 243  243  HOH HOH A . 
G 4 HOH 44 244  244  HOH HOH A . 
G 4 HOH 45 245  245  HOH HOH A . 
G 4 HOH 46 246  246  HOH HOH A . 
G 4 HOH 47 247  247  HOH HOH A . 
G 4 HOH 48 248  248  HOH HOH A . 
G 4 HOH 49 249  249  HOH HOH A . 
G 4 HOH 50 250  250  HOH HOH A . 
G 4 HOH 51 251  251  HOH HOH A . 
G 4 HOH 52 252  252  HOH HOH A . 
G 4 HOH 53 253  253  HOH HOH A . 
G 4 HOH 54 254  254  HOH HOH A . 
G 4 HOH 55 255  255  HOH HOH A . 
G 4 HOH 56 256  256  HOH HOH A . 
G 4 HOH 57 257  257  HOH HOH A . 
G 4 HOH 58 258  258  HOH HOH A . 
G 4 HOH 59 259  259  HOH HOH A . 
G 4 HOH 60 260  260  HOH HOH A . 
G 4 HOH 61 261  261  HOH HOH A . 
G 4 HOH 62 262  262  HOH HOH A . 
G 4 HOH 63 263  263  HOH HOH A . 
G 4 HOH 64 264  264  HOH HOH A . 
G 4 HOH 65 265  265  HOH HOH A . 
G 4 HOH 66 266  266  HOH HOH A . 
G 4 HOH 67 267  267  HOH HOH A . 
G 4 HOH 68 268  268  HOH HOH A . 
G 4 HOH 69 269  269  HOH HOH A . 
G 4 HOH 70 270  270  HOH HOH A . 
G 4 HOH 71 271  271  HOH HOH A . 
G 4 HOH 72 272  272  HOH HOH A . 
G 4 HOH 73 273  273  HOH HOH A . 
G 4 HOH 74 274  274  HOH HOH A . 
G 4 HOH 75 275  275  HOH HOH A . 
G 4 HOH 76 276  276  HOH HOH A . 
G 4 HOH 77 277  277  HOH HOH A . 
G 4 HOH 78 278  278  HOH HOH A . 
G 4 HOH 79 279  279  HOH HOH A . 
G 4 HOH 80 280  280  HOH HOH A . 
G 4 HOH 81 281  281  HOH HOH A . 
G 4 HOH 82 282  282  HOH HOH A . 
G 4 HOH 83 283  283  HOH HOH A . 
G 4 HOH 84 284  284  HOH HOH A . 
G 4 HOH 85 285  285  HOH HOH A . 
G 4 HOH 86 286  286  HOH HOH A . 
G 4 HOH 87 287  287  HOH HOH A . 
G 4 HOH 88 288  288  HOH HOH A . 
G 4 HOH 89 289  289  HOH HOH A . 
G 4 HOH 90 290  290  HOH HOH A . 
G 4 HOH 91 291  291  HOH HOH A . 
G 4 HOH 92 292  292  HOH HOH A . 
G 4 HOH 93 293  293  HOH HOH A . 
G 4 HOH 94 294  294  HOH HOH A . 
G 4 HOH 95 295  295  HOH HOH A . 
G 4 HOH 96 296  296  HOH HOH A . 
G 4 HOH 97 297  297  HOH HOH A . 
# 
loop_
_pdbx_unobs_or_zero_occ_atoms.id 
_pdbx_unobs_or_zero_occ_atoms.PDB_model_num 
_pdbx_unobs_or_zero_occ_atoms.polymer_flag 
_pdbx_unobs_or_zero_occ_atoms.occupancy_flag 
_pdbx_unobs_or_zero_occ_atoms.auth_asym_id 
_pdbx_unobs_or_zero_occ_atoms.auth_comp_id 
_pdbx_unobs_or_zero_occ_atoms.auth_seq_id 
_pdbx_unobs_or_zero_occ_atoms.PDB_ins_code 
_pdbx_unobs_or_zero_occ_atoms.auth_atom_id 
_pdbx_unobs_or_zero_occ_atoms.label_alt_id 
_pdbx_unobs_or_zero_occ_atoms.label_asym_id 
_pdbx_unobs_or_zero_occ_atoms.label_comp_id 
_pdbx_unobs_or_zero_occ_atoms.label_seq_id 
_pdbx_unobs_or_zero_occ_atoms.label_atom_id 
1  1 Y 1 A GLU 44  ? CG  ? A GLU 36  CG  
2  1 Y 1 A GLU 44  ? CD  ? A GLU 36  CD  
3  1 Y 1 A GLU 44  ? OE1 ? A GLU 36  OE1 
4  1 Y 1 A GLU 44  ? OE2 ? A GLU 36  OE2 
5  1 Y 1 A LYS 48  ? CE  ? A LYS 40  CE  
6  1 Y 1 A LYS 48  ? NZ  ? A LYS 40  NZ  
7  1 Y 1 A GLU 78  ? CD  ? A GLU 70  CD  
8  1 Y 1 A GLU 78  ? OE1 ? A GLU 70  OE1 
9  1 Y 1 A GLU 78  ? OE2 ? A GLU 70  OE2 
10 1 Y 1 A GLU 97  ? CG  ? A GLU 89  CG  
11 1 Y 1 A GLU 97  ? CD  ? A GLU 89  CD  
12 1 Y 1 A GLU 97  ? OE1 ? A GLU 89  OE1 
13 1 Y 1 A GLU 97  ? OE2 ? A GLU 89  OE2 
14 1 Y 1 A LYS 101 ? CD  ? A LYS 93  CD  
15 1 Y 1 A LYS 101 ? CE  ? A LYS 93  CE  
16 1 Y 1 A LYS 101 ? NZ  ? A LYS 93  NZ  
17 1 Y 1 A GLU 103 ? OE1 ? A GLU 95  OE1 
18 1 Y 1 A GLU 103 ? OE2 ? A GLU 95  OE2 
19 1 Y 1 A GLU 156 ? CD  ? A GLU 148 CD  
20 1 Y 1 A GLU 156 ? OE1 ? A GLU 148 OE1 
21 1 Y 1 A GLU 156 ? OE2 ? A GLU 148 OE2 
22 1 Y 1 A ASP 161 ? CB  ? A ASP 153 CB  
23 1 Y 1 A ASP 161 ? CG  ? A ASP 153 CG  
24 1 Y 1 A ASP 161 ? OD1 ? A ASP 153 OD1 
25 1 Y 1 A ASP 161 ? OD2 ? A ASP 153 OD2 
26 1 Y 1 A ARG 164 ? CA  ? A ARG 156 CA  
27 1 Y 1 A ARG 164 ? C   ? A ARG 156 C   
28 1 Y 1 A ARG 164 ? O   ? A ARG 156 O   
29 1 Y 1 A ARG 164 ? CB  ? A ARG 156 CB  
30 1 Y 1 A ARG 164 ? CG  ? A ARG 156 CG  
31 1 Y 1 A ARG 164 ? CD  ? A ARG 156 CD  
32 1 Y 1 A ARG 164 ? NE  ? A ARG 156 NE  
33 1 Y 1 A ARG 164 ? CZ  ? A ARG 156 CZ  
34 1 Y 1 A ARG 164 ? NH1 ? A ARG 156 NH1 
35 1 Y 1 A ARG 164 ? NH2 ? A ARG 156 NH2 
# 
loop_
_software.name 
_software.version 
_software.date 
_software.type 
_software.contact_author 
_software.contact_author_email 
_software.classification 
_software.location 
_software.language 
_software.citation_id 
_software.pdbx_ordinal 
REFMAC    refmac_5.1.24 24/04/2001   program 'Murshudov, G.N.'   ccp4@dl.ac.uk        refinement        
http://www.ccp4.ac.uk/main.html Fortran ? 1 
SOLVE     2.03          20-Sept-2002 program 'Tom Terwilliger'   terwilliger@LANL.gov phasing           http://www.solve.lanl.gov/ 
?       ? 2 
RESOLVE   2.03          10-Aug-2002  program 'Terwilliger, T. C' terwilliger@LANL.gov phasing           http://www.solve.lanl.gov/ 
?       ? 3 
MAR345    .             ?            ?       ?                   ?                    'data collection' ? ?       ? 4 
SCALEPACK .             ?            ?       ?                   ?                    'data scaling'    ? ?       ? 5 
# 
_cell.entry_id           1SEN 
_cell.length_a           48.986 
_cell.length_b           50.556 
_cell.length_c           59.386 
_cell.angle_alpha        90.00 
_cell.angle_beta         90.00 
_cell.angle_gamma        90.00 
_cell.Z_PDB              4 
_cell.pdbx_unique_axis   ? 
_cell.length_a_esd       ? 
_cell.length_b_esd       ? 
_cell.length_c_esd       ? 
_cell.angle_alpha_esd    ? 
_cell.angle_beta_esd     ? 
_cell.angle_gamma_esd    ? 
# 
_symmetry.entry_id                         1SEN 
_symmetry.space_group_name_H-M             'P 21 21 21' 
_symmetry.pdbx_full_space_group_name_H-M   ? 
_symmetry.cell_setting                     ? 
_symmetry.Int_Tables_number                19 
_symmetry.space_group_name_Hall            ? 
# 
_exptl.entry_id          1SEN 
_exptl.crystals_number   1 
_exptl.method            'X-RAY DIFFRACTION' 
# 
_exptl_crystal.id                    1 
_exptl_crystal.density_meas          ? 
_exptl_crystal.density_percent_sol   38.74 
_exptl_crystal.density_Matthews      2.01 
_exptl_crystal.description           ? 
_exptl_crystal.F_000                 ? 
_exptl_crystal.preparation           ? 
# 
_exptl_crystal_grow.crystal_id      1 
_exptl_crystal_grow.method          'modified batch crystallization' 
_exptl_crystal_grow.pH              7.0 
_exptl_crystal_grow.temp            291 
_exptl_crystal_grow.temp_details    ? 
_exptl_crystal_grow.pdbx_details    
'12% PEG 4000, 100mM Na Hepes, 100mM NaCl, pH 7.0, modified batch crystallization, temperature 291K' 
_exptl_crystal_grow.pdbx_pH_range   . 
# 
_diffrn.id                     1 
_diffrn.ambient_temp           100 
_diffrn.ambient_temp_details   ? 
_diffrn.crystal_id             1 
# 
_diffrn_detector.diffrn_id              1 
_diffrn_detector.detector               CCD 
_diffrn_detector.type                   MARRESEARCH 
_diffrn_detector.pdbx_collection_date   2003-12-19 
_diffrn_detector.details                ? 
# 
_diffrn_radiation.diffrn_id                        1 
_diffrn_radiation.wavelength_id                    1 
_diffrn_radiation.pdbx_diffrn_protocol             'SINGLE WAVELENGTH' 
_diffrn_radiation.monochromator                    ? 
_diffrn_radiation.pdbx_monochromatic_or_laue_m_l   M 
_diffrn_radiation.pdbx_scattering_type             x-ray 
# 
_diffrn_radiation_wavelength.id           1 
_diffrn_radiation_wavelength.wavelength   1.07 
_diffrn_radiation_wavelength.wt           1.0 
# 
_diffrn_source.diffrn_id                   1 
_diffrn_source.source                      SYNCHROTRON 
_diffrn_source.type                        'APS BEAMLINE 22-ID' 
_diffrn_source.pdbx_wavelength             ? 
_diffrn_source.pdbx_wavelength_list        1.07 
_diffrn_source.pdbx_synchrotron_site       APS 
_diffrn_source.pdbx_synchrotron_beamline   22-ID 
# 
_reflns.entry_id                     1SEN 
_reflns.observed_criterion_sigma_F   ? 
_reflns.observed_criterion_sigma_I   -3 
_reflns.d_resolution_high            1.199 
_reflns.d_resolution_low             38.633 
_reflns.number_all                   42206 
_reflns.number_obs                   42206 
_reflns.percent_possible_obs         ? 
_reflns.pdbx_Rmerge_I_obs            ? 
_reflns.pdbx_Rsym_value              ? 
_reflns.pdbx_netI_over_sigmaI        ? 
_reflns.B_iso_Wilson_estimate        ? 
_reflns.pdbx_redundancy              ? 
_reflns.R_free_details               ? 
_reflns.limit_h_max                  ? 
_reflns.limit_h_min                  ? 
_reflns.limit_k_max                  ? 
_reflns.limit_k_min                  ? 
_reflns.limit_l_max                  ? 
_reflns.limit_l_min                  ? 
_reflns.observed_criterion_F_max     ? 
_reflns.observed_criterion_F_min     ? 
_reflns.pdbx_chi_squared             ? 
_reflns.pdbx_scaling_rejects         ? 
_reflns.pdbx_diffrn_id               1 
_reflns.pdbx_ordinal                 1 
# 
_refine.B_iso_mean                               12.564 
_refine.aniso_B[1][1]                            -0.069 
_refine.aniso_B[2][2]                            0.077 
_refine.aniso_B[3][3]                            -0.008 
_refine.aniso_B[1][2]                            0.000 
_refine.aniso_B[1][3]                            0.000 
_refine.aniso_B[2][3]                            0.000 
_refine.solvent_model_details                    'BABINET MODEL PLUS MASK' 
_refine.ls_d_res_high                            1.199 
_refine.ls_d_res_low                             38.633 
_refine.ls_number_reflns_R_free                  2115 
_refine.ls_R_factor_R_work                       0.1616 
_refine.ls_R_factor_R_free                       0.1835 
_refine.ls_R_factor_all                          0.163 
_refine.ls_percent_reflns_R_free                 5.011 
_refine.correlation_coeff_Fo_to_Fc               0.965 
_refine.overall_SU_R_Cruickshank_DPI             0.041 
_refine.entry_id                                 1SEN 
_refine.pdbx_ls_sigma_F                          ? 
_refine.pdbx_ls_sigma_I                          ? 
_refine.ls_number_reflns_all                     42206 
_refine.ls_number_reflns_obs                     42206 
_refine.ls_percent_reflns_obs                    ? 
_refine.ls_R_factor_obs                          ? 
_refine.ls_redundancy_reflns_obs                 ? 
_refine.pdbx_data_cutoff_high_absF               ? 
_refine.pdbx_data_cutoff_low_absF                ? 
_refine.ls_number_parameters                     ? 
_refine.ls_number_restraints                     ? 
_refine.ls_R_factor_R_free_error                 ? 
_refine.ls_R_factor_R_free_error_details         ? 
_refine.pdbx_method_to_determine_struct          MIR 
_refine.pdbx_starting_model                      ? 
_refine.pdbx_ls_cross_valid_method               THROUGHOUT 
_refine.pdbx_R_Free_selection_details            random 
_refine.pdbx_stereochem_target_val_spec_case     ? 
_refine.pdbx_stereochemistry_target_values       'Engh & Huber' 
_refine.solvent_model_param_bsol                 ? 
_refine.solvent_model_param_ksol                 ? 
_refine.occupancy_max                            ? 
_refine.occupancy_min                            ? 
_refine.pdbx_isotropic_thermal_model             ? 
_refine.details                                  ? 
_refine.B_iso_min                                ? 
_refine.B_iso_max                                ? 
_refine.pdbx_solvent_vdw_probe_radii             ? 
_refine.pdbx_solvent_ion_probe_radii             ? 
_refine.pdbx_solvent_shrinkage_radii             ? 
_refine.overall_SU_R_free                        ? 
_refine.overall_SU_B                             ? 
_refine.overall_SU_ML                            ? 
_refine.pdbx_overall_ESU_R                       ? 
_refine.pdbx_overall_ESU_R_Free                  ? 
_refine.pdbx_data_cutoff_high_rms_absF           ? 
_refine.correlation_coeff_Fo_to_Fc_free          ? 
_refine.ls_wR_factor_R_free                      ? 
_refine.ls_wR_factor_R_work                      ? 
_refine.overall_FOM_free_R_set                   ? 
_refine.overall_FOM_work_R_set                   ? 
_refine.pdbx_refine_id                           'X-RAY DIFFRACTION' 
_refine.pdbx_diffrn_id                           1 
_refine.pdbx_TLS_residual_ADP_flag               ? 
_refine.pdbx_overall_phase_error                 ? 
_refine.pdbx_overall_SU_R_free_Cruickshank_DPI   ? 
_refine.pdbx_overall_SU_R_Blow_DPI               ? 
_refine.pdbx_overall_SU_R_free_Blow_DPI          ? 
# 
_refine_hist.pdbx_refine_id                   'X-RAY DIFFRACTION' 
_refine_hist.cycle_id                         LAST 
_refine_hist.pdbx_number_atoms_protein        1067 
_refine_hist.pdbx_number_atoms_nucleic_acid   0 
_refine_hist.pdbx_number_atoms_ligand         6 
_refine_hist.number_atoms_solvent             97 
_refine_hist.number_atoms_total               1170 
_refine_hist.d_res_high                       1.199 
_refine_hist.d_res_low                        38.633 
# 
loop_
_refine_ls_restr.type 
_refine_ls_restr.number 
_refine_ls_restr.dev_ideal 
_refine_ls_restr.dev_ideal_target 
_refine_ls_restr.weight 
_refine_ls_restr.pdbx_refine_id 
_refine_ls_restr.pdbx_restraint_function 
p_bond_d       1102 0.011 0.021 ? 'X-RAY DIFFRACTION' ? 
p_angle_d      138  5.538 5.000 ? 'X-RAY DIFFRACTION' ? 
p_mcbond_it    682  1.976 2.000 ? 'X-RAY DIFFRACTION' ? 
p_scbond_it    420  2.556 2.000 ? 'X-RAY DIFFRACTION' ? 
p_mcangle_it   1104 2.777 3.000 ? 'X-RAY DIFFRACTION' ? 
p_scangle_it   390  3.470 3.000 ? 'X-RAY DIFFRACTION' ? 
p_chiral_restr 156  0.096 0.200 ? 'X-RAY DIFFRACTION' ? 
p_planar_restr 848  0.008 0.020 ? 'X-RAY DIFFRACTION' ? 
p_xyhbond_nbd  74   0.061 0.200 ? 'X-RAY DIFFRACTION' ? 
p_xhyhbond_nbd 5    0.068 0.200 ? 'X-RAY DIFFRACTION' ? 
p_singtor_nbd  138  5.538 5.000 ? 'X-RAY DIFFRACTION' ? 
p_multtor_nbd  773  0.308 0.200 ? 'X-RAY DIFFRACTION' ? 
# 
loop_
_refine_ls_shell.d_res_low 
_refine_ls_shell.d_res_high 
_refine_ls_shell.number_reflns_all 
_refine_ls_shell.number_reflns_R_work 
_refine_ls_shell.R_factor_R_work 
_refine_ls_shell.number_reflns_R_free 
_refine_ls_shell.R_factor_R_free 
_refine_ls_shell.number_reflns_obs 
_refine_ls_shell.R_factor_R_free_error 
_refine_ls_shell.percent_reflns_obs 
_refine_ls_shell.percent_reflns_R_free 
_refine_ls_shell.pdbx_total_number_of_bins_used 
_refine_ls_shell.redundancy_reflns_obs 
_refine_ls_shell.R_factor_all 
_refine_ls_shell.pdbx_refine_id 
1.2303  1.199 3404 1405 0.233 87  0.275 . . . . 20 . . 'X-RAY DIFFRACTION' 
1.2639  1.230 3366 1981 0.202 93  0.215 . . . . 20 . . 'X-RAY DIFFRACTION' 
1.3005  1.264 3223 2453 0.174 144 0.2   . . . . 20 . . 'X-RAY DIFFRACTION' 
1.3405  1.301 3152 2843 0.144 143 0.191 . . . . 20 . . 'X-RAY DIFFRACTION' 
1.3844  1.341 3046 2809 0.126 128 0.155 . . . . 20 . . 'X-RAY DIFFRACTION' 
1.4329  1.384 2979 2729 0.122 156 0.156 . . . . 20 . . 'X-RAY DIFFRACTION' 
1.4870  1.433 2871 2658 0.116 127 0.129 . . . . 20 . . 'X-RAY DIFFRACTION' 
1.5476  1.487 2733 2534 0.109 144 0.133 . . . . 20 . . 'X-RAY DIFFRACTION' 
1.6163  1.548 2665 2465 0.113 139 0.144 . . . . 20 . . 'X-RAY DIFFRACTION' 
1.6950  1.616 2551 2380 0.119 121 0.129 . . . . 20 . . 'X-RAY DIFFRACTION' 
1.7865  1.695 2415 2297 0.139 91  0.153 . . . . 20 . . 'X-RAY DIFFRACTION' 
1.8946  1.787 2300 2141 0.151 125 0.197 . . . . 20 . . 'X-RAY DIFFRACTION' 
2.0251  1.895 2158 2033 0.16  101 0.149 . . . . 20 . . 'X-RAY DIFFRACTION' 
2.1869  2.025 2021 1904 0.165 108 0.196 . . . . 20 . . 'X-RAY DIFFRACTION' 
2.3948  2.187 1865 1768 0.169 86  0.172 . . . . 20 . . 'X-RAY DIFFRACTION' 
2.6762  2.395 1706 1597 0.196 101 0.228 . . . . 20 . . 'X-RAY DIFFRACTION' 
3.0877  2.676 1516 1430 0.199 84  0.232 . . . . 20 . . 'X-RAY DIFFRACTION' 
3.7757  3.088 1298 1226 0.169 62  0.169 . . . . 20 . . 'X-RAY DIFFRACTION' 
5.3143  3.776 1027 937  0.163 50  0.184 . . . . 20 . . 'X-RAY DIFFRACTION' 
38.6334 5.314 623  501  0.26  25  0.327 . . . . 20 . . 'X-RAY DIFFRACTION' 
# 
_struct.entry_id                  1SEN 
_struct.title                     'Endoplasmic reticulum protein Rp19 O95881' 
_struct.pdbx_model_details        ? 
_struct.pdbx_CASP_flag            ? 
_struct.pdbx_model_type_details   ? 
# 
_struct_keywords.entry_id        1SEN 
_struct_keywords.pdbx_keywords   'STRUCTURAL GENOMICS, UNKNOWN FUNCTION' 
_struct_keywords.text            
;Endoplasmic reticulum, Rp19, Structural Genomics, PSI, Protein Structure Initiative, Southeast Collaboratory for Structural Genomics, SECSG, UNKNOWN FUNCTION
;
# 
loop_
_struct_asym.id 
_struct_asym.pdbx_blank_PDB_chainid_flag 
_struct_asym.pdbx_modified 
_struct_asym.entity_id 
_struct_asym.details 
A N N 1 ? 
B N N 2 ? 
C N N 3 ? 
D N N 3 ? 
E N N 3 ? 
F N N 2 ? 
G N N 4 ? 
# 
_struct_ref.id                         1 
_struct_ref.db_name                    UNP 
_struct_ref.db_code                    TXD12_HUMAN 
_struct_ref.pdbx_db_accession          O95881 
_struct_ref.entity_id                  1 
_struct_ref.pdbx_seq_one_letter_code   
;SSDGHNGLGKGFGDHIHWRTLEDGKKEAAASGLPLMVIIHKSWCGACKALKPKFAESTEISELSHNFVMVNLEDEEEPKD
EDFSPDGGYIPRILFLDPSGKVHPEIINENGNPSYKYFYVSAEQVVQGMKEAQERLTGDAFRKKHLEDEL
;
_struct_ref.pdbx_align_begin           23 
_struct_ref.pdbx_db_isoform            ? 
# 
_struct_ref_seq.align_id                      1 
_struct_ref_seq.ref_id                        1 
_struct_ref_seq.pdbx_PDB_id_code              1SEN 
_struct_ref_seq.pdbx_strand_id                A 
_struct_ref_seq.seq_align_beg                 15 
_struct_ref_seq.pdbx_seq_align_beg_ins_code   ? 
_struct_ref_seq.seq_align_end                 164 
_struct_ref_seq.pdbx_seq_align_end_ins_code   ? 
_struct_ref_seq.pdbx_db_accession             O95881 
_struct_ref_seq.db_align_beg                  23 
_struct_ref_seq.pdbx_db_align_beg_ins_code    ? 
_struct_ref_seq.db_align_end                  172 
_struct_ref_seq.pdbx_db_align_end_ins_code    ? 
_struct_ref_seq.pdbx_auth_seq_align_beg       23 
_struct_ref_seq.pdbx_auth_seq_align_end       172 
# 
loop_
_struct_ref_seq_dif.align_id 
_struct_ref_seq_dif.pdbx_pdb_id_code 
_struct_ref_seq_dif.mon_id 
_struct_ref_seq_dif.pdbx_pdb_strand_id 
_struct_ref_seq_dif.seq_num 
_struct_ref_seq_dif.pdbx_pdb_ins_code 
_struct_ref_seq_dif.pdbx_seq_db_name 
_struct_ref_seq_dif.pdbx_seq_db_accession_code 
_struct_ref_seq_dif.db_mon_id 
_struct_ref_seq_dif.pdbx_seq_db_seq_num 
_struct_ref_seq_dif.details 
_struct_ref_seq_dif.pdbx_auth_seq_num 
_struct_ref_seq_dif.pdbx_ordinal 
1 1SEN MET A 1  ? UNP O95881 ? ? 'cloning artifact' 9  1  
1 1SEN GLY A 2  ? UNP O95881 ? ? 'cloning artifact' 10 2  
1 1SEN GLY A 3  ? UNP O95881 ? ? 'cloning artifact' 11 3  
1 1SEN SER A 4  ? UNP O95881 ? ? 'cloning artifact' 12 4  
1 1SEN HIS A 5  ? UNP O95881 ? ? 'cloning artifact' 13 5  
1 1SEN HIS A 6  ? UNP O95881 ? ? 'cloning artifact' 14 6  
1 1SEN HIS A 7  ? UNP O95881 ? ? 'cloning artifact' 15 7  
1 1SEN HIS A 8  ? UNP O95881 ? ? 'cloning artifact' 16 8  
1 1SEN HIS A 9  ? UNP O95881 ? ? 'cloning artifact' 17 9  
1 1SEN HIS A 10 ? UNP O95881 ? ? 'cloning artifact' 18 10 
1 1SEN GLY A 11 ? UNP O95881 ? ? 'cloning artifact' 19 11 
1 1SEN MET A 12 ? UNP O95881 ? ? 'cloning artifact' 20 12 
1 1SEN ALA A 13 ? UNP O95881 ? ? 'cloning artifact' 21 13 
1 1SEN SER A 14 ? UNP O95881 ? ? 'cloning artifact' 22 14 
# 
_pdbx_struct_assembly.id                   1 
_pdbx_struct_assembly.details              author_defined_assembly 
_pdbx_struct_assembly.method_details       ? 
_pdbx_struct_assembly.oligomeric_details   monomeric 
_pdbx_struct_assembly.oligomeric_count     1 
# 
_pdbx_struct_assembly_gen.assembly_id       1 
_pdbx_struct_assembly_gen.oper_expression   1 
_pdbx_struct_assembly_gen.asym_id_list      A,B,C,D,E,F,G 
# 
_pdbx_struct_oper_list.id                   1 
_pdbx_struct_oper_list.type                 'identity operation' 
_pdbx_struct_oper_list.name                 1_555 
_pdbx_struct_oper_list.symmetry_operation   x,y,z 
_pdbx_struct_oper_list.matrix[1][1]         1.0000000000 
_pdbx_struct_oper_list.matrix[1][2]         0.0000000000 
_pdbx_struct_oper_list.matrix[1][3]         0.0000000000 
_pdbx_struct_oper_list.vector[1]            0.0000000000 
_pdbx_struct_oper_list.matrix[2][1]         0.0000000000 
_pdbx_struct_oper_list.matrix[2][2]         1.0000000000 
_pdbx_struct_oper_list.matrix[2][3]         0.0000000000 
_pdbx_struct_oper_list.vector[2]            0.0000000000 
_pdbx_struct_oper_list.matrix[3][1]         0.0000000000 
_pdbx_struct_oper_list.matrix[3][2]         0.0000000000 
_pdbx_struct_oper_list.matrix[3][3]         1.0000000000 
_pdbx_struct_oper_list.vector[3]            0.0000000000 
# 
loop_
_struct_conf.conf_type_id 
_struct_conf.id 
_struct_conf.pdbx_PDB_helix_id 
_struct_conf.beg_label_comp_id 
_struct_conf.beg_label_asym_id 
_struct_conf.beg_label_seq_id 
_struct_conf.pdbx_beg_PDB_ins_code 
_struct_conf.end_label_comp_id 
_struct_conf.end_label_asym_id 
_struct_conf.end_label_seq_id 
_struct_conf.pdbx_end_PDB_ins_code 
_struct_conf.beg_auth_comp_id 
_struct_conf.beg_auth_asym_id 
_struct_conf.beg_auth_seq_id 
_struct_conf.end_auth_comp_id 
_struct_conf.end_auth_asym_id 
_struct_conf.end_auth_seq_id 
_struct_conf.pdbx_PDB_helix_class 
_struct_conf.details 
_struct_conf.pdbx_PDB_helix_length 
HELX_P HELX_P1 1 THR A 34  ? GLY A 46  ? THR A 42  GLY A 54  1 ? 13 
HELX_P HELX_P2 2 CYS A 58  ? GLU A 70  ? CYS A 66  GLU A 78  1 ? 13 
HELX_P HELX_P3 3 SER A 71  ? HIS A 79  ? SER A 79  HIS A 87  1 ? 9  
HELX_P HELX_P4 4 GLU A 89  ? GLU A 91  ? GLU A 97  GLU A 99  5 ? 3  
HELX_P HELX_P5 5 ASP A 94  ? SER A 98  ? ASP A 102 SER A 106 5 ? 5  
HELX_P HELX_P6 6 SER A 135 ? THR A 151 ? SER A 143 THR A 159 1 ? 17 
HELX_P HELX_P7 7 GLY A 152 ? ALA A 154 ? GLY A 160 ALA A 162 5 ? 3  
# 
_struct_conf_type.id          HELX_P 
_struct_conf_type.criteria    ? 
_struct_conf_type.reference   ? 
# 
loop_
_struct_conn.id 
_struct_conn.conn_type_id 
_struct_conn.pdbx_leaving_atom_flag 
_struct_conn.pdbx_PDB_id 
_struct_conn.ptnr1_label_asym_id 
_struct_conn.ptnr1_label_comp_id 
_struct_conn.ptnr1_label_seq_id 
_struct_conn.ptnr1_label_atom_id 
_struct_conn.pdbx_ptnr1_label_alt_id 
_struct_conn.pdbx_ptnr1_PDB_ins_code 
_struct_conn.pdbx_ptnr1_standard_comp_id 
_struct_conn.ptnr1_symmetry 
_struct_conn.ptnr2_label_asym_id 
_struct_conn.ptnr2_label_comp_id 
_struct_conn.ptnr2_label_seq_id 
_struct_conn.ptnr2_label_atom_id 
_struct_conn.pdbx_ptnr2_label_alt_id 
_struct_conn.pdbx_ptnr2_PDB_ins_code 
_struct_conn.ptnr1_auth_asym_id 
_struct_conn.ptnr1_auth_comp_id 
_struct_conn.ptnr1_auth_seq_id 
_struct_conn.ptnr2_auth_asym_id 
_struct_conn.ptnr2_auth_comp_id 
_struct_conn.ptnr2_auth_seq_id 
_struct_conn.ptnr2_symmetry 
_struct_conn.pdbx_ptnr3_label_atom_id 
_struct_conn.pdbx_ptnr3_label_seq_id 
_struct_conn.pdbx_ptnr3_label_comp_id 
_struct_conn.pdbx_ptnr3_label_asym_id 
_struct_conn.pdbx_ptnr3_label_alt_id 
_struct_conn.pdbx_ptnr3_PDB_ins_code 
_struct_conn.details 
_struct_conn.pdbx_dist_value 
_struct_conn.pdbx_value_order 
_struct_conn.pdbx_role 
disulf1 disulf ? ? A CYS 58 SG B ? ? 1_555 A CYS 61 SG B ? A CYS 66   A CYS 69   1_555 ? ? ? ? ? ? ? 2.381 ? ? 
metalc1 metalc ? ? A LYS 55 NZ ? ? ? 1_555 F PT  .  PT ? ? A LYS 63   A PT  1002 1_555 ? ? ? ? ? ? ? 3.384 ? ? 
metalc2 metalc ? ? A CYS 58 SG A ? ? 1_555 B PT  .  PT A ? A CYS 66   A PT  1001 1_555 ? ? ? ? ? ? ? 3.358 ? ? 
metalc3 metalc ? ? A CYS 58 SG B ? ? 1_555 B PT  .  PT B ? A CYS 66   A PT  1001 1_555 ? ? ? ? ? ? ? 3.188 ? ? 
metalc4 metalc ? ? A GLY 59 N  ? ? ? 1_555 B PT  .  PT A ? A GLY 67   A PT  1001 1_555 ? ? ? ? ? ? ? 3.521 ? ? 
metalc5 metalc ? ? B PT  .  PT A ? ? 1_555 C CL  .  CL A ? A PT  1001 A CL  1003 1_555 ? ? ? ? ? ? ? 2.297 ? ? 
metalc6 metalc ? ? B PT  .  PT A ? ? 1_555 D CL  .  CL A ? A PT  1001 A CL  1004 1_555 ? ? ? ? ? ? ? 2.269 ? ? 
metalc7 metalc ? ? B PT  .  PT A ? ? 1_555 E CL  .  CL A ? A PT  1001 A CL  1005 1_555 ? ? ? ? ? ? ? 2.197 ? ? 
# 
loop_
_struct_conn_type.id 
_struct_conn_type.criteria 
_struct_conn_type.reference 
disulf ? ? 
metalc ? ? 
# 
loop_
_pdbx_struct_conn_angle.id 
_pdbx_struct_conn_angle.ptnr1_label_atom_id 
_pdbx_struct_conn_angle.ptnr1_label_alt_id 
_pdbx_struct_conn_angle.ptnr1_label_asym_id 
_pdbx_struct_conn_angle.ptnr1_label_comp_id 
_pdbx_struct_conn_angle.ptnr1_label_seq_id 
_pdbx_struct_conn_angle.ptnr1_auth_atom_id 
_pdbx_struct_conn_angle.ptnr1_auth_asym_id 
_pdbx_struct_conn_angle.ptnr1_auth_comp_id 
_pdbx_struct_conn_angle.ptnr1_auth_seq_id 
_pdbx_struct_conn_angle.ptnr1_PDB_ins_code 
_pdbx_struct_conn_angle.ptnr1_symmetry 
_pdbx_struct_conn_angle.ptnr2_label_atom_id 
_pdbx_struct_conn_angle.ptnr2_label_alt_id 
_pdbx_struct_conn_angle.ptnr2_label_asym_id 
_pdbx_struct_conn_angle.ptnr2_label_comp_id 
_pdbx_struct_conn_angle.ptnr2_label_seq_id 
_pdbx_struct_conn_angle.ptnr2_auth_atom_id 
_pdbx_struct_conn_angle.ptnr2_auth_asym_id 
_pdbx_struct_conn_angle.ptnr2_auth_comp_id 
_pdbx_struct_conn_angle.ptnr2_auth_seq_id 
_pdbx_struct_conn_angle.ptnr2_PDB_ins_code 
_pdbx_struct_conn_angle.ptnr2_symmetry 
_pdbx_struct_conn_angle.ptnr3_label_atom_id 
_pdbx_struct_conn_angle.ptnr3_label_alt_id 
_pdbx_struct_conn_angle.ptnr3_label_asym_id 
_pdbx_struct_conn_angle.ptnr3_label_comp_id 
_pdbx_struct_conn_angle.ptnr3_label_seq_id 
_pdbx_struct_conn_angle.ptnr3_auth_atom_id 
_pdbx_struct_conn_angle.ptnr3_auth_asym_id 
_pdbx_struct_conn_angle.ptnr3_auth_comp_id 
_pdbx_struct_conn_angle.ptnr3_auth_seq_id 
_pdbx_struct_conn_angle.ptnr3_PDB_ins_code 
_pdbx_struct_conn_angle.ptnr3_symmetry 
_pdbx_struct_conn_angle.value 
_pdbx_struct_conn_angle.value_esd 
1  SG A A CYS 58 ? A CYS 66   ? 1_555 PT A B PT . ? A PT 1001 ? 1_555 N  ? A GLY 59 ? A GLY 67   ? 1_555 56.8  ? 
2  SG A A CYS 58 ? A CYS 66   ? 1_555 PT A B PT . ? A PT 1001 ? 1_555 CL A C CL  .  ? A CL  1003 ? 1_555 165.8 ? 
3  N  ? A GLY 59 ? A GLY 67   ? 1_555 PT A B PT . ? A PT 1001 ? 1_555 CL A C CL  .  ? A CL  1003 ? 1_555 110.1 ? 
4  SG A A CYS 58 ? A CYS 66   ? 1_555 PT A B PT . ? A PT 1001 ? 1_555 CL A D CL  .  ? A CL  1004 ? 1_555 100.4 ? 
5  N  ? A GLY 59 ? A GLY 67   ? 1_555 PT A B PT . ? A PT 1001 ? 1_555 CL A D CL  .  ? A CL  1004 ? 1_555 104.8 ? 
6  CL A C CL  .  ? A CL  1003 ? 1_555 PT A B PT . ? A PT 1001 ? 1_555 CL A D CL  .  ? A CL  1004 ? 1_555 87.9  ? 
7  SG A A CYS 58 ? A CYS 66   ? 1_555 PT A B PT . ? A PT 1001 ? 1_555 CL A E CL  .  ? A CL  1005 ? 1_555 81.5  ? 
8  N  ? A GLY 59 ? A GLY 67   ? 1_555 PT A B PT . ? A PT 1001 ? 1_555 CL A E CL  .  ? A CL  1005 ? 1_555 76.6  ? 
9  CL A C CL  .  ? A CL  1003 ? 1_555 PT A B PT . ? A PT 1001 ? 1_555 CL A E CL  .  ? A CL  1005 ? 1_555 90.3  ? 
10 CL A D CL  .  ? A CL  1004 ? 1_555 PT A B PT . ? A PT 1001 ? 1_555 CL A E CL  .  ? A CL  1005 ? 1_555 178.0 ? 
# 
_pdbx_modification_feature.ordinal                            1 
_pdbx_modification_feature.label_comp_id                      CYS 
_pdbx_modification_feature.label_asym_id                      A 
_pdbx_modification_feature.label_seq_id                       58 
_pdbx_modification_feature.label_alt_id                       B 
_pdbx_modification_feature.modified_residue_label_comp_id     CYS 
_pdbx_modification_feature.modified_residue_label_asym_id     A 
_pdbx_modification_feature.modified_residue_label_seq_id      61 
_pdbx_modification_feature.modified_residue_label_alt_id      B 
_pdbx_modification_feature.auth_comp_id                       CYS 
_pdbx_modification_feature.auth_asym_id                       A 
_pdbx_modification_feature.auth_seq_id                        66 
_pdbx_modification_feature.PDB_ins_code                       ? 
_pdbx_modification_feature.symmetry                           1_555 
_pdbx_modification_feature.modified_residue_auth_comp_id      CYS 
_pdbx_modification_feature.modified_residue_auth_asym_id      A 
_pdbx_modification_feature.modified_residue_auth_seq_id       69 
_pdbx_modification_feature.modified_residue_PDB_ins_code      ? 
_pdbx_modification_feature.modified_residue_symmetry          1_555 
_pdbx_modification_feature.comp_id_linking_atom               SG 
_pdbx_modification_feature.modified_residue_id_linking_atom   SG 
_pdbx_modification_feature.modified_residue_id                . 
_pdbx_modification_feature.ref_pcm_id                         . 
_pdbx_modification_feature.ref_comp_id                        . 
_pdbx_modification_feature.type                               None 
_pdbx_modification_feature.category                           'Disulfide bridge' 
# 
_struct_mon_prot_cis.pdbx_id                1 
_struct_mon_prot_cis.label_comp_id          ILE 
_struct_mon_prot_cis.label_seq_id           104 
_struct_mon_prot_cis.label_asym_id          A 
_struct_mon_prot_cis.label_alt_id           . 
_struct_mon_prot_cis.pdbx_PDB_ins_code      ? 
_struct_mon_prot_cis.auth_comp_id           ILE 
_struct_mon_prot_cis.auth_seq_id            112 
_struct_mon_prot_cis.auth_asym_id           A 
_struct_mon_prot_cis.pdbx_label_comp_id_2   PRO 
_struct_mon_prot_cis.pdbx_label_seq_id_2    105 
_struct_mon_prot_cis.pdbx_label_asym_id_2   A 
_struct_mon_prot_cis.pdbx_PDB_ins_code_2    ? 
_struct_mon_prot_cis.pdbx_auth_comp_id_2    PRO 
_struct_mon_prot_cis.pdbx_auth_seq_id_2     113 
_struct_mon_prot_cis.pdbx_auth_asym_id_2    A 
_struct_mon_prot_cis.pdbx_PDB_model_num     1 
_struct_mon_prot_cis.pdbx_omega_angle       -6.09 
# 
_struct_sheet.id               A 
_struct_sheet.type             ? 
_struct_sheet.number_strands   3 
_struct_sheet.details          ? 
# 
loop_
_struct_sheet_order.sheet_id 
_struct_sheet_order.range_id_1 
_struct_sheet_order.range_id_2 
_struct_sheet_order.offset 
_struct_sheet_order.sense 
A 1 2 ? parallel      
A 2 3 ? anti-parallel 
# 
loop_
_struct_sheet_range.sheet_id 
_struct_sheet_range.id 
_struct_sheet_range.beg_label_comp_id 
_struct_sheet_range.beg_label_asym_id 
_struct_sheet_range.beg_label_seq_id 
_struct_sheet_range.pdbx_beg_PDB_ins_code 
_struct_sheet_range.end_label_comp_id 
_struct_sheet_range.end_label_asym_id 
_struct_sheet_range.end_label_seq_id 
_struct_sheet_range.pdbx_end_PDB_ins_code 
_struct_sheet_range.beg_auth_comp_id 
_struct_sheet_range.beg_auth_asym_id 
_struct_sheet_range.beg_auth_seq_id 
_struct_sheet_range.end_auth_comp_id 
_struct_sheet_range.end_auth_asym_id 
_struct_sheet_range.end_auth_seq_id 
A 1 VAL A 82  ? GLU A 87  ? VAL A 90  GLU A 95  
A 2 LEU A 49  ? HIS A 54  ? LEU A 57  HIS A 62  
A 3 ARG A 106 ? LEU A 110 ? ARG A 114 LEU A 118 
# 
loop_
_pdbx_struct_sheet_hbond.sheet_id 
_pdbx_struct_sheet_hbond.range_id_1 
_pdbx_struct_sheet_hbond.range_id_2 
_pdbx_struct_sheet_hbond.range_1_label_atom_id 
_pdbx_struct_sheet_hbond.range_1_label_comp_id 
_pdbx_struct_sheet_hbond.range_1_label_asym_id 
_pdbx_struct_sheet_hbond.range_1_label_seq_id 
_pdbx_struct_sheet_hbond.range_1_PDB_ins_code 
_pdbx_struct_sheet_hbond.range_1_auth_atom_id 
_pdbx_struct_sheet_hbond.range_1_auth_comp_id 
_pdbx_struct_sheet_hbond.range_1_auth_asym_id 
_pdbx_struct_sheet_hbond.range_1_auth_seq_id 
_pdbx_struct_sheet_hbond.range_2_label_atom_id 
_pdbx_struct_sheet_hbond.range_2_label_comp_id 
_pdbx_struct_sheet_hbond.range_2_label_asym_id 
_pdbx_struct_sheet_hbond.range_2_label_seq_id 
_pdbx_struct_sheet_hbond.range_2_PDB_ins_code 
_pdbx_struct_sheet_hbond.range_2_auth_atom_id 
_pdbx_struct_sheet_hbond.range_2_auth_comp_id 
_pdbx_struct_sheet_hbond.range_2_auth_asym_id 
_pdbx_struct_sheet_hbond.range_2_auth_seq_id 
A 1 2 O LEU A 86 ? O LEU A 94 N ILE A 52  ? N ILE A 60  
A 2 3 N VAL A 51 ? N VAL A 59 O LEU A 108 ? O LEU A 116 
# 
loop_
_struct_site.id 
_struct_site.pdbx_evidence_code 
_struct_site.pdbx_auth_asym_id 
_struct_site.pdbx_auth_comp_id 
_struct_site.pdbx_auth_seq_id 
_struct_site.pdbx_auth_ins_code 
_struct_site.pdbx_num_residues 
_struct_site.details 
AC1 Software A PT 1001 ? 5 'BINDING SITE FOR RESIDUE PT A 1001' 
AC2 Software A CL 1003 ? 5 'BINDING SITE FOR RESIDUE CL A 1003' 
AC3 Software A CL 1004 ? 4 'BINDING SITE FOR RESIDUE CL A 1004' 
AC4 Software A CL 1005 ? 5 'BINDING SITE FOR RESIDUE CL A 1005' 
AC5 Software A PT 1002 ? 3 'BINDING SITE FOR RESIDUE PT A 1002' 
# 
loop_
_struct_site_gen.id 
_struct_site_gen.site_id 
_struct_site_gen.pdbx_num_res 
_struct_site_gen.label_comp_id 
_struct_site_gen.label_asym_id 
_struct_site_gen.label_seq_id 
_struct_site_gen.pdbx_auth_ins_code 
_struct_site_gen.auth_comp_id 
_struct_site_gen.auth_asym_id 
_struct_site_gen.auth_seq_id 
_struct_site_gen.label_atom_id 
_struct_site_gen.label_alt_id 
_struct_site_gen.symmetry 
_struct_site_gen.details 
1  AC1 5 CYS A 58  ? CYS A 66   . ? 1_555 ? 
2  AC1 5 GLY A 59  ? GLY A 67   . ? 1_555 ? 
3  AC1 5 CL  C .   ? CL  A 1003 . ? 1_555 ? 
4  AC1 5 CL  D .   ? CL  A 1004 . ? 1_555 ? 
5  AC1 5 CL  E .   ? CL  A 1005 . ? 1_555 ? 
6  AC2 5 LYS A 115 ? LYS A 123  . ? 2_555 ? 
7  AC2 5 HOH G .   ? HOH A 270  . ? 2_555 ? 
8  AC2 5 PT  B .   ? PT  A 1001 . ? 1_555 ? 
9  AC2 5 CL  D .   ? CL  A 1004 . ? 1_555 ? 
10 AC2 5 CL  E .   ? CL  A 1005 . ? 1_555 ? 
11 AC3 4 TRP A 57  ? TRP A 65   . ? 1_555 ? 
12 AC3 4 LYS A 115 ? LYS A 123  . ? 2_555 ? 
13 AC3 4 PT  B .   ? PT  A 1001 . ? 1_555 ? 
14 AC3 4 CL  C .   ? CL  A 1003 . ? 1_555 ? 
15 AC4 5 GLY A 59  ? GLY A 67   . ? 1_555 ? 
16 AC4 5 ALA A 60  ? ALA A 68   . ? 1_555 ? 
17 AC4 5 HIS A 79  ? HIS A 87   . ? 3_645 ? 
18 AC4 5 PT  B .   ? PT  A 1001 . ? 1_555 ? 
19 AC4 5 CL  C .   ? CL  A 1003 . ? 1_555 ? 
20 AC5 3 LYS A 55  ? LYS A 63   . ? 1_555 ? 
21 AC5 3 ASP A 88  ? ASP A 96   . ? 1_555 ? 
22 AC5 3 GLU A 89  ? GLU A 97   . ? 1_555 ? 
# 
_pdbx_entry_details.entry_id                   1SEN 
_pdbx_entry_details.compound_details           ? 
_pdbx_entry_details.source_details             ? 
_pdbx_entry_details.nonpolymer_details         ? 
_pdbx_entry_details.sequence_details           ? 
_pdbx_entry_details.has_ligand_of_interest     ? 
_pdbx_entry_details.has_protein_modification   Y 
# 
_pdbx_validate_torsion.id              1 
_pdbx_validate_torsion.PDB_model_num   1 
_pdbx_validate_torsion.auth_comp_id    ASP 
_pdbx_validate_torsion.auth_asym_id    A 
_pdbx_validate_torsion.auth_seq_id     96 
_pdbx_validate_torsion.PDB_ins_code    ? 
_pdbx_validate_torsion.label_alt_id    ? 
_pdbx_validate_torsion.phi             51.76 
_pdbx_validate_torsion.psi             -120.92 
# 
_pdbx_SG_project.id                    1 
_pdbx_SG_project.project_name          'PSI, Protein Structure Initiative' 
_pdbx_SG_project.full_name_of_center   'Southeast Collaboratory for Structural Genomics' 
_pdbx_SG_project.initial_of_center     SECSG 
# 
_pdbx_phasing_dm.entry_id          1SEN 
_pdbx_phasing_dm.fom_acentric      0.51 
_pdbx_phasing_dm.fom_centric       0.60 
_pdbx_phasing_dm.fom               0.53 
_pdbx_phasing_dm.reflns_acentric   6336 
_pdbx_phasing_dm.reflns_centric    1102 
_pdbx_phasing_dm.reflns            7438 
# 
loop_
_pdbx_phasing_dm_shell.d_res_low 
_pdbx_phasing_dm_shell.d_res_high 
_pdbx_phasing_dm_shell.fom_acentric 
_pdbx_phasing_dm_shell.fom_centric 
_pdbx_phasing_dm_shell.fom 
_pdbx_phasing_dm_shell.reflns_acentric 
_pdbx_phasing_dm_shell.reflns_centric 
_pdbx_phasing_dm_shell.reflns 
19.168 6.0 0.77 0.74 0.77 264  154 418  
6.0    3.8 0.80 0.78 0.80 948  261 1209 
3.8    3.0 0.72 0.71 0.72 1240 242 1482 
3.0    2.6 0.57 0.53 0.56 1257 194 1451 
2.6    2.3 0.29 0.28 0.29 1996 215 2211 
2.3    2.1 0.16 0.22 0.17 631  36  667  
# 
_phasing.method   MIR 
# 
_phasing_MIR.entry_id     1SEN 
_phasing_MIR.d_res_high   2.500 
_phasing_MIR.d_res_low    20.000 
_phasing_MIR.reflns       5250 
_phasing_MIR.FOM          0.33 
# 
loop_
_phasing_MIR_shell.d_res_low 
_phasing_MIR_shell.d_res_high 
_phasing_MIR_shell.reflns 
_phasing_MIR_shell.FOM 
20.000 8.52 303 0.32 
8.52   5.54 450 0.38 
5.54   4.38 568 0.35 
4.38   3.74 653 0.34 
3.74   3.31 734 0.33 
3.31   3.00 789 0.34 
3.00   2.77 847 0.35 
2.77   2.58 906 0.27 
# 
_pdbx_database_remark.id     300 
_pdbx_database_remark.text   
;BIOMOLECULE
THIS ENTRY CONTAINS THE CRYSTALLOGRAPHIC ASYMMETRIC UNIT
WHICH CONSISTS OF 1 CHAIN(S). THE BIOLOGICAL UNIT IS
UNKNOWN.
;
# 
loop_
_pdbx_unobs_or_zero_occ_residues.id 
_pdbx_unobs_or_zero_occ_residues.PDB_model_num 
_pdbx_unobs_or_zero_occ_residues.polymer_flag 
_pdbx_unobs_or_zero_occ_residues.occupancy_flag 
_pdbx_unobs_or_zero_occ_residues.auth_asym_id 
_pdbx_unobs_or_zero_occ_residues.auth_comp_id 
_pdbx_unobs_or_zero_occ_residues.auth_seq_id 
_pdbx_unobs_or_zero_occ_residues.PDB_ins_code 
_pdbx_unobs_or_zero_occ_residues.label_asym_id 
_pdbx_unobs_or_zero_occ_residues.label_comp_id 
_pdbx_unobs_or_zero_occ_residues.label_seq_id 
1  1 Y 1 A MET 9   ? A MET 1   
2  1 Y 1 A GLY 10  ? A GLY 2   
3  1 Y 1 A GLY 11  ? A GLY 3   
4  1 Y 1 A SER 12  ? A SER 4   
5  1 Y 1 A HIS 13  ? A HIS 5   
6  1 Y 1 A HIS 14  ? A HIS 6   
7  1 Y 1 A HIS 15  ? A HIS 7   
8  1 Y 1 A HIS 16  ? A HIS 8   
9  1 Y 1 A HIS 17  ? A HIS 9   
10 1 Y 1 A HIS 18  ? A HIS 10  
11 1 Y 1 A GLY 19  ? A GLY 11  
12 1 Y 1 A MET 20  ? A MET 12  
13 1 Y 1 A ALA 21  ? A ALA 13  
14 1 Y 1 A SER 22  ? A SER 14  
15 1 Y 1 A SER 23  ? A SER 15  
16 1 Y 1 A SER 24  ? A SER 16  
17 1 Y 1 A ASP 25  ? A ASP 17  
18 1 Y 1 A GLY 26  ? A GLY 18  
19 1 Y 1 A HIS 27  ? A HIS 19  
20 1 Y 1 A ASN 28  ? A ASN 20  
21 1 Y 1 A GLY 29  ? A GLY 21  
22 1 Y 1 A LYS 165 ? A LYS 157 
23 1 Y 1 A LYS 166 ? A LYS 158 
24 1 Y 1 A HIS 167 ? A HIS 159 
25 1 Y 1 A LEU 168 ? A LEU 160 
26 1 Y 1 A GLU 169 ? A GLU 161 
27 1 Y 1 A ASP 170 ? A ASP 162 
28 1 Y 1 A GLU 171 ? A GLU 163 
29 1 Y 1 A LEU 172 ? A LEU 164 
# 
loop_
_chem_comp_atom.comp_id 
_chem_comp_atom.atom_id 
_chem_comp_atom.type_symbol 
_chem_comp_atom.pdbx_aromatic_flag 
_chem_comp_atom.pdbx_stereo_config 
_chem_comp_atom.pdbx_ordinal 
ALA N    N  N N 1   
ALA CA   C  N S 2   
ALA C    C  N N 3   
ALA O    O  N N 4   
ALA CB   C  N N 5   
ALA OXT  O  N N 6   
ALA H    H  N N 7   
ALA H2   H  N N 8   
ALA HA   H  N N 9   
ALA HB1  H  N N 10  
ALA HB2  H  N N 11  
ALA HB3  H  N N 12  
ALA HXT  H  N N 13  
ARG N    N  N N 14  
ARG CA   C  N S 15  
ARG C    C  N N 16  
ARG O    O  N N 17  
ARG CB   C  N N 18  
ARG CG   C  N N 19  
ARG CD   C  N N 20  
ARG NE   N  N N 21  
ARG CZ   C  N N 22  
ARG NH1  N  N N 23  
ARG NH2  N  N N 24  
ARG OXT  O  N N 25  
ARG H    H  N N 26  
ARG H2   H  N N 27  
ARG HA   H  N N 28  
ARG HB2  H  N N 29  
ARG HB3  H  N N 30  
ARG HG2  H  N N 31  
ARG HG3  H  N N 32  
ARG HD2  H  N N 33  
ARG HD3  H  N N 34  
ARG HE   H  N N 35  
ARG HH11 H  N N 36  
ARG HH12 H  N N 37  
ARG HH21 H  N N 38  
ARG HH22 H  N N 39  
ARG HXT  H  N N 40  
ASN N    N  N N 41  
ASN CA   C  N S 42  
ASN C    C  N N 43  
ASN O    O  N N 44  
ASN CB   C  N N 45  
ASN CG   C  N N 46  
ASN OD1  O  N N 47  
ASN ND2  N  N N 48  
ASN OXT  O  N N 49  
ASN H    H  N N 50  
ASN H2   H  N N 51  
ASN HA   H  N N 52  
ASN HB2  H  N N 53  
ASN HB3  H  N N 54  
ASN HD21 H  N N 55  
ASN HD22 H  N N 56  
ASN HXT  H  N N 57  
ASP N    N  N N 58  
ASP CA   C  N S 59  
ASP C    C  N N 60  
ASP O    O  N N 61  
ASP CB   C  N N 62  
ASP CG   C  N N 63  
ASP OD1  O  N N 64  
ASP OD2  O  N N 65  
ASP OXT  O  N N 66  
ASP H    H  N N 67  
ASP H2   H  N N 68  
ASP HA   H  N N 69  
ASP HB2  H  N N 70  
ASP HB3  H  N N 71  
ASP HD2  H  N N 72  
ASP HXT  H  N N 73  
CL  CL   CL N N 74  
CYS N    N  N N 75  
CYS CA   C  N R 76  
CYS C    C  N N 77  
CYS O    O  N N 78  
CYS CB   C  N N 79  
CYS SG   S  N N 80  
CYS OXT  O  N N 81  
CYS H    H  N N 82  
CYS H2   H  N N 83  
CYS HA   H  N N 84  
CYS HB2  H  N N 85  
CYS HB3  H  N N 86  
CYS HG   H  N N 87  
CYS HXT  H  N N 88  
GLN N    N  N N 89  
GLN CA   C  N S 90  
GLN C    C  N N 91  
GLN O    O  N N 92  
GLN CB   C  N N 93  
GLN CG   C  N N 94  
GLN CD   C  N N 95  
GLN OE1  O  N N 96  
GLN NE2  N  N N 97  
GLN OXT  O  N N 98  
GLN H    H  N N 99  
GLN H2   H  N N 100 
GLN HA   H  N N 101 
GLN HB2  H  N N 102 
GLN HB3  H  N N 103 
GLN HG2  H  N N 104 
GLN HG3  H  N N 105 
GLN HE21 H  N N 106 
GLN HE22 H  N N 107 
GLN HXT  H  N N 108 
GLU N    N  N N 109 
GLU CA   C  N S 110 
GLU C    C  N N 111 
GLU O    O  N N 112 
GLU CB   C  N N 113 
GLU CG   C  N N 114 
GLU CD   C  N N 115 
GLU OE1  O  N N 116 
GLU OE2  O  N N 117 
GLU OXT  O  N N 118 
GLU H    H  N N 119 
GLU H2   H  N N 120 
GLU HA   H  N N 121 
GLU HB2  H  N N 122 
GLU HB3  H  N N 123 
GLU HG2  H  N N 124 
GLU HG3  H  N N 125 
GLU HE2  H  N N 126 
GLU HXT  H  N N 127 
GLY N    N  N N 128 
GLY CA   C  N N 129 
GLY C    C  N N 130 
GLY O    O  N N 131 
GLY OXT  O  N N 132 
GLY H    H  N N 133 
GLY H2   H  N N 134 
GLY HA2  H  N N 135 
GLY HA3  H  N N 136 
GLY HXT  H  N N 137 
HIS N    N  N N 138 
HIS CA   C  N S 139 
HIS C    C  N N 140 
HIS O    O  N N 141 
HIS CB   C  N N 142 
HIS CG   C  Y N 143 
HIS ND1  N  Y N 144 
HIS CD2  C  Y N 145 
HIS CE1  C  Y N 146 
HIS NE2  N  Y N 147 
HIS OXT  O  N N 148 
HIS H    H  N N 149 
HIS H2   H  N N 150 
HIS HA   H  N N 151 
HIS HB2  H  N N 152 
HIS HB3  H  N N 153 
HIS HD1  H  N N 154 
HIS HD2  H  N N 155 
HIS HE1  H  N N 156 
HIS HE2  H  N N 157 
HIS HXT  H  N N 158 
HOH O    O  N N 159 
HOH H1   H  N N 160 
HOH H2   H  N N 161 
ILE N    N  N N 162 
ILE CA   C  N S 163 
ILE C    C  N N 164 
ILE O    O  N N 165 
ILE CB   C  N S 166 
ILE CG1  C  N N 167 
ILE CG2  C  N N 168 
ILE CD1  C  N N 169 
ILE OXT  O  N N 170 
ILE H    H  N N 171 
ILE H2   H  N N 172 
ILE HA   H  N N 173 
ILE HB   H  N N 174 
ILE HG12 H  N N 175 
ILE HG13 H  N N 176 
ILE HG21 H  N N 177 
ILE HG22 H  N N 178 
ILE HG23 H  N N 179 
ILE HD11 H  N N 180 
ILE HD12 H  N N 181 
ILE HD13 H  N N 182 
ILE HXT  H  N N 183 
LEU N    N  N N 184 
LEU CA   C  N S 185 
LEU C    C  N N 186 
LEU O    O  N N 187 
LEU CB   C  N N 188 
LEU CG   C  N N 189 
LEU CD1  C  N N 190 
LEU CD2  C  N N 191 
LEU OXT  O  N N 192 
LEU H    H  N N 193 
LEU H2   H  N N 194 
LEU HA   H  N N 195 
LEU HB2  H  N N 196 
LEU HB3  H  N N 197 
LEU HG   H  N N 198 
LEU HD11 H  N N 199 
LEU HD12 H  N N 200 
LEU HD13 H  N N 201 
LEU HD21 H  N N 202 
LEU HD22 H  N N 203 
LEU HD23 H  N N 204 
LEU HXT  H  N N 205 
LYS N    N  N N 206 
LYS CA   C  N S 207 
LYS C    C  N N 208 
LYS O    O  N N 209 
LYS CB   C  N N 210 
LYS CG   C  N N 211 
LYS CD   C  N N 212 
LYS CE   C  N N 213 
LYS NZ   N  N N 214 
LYS OXT  O  N N 215 
LYS H    H  N N 216 
LYS H2   H  N N 217 
LYS HA   H  N N 218 
LYS HB2  H  N N 219 
LYS HB3  H  N N 220 
LYS HG2  H  N N 221 
LYS HG3  H  N N 222 
LYS HD2  H  N N 223 
LYS HD3  H  N N 224 
LYS HE2  H  N N 225 
LYS HE3  H  N N 226 
LYS HZ1  H  N N 227 
LYS HZ2  H  N N 228 
LYS HZ3  H  N N 229 
LYS HXT  H  N N 230 
MET N    N  N N 231 
MET CA   C  N S 232 
MET C    C  N N 233 
MET O    O  N N 234 
MET CB   C  N N 235 
MET CG   C  N N 236 
MET SD   S  N N 237 
MET CE   C  N N 238 
MET OXT  O  N N 239 
MET H    H  N N 240 
MET H2   H  N N 241 
MET HA   H  N N 242 
MET HB2  H  N N 243 
MET HB3  H  N N 244 
MET HG2  H  N N 245 
MET HG3  H  N N 246 
MET HE1  H  N N 247 
MET HE2  H  N N 248 
MET HE3  H  N N 249 
MET HXT  H  N N 250 
PHE N    N  N N 251 
PHE CA   C  N S 252 
PHE C    C  N N 253 
PHE O    O  N N 254 
PHE CB   C  N N 255 
PHE CG   C  Y N 256 
PHE CD1  C  Y N 257 
PHE CD2  C  Y N 258 
PHE CE1  C  Y N 259 
PHE CE2  C  Y N 260 
PHE CZ   C  Y N 261 
PHE OXT  O  N N 262 
PHE H    H  N N 263 
PHE H2   H  N N 264 
PHE HA   H  N N 265 
PHE HB2  H  N N 266 
PHE HB3  H  N N 267 
PHE HD1  H  N N 268 
PHE HD2  H  N N 269 
PHE HE1  H  N N 270 
PHE HE2  H  N N 271 
PHE HZ   H  N N 272 
PHE HXT  H  N N 273 
PRO N    N  N N 274 
PRO CA   C  N S 275 
PRO C    C  N N 276 
PRO O    O  N N 277 
PRO CB   C  N N 278 
PRO CG   C  N N 279 
PRO CD   C  N N 280 
PRO OXT  O  N N 281 
PRO H    H  N N 282 
PRO HA   H  N N 283 
PRO HB2  H  N N 284 
PRO HB3  H  N N 285 
PRO HG2  H  N N 286 
PRO HG3  H  N N 287 
PRO HD2  H  N N 288 
PRO HD3  H  N N 289 
PRO HXT  H  N N 290 
PT  PT   PT N N 291 
SER N    N  N N 292 
SER CA   C  N S 293 
SER C    C  N N 294 
SER O    O  N N 295 
SER CB   C  N N 296 
SER OG   O  N N 297 
SER OXT  O  N N 298 
SER H    H  N N 299 
SER H2   H  N N 300 
SER HA   H  N N 301 
SER HB2  H  N N 302 
SER HB3  H  N N 303 
SER HG   H  N N 304 
SER HXT  H  N N 305 
THR N    N  N N 306 
THR CA   C  N S 307 
THR C    C  N N 308 
THR O    O  N N 309 
THR CB   C  N R 310 
THR OG1  O  N N 311 
THR CG2  C  N N 312 
THR OXT  O  N N 313 
THR H    H  N N 314 
THR H2   H  N N 315 
THR HA   H  N N 316 
THR HB   H  N N 317 
THR HG1  H  N N 318 
THR HG21 H  N N 319 
THR HG22 H  N N 320 
THR HG23 H  N N 321 
THR HXT  H  N N 322 
TRP N    N  N N 323 
TRP CA   C  N S 324 
TRP C    C  N N 325 
TRP O    O  N N 326 
TRP CB   C  N N 327 
TRP CG   C  Y N 328 
TRP CD1  C  Y N 329 
TRP CD2  C  Y N 330 
TRP NE1  N  Y N 331 
TRP CE2  C  Y N 332 
TRP CE3  C  Y N 333 
TRP CZ2  C  Y N 334 
TRP CZ3  C  Y N 335 
TRP CH2  C  Y N 336 
TRP OXT  O  N N 337 
TRP H    H  N N 338 
TRP H2   H  N N 339 
TRP HA   H  N N 340 
TRP HB2  H  N N 341 
TRP HB3  H  N N 342 
TRP HD1  H  N N 343 
TRP HE1  H  N N 344 
TRP HE3  H  N N 345 
TRP HZ2  H  N N 346 
TRP HZ3  H  N N 347 
TRP HH2  H  N N 348 
TRP HXT  H  N N 349 
TYR N    N  N N 350 
TYR CA   C  N S 351 
TYR C    C  N N 352 
TYR O    O  N N 353 
TYR CB   C  N N 354 
TYR CG   C  Y N 355 
TYR CD1  C  Y N 356 
TYR CD2  C  Y N 357 
TYR CE1  C  Y N 358 
TYR CE2  C  Y N 359 
TYR CZ   C  Y N 360 
TYR OH   O  N N 361 
TYR OXT  O  N N 362 
TYR H    H  N N 363 
TYR H2   H  N N 364 
TYR HA   H  N N 365 
TYR HB2  H  N N 366 
TYR HB3  H  N N 367 
TYR HD1  H  N N 368 
TYR HD2  H  N N 369 
TYR HE1  H  N N 370 
TYR HE2  H  N N 371 
TYR HH   H  N N 372 
TYR HXT  H  N N 373 
VAL N    N  N N 374 
VAL CA   C  N S 375 
VAL C    C  N N 376 
VAL O    O  N N 377 
VAL CB   C  N N 378 
VAL CG1  C  N N 379 
VAL CG2  C  N N 380 
VAL OXT  O  N N 381 
VAL H    H  N N 382 
VAL H2   H  N N 383 
VAL HA   H  N N 384 
VAL HB   H  N N 385 
VAL HG11 H  N N 386 
VAL HG12 H  N N 387 
VAL HG13 H  N N 388 
VAL HG21 H  N N 389 
VAL HG22 H  N N 390 
VAL HG23 H  N N 391 
VAL HXT  H  N N 392 
# 
loop_
_chem_comp_bond.comp_id 
_chem_comp_bond.atom_id_1 
_chem_comp_bond.atom_id_2 
_chem_comp_bond.value_order 
_chem_comp_bond.pdbx_aromatic_flag 
_chem_comp_bond.pdbx_stereo_config 
_chem_comp_bond.pdbx_ordinal 
ALA N   CA   sing N N 1   
ALA N   H    sing N N 2   
ALA N   H2   sing N N 3   
ALA CA  C    sing N N 4   
ALA CA  CB   sing N N 5   
ALA CA  HA   sing N N 6   
ALA C   O    doub N N 7   
ALA C   OXT  sing N N 8   
ALA CB  HB1  sing N N 9   
ALA CB  HB2  sing N N 10  
ALA CB  HB3  sing N N 11  
ALA OXT HXT  sing N N 12  
ARG N   CA   sing N N 13  
ARG N   H    sing N N 14  
ARG N   H2   sing N N 15  
ARG CA  C    sing N N 16  
ARG CA  CB   sing N N 17  
ARG CA  HA   sing N N 18  
ARG C   O    doub N N 19  
ARG C   OXT  sing N N 20  
ARG CB  CG   sing N N 21  
ARG CB  HB2  sing N N 22  
ARG CB  HB3  sing N N 23  
ARG CG  CD   sing N N 24  
ARG CG  HG2  sing N N 25  
ARG CG  HG3  sing N N 26  
ARG CD  NE   sing N N 27  
ARG CD  HD2  sing N N 28  
ARG CD  HD3  sing N N 29  
ARG NE  CZ   sing N N 30  
ARG NE  HE   sing N N 31  
ARG CZ  NH1  sing N N 32  
ARG CZ  NH2  doub N N 33  
ARG NH1 HH11 sing N N 34  
ARG NH1 HH12 sing N N 35  
ARG NH2 HH21 sing N N 36  
ARG NH2 HH22 sing N N 37  
ARG OXT HXT  sing N N 38  
ASN N   CA   sing N N 39  
ASN N   H    sing N N 40  
ASN N   H2   sing N N 41  
ASN CA  C    sing N N 42  
ASN CA  CB   sing N N 43  
ASN CA  HA   sing N N 44  
ASN C   O    doub N N 45  
ASN C   OXT  sing N N 46  
ASN CB  CG   sing N N 47  
ASN CB  HB2  sing N N 48  
ASN CB  HB3  sing N N 49  
ASN CG  OD1  doub N N 50  
ASN CG  ND2  sing N N 51  
ASN ND2 HD21 sing N N 52  
ASN ND2 HD22 sing N N 53  
ASN OXT HXT  sing N N 54  
ASP N   CA   sing N N 55  
ASP N   H    sing N N 56  
ASP N   H2   sing N N 57  
ASP CA  C    sing N N 58  
ASP CA  CB   sing N N 59  
ASP CA  HA   sing N N 60  
ASP C   O    doub N N 61  
ASP C   OXT  sing N N 62  
ASP CB  CG   sing N N 63  
ASP CB  HB2  sing N N 64  
ASP CB  HB3  sing N N 65  
ASP CG  OD1  doub N N 66  
ASP CG  OD2  sing N N 67  
ASP OD2 HD2  sing N N 68  
ASP OXT HXT  sing N N 69  
CYS N   CA   sing N N 70  
CYS N   H    sing N N 71  
CYS N   H2   sing N N 72  
CYS CA  C    sing N N 73  
CYS CA  CB   sing N N 74  
CYS CA  HA   sing N N 75  
CYS C   O    doub N N 76  
CYS C   OXT  sing N N 77  
CYS CB  SG   sing N N 78  
CYS CB  HB2  sing N N 79  
CYS CB  HB3  sing N N 80  
CYS SG  HG   sing N N 81  
CYS OXT HXT  sing N N 82  
GLN N   CA   sing N N 83  
GLN N   H    sing N N 84  
GLN N   H2   sing N N 85  
GLN CA  C    sing N N 86  
GLN CA  CB   sing N N 87  
GLN CA  HA   sing N N 88  
GLN C   O    doub N N 89  
GLN C   OXT  sing N N 90  
GLN CB  CG   sing N N 91  
GLN CB  HB2  sing N N 92  
GLN CB  HB3  sing N N 93  
GLN CG  CD   sing N N 94  
GLN CG  HG2  sing N N 95  
GLN CG  HG3  sing N N 96  
GLN CD  OE1  doub N N 97  
GLN CD  NE2  sing N N 98  
GLN NE2 HE21 sing N N 99  
GLN NE2 HE22 sing N N 100 
GLN OXT HXT  sing N N 101 
GLU N   CA   sing N N 102 
GLU N   H    sing N N 103 
GLU N   H2   sing N N 104 
GLU CA  C    sing N N 105 
GLU CA  CB   sing N N 106 
GLU CA  HA   sing N N 107 
GLU C   O    doub N N 108 
GLU C   OXT  sing N N 109 
GLU CB  CG   sing N N 110 
GLU CB  HB2  sing N N 111 
GLU CB  HB3  sing N N 112 
GLU CG  CD   sing N N 113 
GLU CG  HG2  sing N N 114 
GLU CG  HG3  sing N N 115 
GLU CD  OE1  doub N N 116 
GLU CD  OE2  sing N N 117 
GLU OE2 HE2  sing N N 118 
GLU OXT HXT  sing N N 119 
GLY N   CA   sing N N 120 
GLY N   H    sing N N 121 
GLY N   H2   sing N N 122 
GLY CA  C    sing N N 123 
GLY CA  HA2  sing N N 124 
GLY CA  HA3  sing N N 125 
GLY C   O    doub N N 126 
GLY C   OXT  sing N N 127 
GLY OXT HXT  sing N N 128 
HIS N   CA   sing N N 129 
HIS N   H    sing N N 130 
HIS N   H2   sing N N 131 
HIS CA  C    sing N N 132 
HIS CA  CB   sing N N 133 
HIS CA  HA   sing N N 134 
HIS C   O    doub N N 135 
HIS C   OXT  sing N N 136 
HIS CB  CG   sing N N 137 
HIS CB  HB2  sing N N 138 
HIS CB  HB3  sing N N 139 
HIS CG  ND1  sing Y N 140 
HIS CG  CD2  doub Y N 141 
HIS ND1 CE1  doub Y N 142 
HIS ND1 HD1  sing N N 143 
HIS CD2 NE2  sing Y N 144 
HIS CD2 HD2  sing N N 145 
HIS CE1 NE2  sing Y N 146 
HIS CE1 HE1  sing N N 147 
HIS NE2 HE2  sing N N 148 
HIS OXT HXT  sing N N 149 
HOH O   H1   sing N N 150 
HOH O   H2   sing N N 151 
ILE N   CA   sing N N 152 
ILE N   H    sing N N 153 
ILE N   H2   sing N N 154 
ILE CA  C    sing N N 155 
ILE CA  CB   sing N N 156 
ILE CA  HA   sing N N 157 
ILE C   O    doub N N 158 
ILE C   OXT  sing N N 159 
ILE CB  CG1  sing N N 160 
ILE CB  CG2  sing N N 161 
ILE CB  HB   sing N N 162 
ILE CG1 CD1  sing N N 163 
ILE CG1 HG12 sing N N 164 
ILE CG1 HG13 sing N N 165 
ILE CG2 HG21 sing N N 166 
ILE CG2 HG22 sing N N 167 
ILE CG2 HG23 sing N N 168 
ILE CD1 HD11 sing N N 169 
ILE CD1 HD12 sing N N 170 
ILE CD1 HD13 sing N N 171 
ILE OXT HXT  sing N N 172 
LEU N   CA   sing N N 173 
LEU N   H    sing N N 174 
LEU N   H2   sing N N 175 
LEU CA  C    sing N N 176 
LEU CA  CB   sing N N 177 
LEU CA  HA   sing N N 178 
LEU C   O    doub N N 179 
LEU C   OXT  sing N N 180 
LEU CB  CG   sing N N 181 
LEU CB  HB2  sing N N 182 
LEU CB  HB3  sing N N 183 
LEU CG  CD1  sing N N 184 
LEU CG  CD2  sing N N 185 
LEU CG  HG   sing N N 186 
LEU CD1 HD11 sing N N 187 
LEU CD1 HD12 sing N N 188 
LEU CD1 HD13 sing N N 189 
LEU CD2 HD21 sing N N 190 
LEU CD2 HD22 sing N N 191 
LEU CD2 HD23 sing N N 192 
LEU OXT HXT  sing N N 193 
LYS N   CA   sing N N 194 
LYS N   H    sing N N 195 
LYS N   H2   sing N N 196 
LYS CA  C    sing N N 197 
LYS CA  CB   sing N N 198 
LYS CA  HA   sing N N 199 
LYS C   O    doub N N 200 
LYS C   OXT  sing N N 201 
LYS CB  CG   sing N N 202 
LYS CB  HB2  sing N N 203 
LYS CB  HB3  sing N N 204 
LYS CG  CD   sing N N 205 
LYS CG  HG2  sing N N 206 
LYS CG  HG3  sing N N 207 
LYS CD  CE   sing N N 208 
LYS CD  HD2  sing N N 209 
LYS CD  HD3  sing N N 210 
LYS CE  NZ   sing N N 211 
LYS CE  HE2  sing N N 212 
LYS CE  HE3  sing N N 213 
LYS NZ  HZ1  sing N N 214 
LYS NZ  HZ2  sing N N 215 
LYS NZ  HZ3  sing N N 216 
LYS OXT HXT  sing N N 217 
MET N   CA   sing N N 218 
MET N   H    sing N N 219 
MET N   H2   sing N N 220 
MET CA  C    sing N N 221 
MET CA  CB   sing N N 222 
MET CA  HA   sing N N 223 
MET C   O    doub N N 224 
MET C   OXT  sing N N 225 
MET CB  CG   sing N N 226 
MET CB  HB2  sing N N 227 
MET CB  HB3  sing N N 228 
MET CG  SD   sing N N 229 
MET CG  HG2  sing N N 230 
MET CG  HG3  sing N N 231 
MET SD  CE   sing N N 232 
MET CE  HE1  sing N N 233 
MET CE  HE2  sing N N 234 
MET CE  HE3  sing N N 235 
MET OXT HXT  sing N N 236 
PHE N   CA   sing N N 237 
PHE N   H    sing N N 238 
PHE N   H2   sing N N 239 
PHE CA  C    sing N N 240 
PHE CA  CB   sing N N 241 
PHE CA  HA   sing N N 242 
PHE C   O    doub N N 243 
PHE C   OXT  sing N N 244 
PHE CB  CG   sing N N 245 
PHE CB  HB2  sing N N 246 
PHE CB  HB3  sing N N 247 
PHE CG  CD1  doub Y N 248 
PHE CG  CD2  sing Y N 249 
PHE CD1 CE1  sing Y N 250 
PHE CD1 HD1  sing N N 251 
PHE CD2 CE2  doub Y N 252 
PHE CD2 HD2  sing N N 253 
PHE CE1 CZ   doub Y N 254 
PHE CE1 HE1  sing N N 255 
PHE CE2 CZ   sing Y N 256 
PHE CE2 HE2  sing N N 257 
PHE CZ  HZ   sing N N 258 
PHE OXT HXT  sing N N 259 
PRO N   CA   sing N N 260 
PRO N   CD   sing N N 261 
PRO N   H    sing N N 262 
PRO CA  C    sing N N 263 
PRO CA  CB   sing N N 264 
PRO CA  HA   sing N N 265 
PRO C   O    doub N N 266 
PRO C   OXT  sing N N 267 
PRO CB  CG   sing N N 268 
PRO CB  HB2  sing N N 269 
PRO CB  HB3  sing N N 270 
PRO CG  CD   sing N N 271 
PRO CG  HG2  sing N N 272 
PRO CG  HG3  sing N N 273 
PRO CD  HD2  sing N N 274 
PRO CD  HD3  sing N N 275 
PRO OXT HXT  sing N N 276 
SER N   CA   sing N N 277 
SER N   H    sing N N 278 
SER N   H2   sing N N 279 
SER CA  C    sing N N 280 
SER CA  CB   sing N N 281 
SER CA  HA   sing N N 282 
SER C   O    doub N N 283 
SER C   OXT  sing N N 284 
SER CB  OG   sing N N 285 
SER CB  HB2  sing N N 286 
SER CB  HB3  sing N N 287 
SER OG  HG   sing N N 288 
SER OXT HXT  sing N N 289 
THR N   CA   sing N N 290 
THR N   H    sing N N 291 
THR N   H2   sing N N 292 
THR CA  C    sing N N 293 
THR CA  CB   sing N N 294 
THR CA  HA   sing N N 295 
THR C   O    doub N N 296 
THR C   OXT  sing N N 297 
THR CB  OG1  sing N N 298 
THR CB  CG2  sing N N 299 
THR CB  HB   sing N N 300 
THR OG1 HG1  sing N N 301 
THR CG2 HG21 sing N N 302 
THR CG2 HG22 sing N N 303 
THR CG2 HG23 sing N N 304 
THR OXT HXT  sing N N 305 
TRP N   CA   sing N N 306 
TRP N   H    sing N N 307 
TRP N   H2   sing N N 308 
TRP CA  C    sing N N 309 
TRP CA  CB   sing N N 310 
TRP CA  HA   sing N N 311 
TRP C   O    doub N N 312 
TRP C   OXT  sing N N 313 
TRP CB  CG   sing N N 314 
TRP CB  HB2  sing N N 315 
TRP CB  HB3  sing N N 316 
TRP CG  CD1  doub Y N 317 
TRP CG  CD2  sing Y N 318 
TRP CD1 NE1  sing Y N 319 
TRP CD1 HD1  sing N N 320 
TRP CD2 CE2  doub Y N 321 
TRP CD2 CE3  sing Y N 322 
TRP NE1 CE2  sing Y N 323 
TRP NE1 HE1  sing N N 324 
TRP CE2 CZ2  sing Y N 325 
TRP CE3 CZ3  doub Y N 326 
TRP CE3 HE3  sing N N 327 
TRP CZ2 CH2  doub Y N 328 
TRP CZ2 HZ2  sing N N 329 
TRP CZ3 CH2  sing Y N 330 
TRP CZ3 HZ3  sing N N 331 
TRP CH2 HH2  sing N N 332 
TRP OXT HXT  sing N N 333 
TYR N   CA   sing N N 334 
TYR N   H    sing N N 335 
TYR N   H2   sing N N 336 
TYR CA  C    sing N N 337 
TYR CA  CB   sing N N 338 
TYR CA  HA   sing N N 339 
TYR C   O    doub N N 340 
TYR C   OXT  sing N N 341 
TYR CB  CG   sing N N 342 
TYR CB  HB2  sing N N 343 
TYR CB  HB3  sing N N 344 
TYR CG  CD1  doub Y N 345 
TYR CG  CD2  sing Y N 346 
TYR CD1 CE1  sing Y N 347 
TYR CD1 HD1  sing N N 348 
TYR CD2 CE2  doub Y N 349 
TYR CD2 HD2  sing N N 350 
TYR CE1 CZ   doub Y N 351 
TYR CE1 HE1  sing N N 352 
TYR CE2 CZ   sing Y N 353 
TYR CE2 HE2  sing N N 354 
TYR CZ  OH   sing N N 355 
TYR OH  HH   sing N N 356 
TYR OXT HXT  sing N N 357 
VAL N   CA   sing N N 358 
VAL N   H    sing N N 359 
VAL N   H2   sing N N 360 
VAL CA  C    sing N N 361 
VAL CA  CB   sing N N 362 
VAL CA  HA   sing N N 363 
VAL C   O    doub N N 364 
VAL C   OXT  sing N N 365 
VAL CB  CG1  sing N N 366 
VAL CB  CG2  sing N N 367 
VAL CB  HB   sing N N 368 
VAL CG1 HG11 sing N N 369 
VAL CG1 HG12 sing N N 370 
VAL CG1 HG13 sing N N 371 
VAL CG2 HG21 sing N N 372 
VAL CG2 HG22 sing N N 373 
VAL CG2 HG23 sing N N 374 
VAL OXT HXT  sing N N 375 
# 
_atom_sites.entry_id                    1SEN 
_atom_sites.fract_transf_matrix[1][1]   0.01003930 
_atom_sites.fract_transf_matrix[1][2]   0.01777017 
_atom_sites.fract_transf_matrix[1][3]   0.00040600 
_atom_sites.fract_transf_matrix[2][1]   0.00346912 
_atom_sites.fract_transf_matrix[2][2]   -0.00151633 
_atom_sites.fract_transf_matrix[2][3]   -0.01941428 
_atom_sites.fract_transf_matrix[3][1]   -0.01436148 
_atom_sites.fract_transf_matrix[3][2]   0.00818679 
_atom_sites.fract_transf_matrix[3][3]   -0.00320566 
_atom_sites.fract_transf_vector[1]      0.382967 
_atom_sites.fract_transf_vector[2]      0.096913 
_atom_sites.fract_transf_vector[3]      0.149374 
# 
loop_
_atom_type.symbol 
C  
CL 
N  
O  
PT 
S  
# 
loop_
_atom_site.group_PDB 
_atom_site.id 
_atom_site.type_symbol 
_atom_site.label_atom_id 
_atom_site.label_alt_id 
_atom_site.label_comp_id 
_atom_site.label_asym_id 
_atom_site.label_entity_id 
_atom_site.label_seq_id 
_atom_site.pdbx_PDB_ins_code 
_atom_site.Cartn_x 
_atom_site.Cartn_y 
_atom_site.Cartn_z 
_atom_site.occupancy 
_atom_site.B_iso_or_equiv 
_atom_site.pdbx_formal_charge 
_atom_site.auth_seq_id 
_atom_site.auth_comp_id 
_atom_site.auth_asym_id 
_atom_site.auth_atom_id 
_atom_site.pdbx_PDB_model_num 
ATOM   1    N  N   . LEU A 1 22  ? -11.047 4.473   -10.316 1.00 18.37 ? 30   LEU A N   1 
ATOM   2    C  CA  . LEU A 1 22  ? -10.344 3.283   -9.800  1.00 14.62 ? 30   LEU A CA  1 
ATOM   3    C  C   . LEU A 1 22  ? -9.638  3.542   -8.473  1.00 11.09 ? 30   LEU A C   1 
ATOM   4    O  O   . LEU A 1 22  ? -9.338  2.609   -7.751  1.00 12.54 ? 30   LEU A O   1 
ATOM   5    C  CB  . LEU A 1 22  ? -9.330  2.774   -10.820 1.00 14.40 ? 30   LEU A CB  1 
ATOM   6    C  CG  . LEU A 1 22  ? -9.886  2.262   -12.149 1.00 16.64 ? 30   LEU A CG  1 
ATOM   7    C  CD1 . LEU A 1 22  ? -8.745  2.016   -13.134 1.00 18.14 ? 30   LEU A CD1 1 
ATOM   8    C  CD2 . LEU A 1 22  ? -10.697 0.994   -11.948 1.00 21.18 ? 30   LEU A CD2 1 
ATOM   9    N  N   . GLY A 1 23  ? -9.373  4.806   -8.160  1.00 11.44 ? 31   GLY A N   1 
ATOM   10   C  CA  . GLY A 1 23  ? -8.687  5.169   -6.935  1.00 10.46 ? 31   GLY A CA  1 
ATOM   11   C  C   . GLY A 1 23  ? -9.516  5.105   -5.676  1.00 9.55  ? 31   GLY A C   1 
ATOM   12   O  O   . GLY A 1 23  ? -8.938  5.083   -4.593  1.00 10.01 ? 31   GLY A O   1 
ATOM   13   N  N   . LYS A 1 24  ? -10.848 5.111   -5.787  1.00 9.88  ? 32   LYS A N   1 
ATOM   14   C  CA  . LYS A 1 24  ? -11.728 4.998   -4.627  1.00 10.15 ? 32   LYS A CA  1 
ATOM   15   C  C   . LYS A 1 24  ? -11.496 6.091   -3.602  1.00 10.35 ? 32   LYS A C   1 
ATOM   16   O  O   . LYS A 1 24  ? -11.761 5.907   -2.415  1.00 12.36 ? 32   LYS A O   1 
ATOM   17   C  CB  . LYS A 1 24  ? -11.620 3.615   -3.962  1.00 11.08 ? 32   LYS A CB  1 
ATOM   18   C  CG  . LYS A 1 24  ? -11.871 2.442   -4.902  1.00 11.43 ? 32   LYS A CG  1 
ATOM   19   C  CD  . LYS A 1 24  ? -13.285 2.455   -5.520  1.00 12.96 ? 32   LYS A CD  1 
ATOM   20   C  CE  . LYS A 1 24  ? -13.462 1.335   -6.527  1.00 14.91 ? 32   LYS A CE  1 
ATOM   21   N  NZ  . LYS A 1 24  ? -13.386 0.013   -5.885  1.00 14.69 ? 32   LYS A NZ  1 
ATOM   22   N  N   . GLY A 1 25  ? -11.027 7.253   -4.050  1.00 9.97  ? 33   GLY A N   1 
ATOM   23   C  CA  . GLY A 1 25  ? -10.779 8.366   -3.161  1.00 10.82 ? 33   GLY A CA  1 
ATOM   24   C  C   . GLY A 1 25  ? -9.305  8.538   -2.832  1.00 9.33  ? 33   GLY A C   1 
ATOM   25   O  O   . GLY A 1 25  ? -8.927  9.569   -2.306  1.00 10.82 ? 33   GLY A O   1 
ATOM   26   N  N   . PHE A 1 26  ? -8.460  7.556   -3.150  1.00 9.10  ? 34   PHE A N   1 
ATOM   27   C  CA  . PHE A 1 26  ? -7.022  7.695   -2.878  1.00 9.24  ? 34   PHE A CA  1 
ATOM   28   C  C   . PHE A 1 26  ? -6.298  8.563   -3.918  1.00 8.74  ? 34   PHE A C   1 
ATOM   29   O  O   . PHE A 1 26  ? -5.135  8.903   -3.709  1.00 11.49 ? 34   PHE A O   1 
ATOM   30   C  CB  . PHE A 1 26  ? -6.383  6.321   -2.747  1.00 8.79  ? 34   PHE A CB  1 
ATOM   31   C  CG  . PHE A 1 26  ? -6.772  5.605   -1.480  1.00 8.93  ? 34   PHE A CG  1 
ATOM   32   C  CD1 . PHE A 1 26  ? -6.161  5.922   -0.265  1.00 9.55  ? 34   PHE A CD1 1 
ATOM   33   C  CD2 . PHE A 1 26  ? -7.737  4.619   -1.504  1.00 9.82  ? 34   PHE A CD2 1 
ATOM   34   C  CE1 . PHE A 1 26  ? -6.517  5.253   0.921   1.00 10.39 ? 34   PHE A CE1 1 
ATOM   35   C  CE2 . PHE A 1 26  ? -8.106  3.938   -0.330  1.00 9.57  ? 34   PHE A CE2 1 
ATOM   36   C  CZ  . PHE A 1 26  ? -7.488  4.266   0.889   1.00 10.61 ? 34   PHE A CZ  1 
ATOM   37   N  N   . GLY A 1 27  ? -6.951  8.902   -5.031  1.00 9.94  ? 35   GLY A N   1 
ATOM   38   C  CA  . GLY A 1 27  ? -6.400  9.886   -5.946  1.00 10.72 ? 35   GLY A CA  1 
ATOM   39   C  C   . GLY A 1 27  ? -6.437  9.423   -7.371  1.00 9.59  ? 35   GLY A C   1 
ATOM   40   O  O   . GLY A 1 27  ? -5.870  8.418   -7.747  1.00 11.11 ? 35   GLY A O   1 
ATOM   41   N  N   . ASP A 1 28  ? -7.111  10.175  -8.230  1.00 10.77 ? 36   ASP A N   1 
ATOM   42   C  CA  . ASP A 1 28  ? -7.232  9.743   -9.639  1.00 13.27 ? 36   ASP A CA  1 
ATOM   43   C  C   . ASP A 1 28  ? -6.067  10.161  -10.525 1.00 11.85 ? 36   ASP A C   1 
ATOM   44   O  O   . ASP A 1 28  ? -6.013  9.805   -11.707 1.00 13.79 ? 36   ASP A O   1 
ATOM   45   C  CB  . ASP A 1 28  ? -8.601  10.019  -10.250 1.00 18.07 ? 36   ASP A CB  1 
ATOM   46   C  CG  . ASP A 1 28  ? -9.687  9.081   -9.688  1.00 21.35 ? 36   ASP A CG  1 
ATOM   47   O  OD1 . ASP A 1 28  ? -9.392  8.002   -9.089  1.00 21.56 ? 36   ASP A OD1 1 
ATOM   48   O  OD2 . ASP A 1 28  ? -10.893 9.364   -9.829  1.00 26.44 ? 36   ASP A OD2 1 
ATOM   49   N  N   . HIS A 1 29  ? -5.130  10.900  -9.943  1.00 10.40 ? 37   HIS A N   1 
ATOM   50   C  CA  . HIS A 1 29  ? -3.829  11.145  -10.568 1.00 9.42  ? 37   HIS A CA  1 
ATOM   51   C  C   . HIS A 1 29  ? -2.811  10.025  -10.301 1.00 9.45  ? 37   HIS A C   1 
ATOM   52   O  O   . HIS A 1 29  ? -1.675  10.147  -10.748 1.00 10.55 ? 37   HIS A O   1 
ATOM   53   C  CB  . HIS A 1 29  ? -3.246  12.454  -10.041 1.00 10.93 ? 37   HIS A CB  1 
ATOM   54   C  CG  . HIS A 1 29  ? -3.191  12.482  -8.555  1.00 10.12 ? 37   HIS A CG  1 
ATOM   55   N  ND1 . HIS A 1 29  ? -4.312  12.698  -7.789  1.00 12.50 ? 37   HIS A ND1 1 
ATOM   56   C  CD2 . HIS A 1 29  ? -2.176  12.244  -7.691  1.00 11.23 ? 37   HIS A CD2 1 
ATOM   57   C  CE1 . HIS A 1 29  ? -3.977  12.631  -6.515  1.00 12.06 ? 37   HIS A CE1 1 
ATOM   58   N  NE2 . HIS A 1 29  ? -2.693  12.333  -6.425  1.00 11.54 ? 37   HIS A NE2 1 
ATOM   59   N  N   . ILE A 1 30  ? -3.207  8.955   -9.600  1.00 8.99  ? 38   ILE A N   1 
ATOM   60   C  CA  . ILE A 1 30  ? -2.353  7.785   -9.374  1.00 8.90  ? 38   ILE A CA  1 
ATOM   61   C  C   . ILE A 1 30  ? -2.826  6.642   -10.242 1.00 7.82  ? 38   ILE A C   1 
ATOM   62   O  O   . ILE A 1 30  ? -4.023  6.492   -10.473 1.00 9.06  ? 38   ILE A O   1 
ATOM   63   C  CB  . ILE A 1 30  ? -2.337  7.405   -7.868  1.00 8.44  ? 38   ILE A CB  1 
ATOM   64   C  CG1 . ILE A 1 30  ? -1.624  8.512   -7.081  1.00 11.03 ? 38   ILE A CG1 1 
ATOM   65   C  CG2 . ILE A 1 30  ? -1.672  6.049   -7.635  1.00 9.08  ? 38   ILE A CG2 1 
ATOM   66   C  CD1 . ILE A 1 30  ? -1.760  8.459   -5.575  1.00 12.01 ? 38   ILE A CD1 1 
ATOM   67   N  N   . HIS A 1 31  ? -1.887  5.888   -10.801 1.00 8.67  ? 39   HIS A N   1 
ATOM   68   C  CA  . HIS A 1 31  ? -2.216  4.725   -11.618 1.00 8.36  ? 39   HIS A CA  1 
ATOM   69   C  C   . HIS A 1 31  ? -2.532  3.517   -10.743 1.00 8.21  ? 39   HIS A C   1 
ATOM   70   O  O   . HIS A 1 31  ? -1.649  3.015   -10.054 1.00 8.44  ? 39   HIS A O   1 
ATOM   71   C  CB  . HIS A 1 31  ? -1.042  4.406   -12.533 1.00 9.26  ? 39   HIS A CB  1 
ATOM   72   C  CG  . HIS A 1 31  ? -1.273  3.243   -13.424 1.00 9.05  ? 39   HIS A CG  1 
ATOM   73   N  ND1 . HIS A 1 31  ? -0.248  2.646   -14.108 1.00 9.82  ? 39   HIS A ND1 1 
ATOM   74   C  CD2 . HIS A 1 31  ? -2.401  2.564   -13.743 1.00 9.90  ? 39   HIS A CD2 1 
ATOM   75   C  CE1 . HIS A 1 31  ? -0.733  1.661   -14.841 1.00 10.52 ? 39   HIS A CE1 1 
ATOM   76   N  NE2 . HIS A 1 31  ? -2.036  1.583   -14.631 1.00 10.32 ? 39   HIS A NE2 1 
ATOM   77   N  N   . TRP A 1 32  ? -3.788  3.077   -10.773 1.00 8.39  ? 40   TRP A N   1 
ATOM   78   C  CA  . TRP A 1 32  ? -4.260  1.965   -9.948  1.00 8.88  ? 40   TRP A CA  1 
ATOM   79   C  C   . TRP A 1 32  ? -4.408  0.707   -10.785 1.00 8.98  ? 40   TRP A C   1 
ATOM   80   O  O   . TRP A 1 32  ? -5.060  0.753   -11.844 1.00 11.24 ? 40   TRP A O   1 
ATOM   81   C  CB  . TRP A 1 32  ? -5.606  2.315   -9.296  1.00 9.25  ? 40   TRP A CB  1 
ATOM   82   C  CG  . TRP A 1 32  ? -5.468  3.481   -8.381  1.00 8.36  ? 40   TRP A CG  1 
ATOM   83   C  CD1 . TRP A 1 32  ? -5.851  4.777   -8.617  1.00 9.36  ? 40   TRP A CD1 1 
ATOM   84   C  CD2 . TRP A 1 32  ? -4.822  3.492   -7.103  1.00 8.40  ? 40   TRP A CD2 1 
ATOM   85   N  NE1 . TRP A 1 32  ? -5.506  5.590   -7.558  1.00 9.55  ? 40   TRP A NE1 1 
ATOM   86   C  CE2 . TRP A 1 32  ? -4.885  4.822   -6.608  1.00 8.87  ? 40   TRP A CE2 1 
ATOM   87   C  CE3 . TRP A 1 32  ? -4.200  2.506   -6.307  1.00 8.95  ? 40   TRP A CE3 1 
ATOM   88   C  CZ2 . TRP A 1 32  ? -4.331  5.182   -5.373  1.00 9.42  ? 40   TRP A CZ2 1 
ATOM   89   C  CZ3 . TRP A 1 32  ? -3.669  2.863   -5.103  1.00 8.47  ? 40   TRP A CZ3 1 
ATOM   90   C  CH2 . TRP A 1 32  ? -3.749  4.183   -4.629  1.00 9.41  ? 40   TRP A CH2 1 
ATOM   91   N  N   . ARG A 1 33  ? -3.865  -0.396  -10.284 1.00 9.48  ? 41   ARG A N   1 
ATOM   92   C  CA  . ARG A 1 33  ? -3.950  -1.702  -10.949 1.00 9.97  ? 41   ARG A CA  1 
ATOM   93   C  C   . ARG A 1 33  ? -4.726  -2.671  -10.071 1.00 10.16 ? 41   ARG A C   1 
ATOM   94   O  O   . ARG A 1 33  ? -4.732  -2.525  -8.851  1.00 10.39 ? 41   ARG A O   1 
ATOM   95   C  CB  . ARG A 1 33  ? -2.551  -2.292  -11.203 1.00 10.16 ? 41   ARG A CB  1 
ATOM   96   C  CG  . ARG A 1 33  ? -1.637  -1.493  -12.143 1.00 10.61 ? 41   ARG A CG  1 
ATOM   97   C  CD  . ARG A 1 33  ? -1.056  -0.215  -11.583 1.00 10.16 ? 41   ARG A CD  1 
ATOM   98   N  NE  . ARG A 1 33  ? 0.293   -0.008  -12.132 1.00 9.17  ? 41   ARG A NE  1 
ATOM   99   C  CZ  . ARG A 1 33  ? 1.131   0.937   -11.706 1.00 8.49  ? 41   ARG A CZ  1 
ATOM   100  N  NH1 . ARG A 1 33  ? 0.753   1.778   -10.730 1.00 8.67  ? 41   ARG A NH1 1 
ATOM   101  N  NH2 . ARG A 1 33  ? 2.361   1.019   -12.214 1.00 9.55  ? 41   ARG A NH2 1 
ATOM   102  N  N   . THR A 1 34  ? -5.310  -3.709  -10.651 1.00 11.48 ? 42   THR A N   1 
ATOM   103  C  CA  . THR A 1 34  ? -5.782  -4.822  -9.831  1.00 11.90 ? 42   THR A CA  1 
ATOM   104  C  C   . THR A 1 34  ? -4.596  -5.611  -9.299  1.00 11.83 ? 42   THR A C   1 
ATOM   105  O  O   . THR A 1 34  ? -3.470  -5.452  -9.775  1.00 11.56 ? 42   THR A O   1 
ATOM   106  C  CB  . THR A 1 34  ? -6.686  -5.779  -10.622 1.00 14.13 ? 42   THR A CB  1 
ATOM   107  O  OG1 . THR A 1 34  ? -5.916  -6.344  -11.689 1.00 16.02 ? 42   THR A OG1 1 
ATOM   108  C  CG2 . THR A 1 34  ? -7.892  -5.055  -11.235 1.00 16.51 ? 42   THR A CG2 1 
ATOM   109  N  N   . LEU A 1 35  ? -4.828  -6.481  -8.312  1.00 11.99 ? 43   LEU A N   1 
ATOM   110  C  CA  . LEU A 1 35  ? -3.718  -7.262  -7.790  1.00 11.96 ? 43   LEU A CA  1 
ATOM   111  C  C   . LEU A 1 35  ? -3.137  -8.204  -8.864  1.00 12.94 ? 43   LEU A C   1 
ATOM   112  O  O   . LEU A 1 35  ? -1.919  -8.304  -9.000  1.00 13.15 ? 43   LEU A O   1 
ATOM   113  C  CB  . LEU A 1 35  ? -4.105  -8.020  -6.522  1.00 13.68 ? 43   LEU A CB  1 
ATOM   114  C  CG  . LEU A 1 35  ? -2.964  -8.722  -5.786  1.00 13.48 ? 43   LEU A CG  1 
ATOM   115  C  CD1 . LEU A 1 35  ? -1.915  -7.761  -5.270  1.00 14.93 ? 43   LEU A CD1 1 
ATOM   116  C  CD2 . LEU A 1 35  ? -3.510  -9.607  -4.684  1.00 16.44 ? 43   LEU A CD2 1 
ATOM   117  N  N   . GLU A 1 36  ? -4.004  -8.840  -9.640  1.00 13.71 ? 44   GLU A N   1 
ATOM   118  C  CA  . GLU A 1 36  ? -3.551  -9.793  -10.645 1.00 14.75 ? 44   GLU A CA  1 
ATOM   119  C  C   . GLU A 1 36  ? -2.779  -9.096  -11.764 1.00 14.71 ? 44   GLU A C   1 
ATOM   120  O  O   . GLU A 1 36  ? -1.675  -9.520  -12.135 1.00 15.98 ? 44   GLU A O   1 
ATOM   121  C  CB  . GLU A 1 36  ? -4.743  -10.567 -11.216 1.00 16.17 ? 44   GLU A CB  1 
ATOM   122  N  N   . ASP A 1 37  ? -3.362  -8.045  -12.336 1.00 14.06 ? 45   ASP A N   1 
ATOM   123  C  CA  . ASP A 1 37  ? -2.672  -7.302  -13.386 1.00 15.36 ? 45   ASP A CA  1 
ATOM   124  C  C   . ASP A 1 37  ? -1.428  -6.650  -12.823 1.00 13.26 ? 45   ASP A C   1 
ATOM   125  O  O   . ASP A 1 37  ? -0.395  -6.577  -13.479 1.00 14.31 ? 45   ASP A O   1 
ATOM   126  C  CB  . ASP A 1 37  ? -3.550  -6.182  -13.943 1.00 18.62 ? 45   ASP A CB  1 
ATOM   127  C  CG  . ASP A 1 37  ? -4.750  -6.670  -14.728 1.00 23.71 ? 45   ASP A CG  1 
ATOM   128  O  OD1 . ASP A 1 37  ? -4.768  -7.842  -15.158 1.00 26.58 ? 45   ASP A OD1 1 
ATOM   129  O  OD2 . ASP A 1 37  ? -5.717  -5.902  -14.969 1.00 25.80 ? 45   ASP A OD2 1 
ATOM   130  N  N   . GLY A 1 38  ? -1.545  -6.125  -11.611 1.00 11.99 ? 46   GLY A N   1 
ATOM   131  C  CA  . GLY A 1 38  ? -0.423  -5.457  -10.988 1.00 12.59 ? 46   GLY A CA  1 
ATOM   132  C  C   . GLY A 1 38  ? 0.753   -6.387  -10.750 1.00 11.52 ? 46   GLY A C   1 
ATOM   133  O  O   . GLY A 1 38  ? 1.896   -5.999  -10.980 1.00 11.53 ? 46   GLY A O   1 
ATOM   134  N  N   . LYS A 1 39  ? 0.503   -7.606  -10.279 1.00 12.08 ? 47   LYS A N   1 
ATOM   135  C  CA  . LYS A 1 39  ? 1.612   -8.533  -10.099 1.00 11.93 ? 47   LYS A CA  1 
ATOM   136  C  C   . LYS A 1 39  ? 2.322   -8.846  -11.431 1.00 12.91 ? 47   LYS A C   1 
ATOM   137  O  O   . LYS A 1 39  ? 3.560   -8.968  -11.481 1.00 13.96 ? 47   LYS A O   1 
ATOM   138  C  CB  . LYS A 1 39  ? 1.169   -9.824  -9.418  1.00 14.18 ? 47   LYS A CB  1 
ATOM   139  C  CG  . LYS A 1 39  ? 1.034   -9.696  -7.918  1.00 14.89 ? 47   LYS A CG  1 
ATOM   140  C  CD  . LYS A 1 39  ? 0.681   -11.045 -7.281  1.00 16.78 ? 47   LYS A CD  1 
ATOM   141  C  CE  . LYS A 1 39  ? 0.731   -10.974 -5.800  1.00 17.30 ? 47   LYS A CE  1 
ATOM   142  N  NZ  . LYS A 1 39  ? 0.620   -12.336 -5.196  1.00 20.96 ? 47   LYS A NZ  1 
ATOM   143  N  N   . LYS A 1 40  ? 1.548   -8.924  -12.509 1.00 13.51 ? 48   LYS A N   1 
ATOM   144  C  CA  . LYS A 1 40  ? 2.130   -9.180  -13.839 1.00 15.20 ? 48   LYS A CA  1 
ATOM   145  C  C   . LYS A 1 40  ? 3.044   -8.015  -14.258 1.00 14.84 ? 48   LYS A C   1 
ATOM   146  O  O   . LYS A 1 40  ? 4.191   -8.211  -14.686 1.00 15.92 ? 48   LYS A O   1 
ATOM   147  C  CB  . LYS A 1 40  ? 1.011   -9.395  -14.866 1.00 18.87 ? 48   LYS A CB  1 
ATOM   148  C  CG  A LYS A 1 40  ? 1.441   -9.626  -16.319 0.70 19.20 ? 48   LYS A CG  1 
ATOM   149  C  CG  B LYS A 1 40  ? 0.259   -10.698 -14.690 0.30 19.64 ? 48   LYS A CG  1 
ATOM   150  C  CD  A LYS A 1 40  ? 0.235   -9.936  -17.202 0.70 22.18 ? 48   LYS A CD  1 
ATOM   151  N  N   . GLU A 1 41  ? 2.542   -6.795  -14.080 0.70 11.08 ? 49   GLU A N   1 
ATOM   152  C  CA  . GLU A 1 41  ? 3.308   -5.605  -14.407 1.00 13.03 ? 49   GLU A CA  1 
ATOM   153  C  C   . GLU A 1 41  ? 4.562   -5.495  -13.532 1.00 14.30 ? 49   GLU A C   1 
ATOM   154  O  O   . GLU A 1 41  ? 5.633   -5.152  -14.016 1.00 15.42 ? 49   GLU A O   1 
ATOM   155  C  CB  . GLU A 1 41  ? 2.452   -4.361  -14.219 1.00 13.00 ? 49   GLU A CB  1 
ATOM   156  C  CG  . GLU A 1 41  ? 3.169   -3.108  -14.650 1.00 13.61 ? 49   GLU A CG  1 
ATOM   157  C  CD  . GLU A 1 41  ? 2.454   -1.844  -14.240 1.00 12.73 ? 49   GLU A CD  1 
ATOM   158  O  OE1 . GLU A 1 41  ? 1.235   -1.905  -13.948 1.00 13.79 ? 49   GLU A OE1 1 
ATOM   159  O  OE2 . GLU A 1 41  ? 3.112   -0.787  -14.256 1.00 13.63 ? 49   GLU A OE2 1 
ATOM   160  N  N   . ALA A 1 42  ? 4.434   -5.790  -12.236 1.00 12.43 ? 50   ALA A N   1 
ATOM   161  C  CA  . ALA A 1 42  ? 5.542   -5.661  -11.307 1.00 12.88 ? 50   ALA A CA  1 
ATOM   162  C  C   . ALA A 1 42  ? 6.693   -6.553  -11.702 1.00 13.65 ? 50   ALA A C   1 
ATOM   163  O  O   . ALA A 1 42  ? 7.853   -6.138  -11.669 1.00 15.12 ? 50   ALA A O   1 
ATOM   164  C  CB  . ALA A 1 42  ? 5.085   -6.000  -9.865  1.00 12.65 ? 50   ALA A CB  1 
ATOM   165  N  N   . ALA A 1 43  ? 6.348   -7.791  -12.024 1.00 14.68 ? 51   ALA A N   1 
ATOM   166  C  CA  . ALA A 1 43  ? 7.336   -8.777  -12.452 1.00 17.07 ? 51   ALA A CA  1 
ATOM   167  C  C   . ALA A 1 43  ? 8.032   -8.346  -13.748 1.00 18.37 ? 51   ALA A C   1 
ATOM   168  O  O   . ALA A 1 43  ? 9.264   -8.431  -13.835 1.00 21.19 ? 51   ALA A O   1 
ATOM   169  C  CB  . ALA A 1 43  ? 6.668   -10.144 -12.597 1.00 19.27 ? 51   ALA A CB  1 
ATOM   170  N  N   . ALA A 1 44  ? 7.262   -7.828  -14.702 1.00 16.95 ? 52   ALA A N   1 
ATOM   171  C  CA  . ALA A 1 44  ? 7.802   -7.435  -16.006 1.00 18.47 ? 52   ALA A CA  1 
ATOM   172  C  C   . ALA A 1 44  ? 8.621   -6.146  -15.941 1.00 19.37 ? 52   ALA A C   1 
ATOM   173  O  O   . ALA A 1 44  ? 9.609   -5.991  -16.677 1.00 21.94 ? 52   ALA A O   1 
ATOM   174  C  CB  . ALA A 1 44  ? 6.674   -7.284  -16.996 1.00 20.21 ? 52   ALA A CB  1 
ATOM   175  N  N   . SER A 1 45  ? 8.213   -5.211  -15.078 1.00 18.09 ? 53   SER A N   1 
ATOM   176  C  CA  . SER A 1 45  ? 8.881   -3.916  -14.948 1.00 17.12 ? 53   SER A CA  1 
ATOM   177  C  C   . SER A 1 45  ? 9.955   -3.848  -13.848 1.00 16.99 ? 53   SER A C   1 
ATOM   178  O  O   . SER A 1 45  ? 10.701  -2.861  -13.778 1.00 19.84 ? 53   SER A O   1 
ATOM   179  C  CB  . SER A 1 45  ? 7.854   -2.790  -14.735 1.00 17.65 ? 53   SER A CB  1 
ATOM   180  O  OG  . SER A 1 45  ? 7.107   -2.522  -15.909 1.00 19.88 ? 53   SER A OG  1 
ATOM   181  N  N   . GLY A 1 46  ? 10.017  -4.867  -12.973 1.00 16.60 ? 54   GLY A N   1 
ATOM   182  C  CA  . GLY A 1 46  ? 10.918  -4.832  -11.827 1.00 16.10 ? 54   GLY A CA  1 
ATOM   183  C  C   . GLY A 1 46  ? 10.522  -3.792  -10.774 1.00 14.13 ? 54   GLY A C   1 
ATOM   184  O  O   . GLY A 1 46  ? 11.374  -3.238  -10.094 1.00 18.30 ? 54   GLY A O   1 
ATOM   185  N  N   . LEU A 1 47  ? 9.228   -3.531  -10.641 1.00 13.58 ? 55   LEU A N   1 
ATOM   186  C  CA  . LEU A 1 47  ? 8.730   -2.582  -9.656  1.00 12.09 ? 55   LEU A CA  1 
ATOM   187  C  C   . LEU A 1 47  ? 8.146   -3.329  -8.467  1.00 11.51 ? 55   LEU A C   1 
ATOM   188  O  O   . LEU A 1 47  ? 7.432   -4.300  -8.649  1.00 12.52 ? 55   LEU A O   1 
ATOM   189  C  CB  . LEU A 1 47  ? 7.647   -1.681  -10.274 1.00 13.14 ? 55   LEU A CB  1 
ATOM   190  C  CG  . LEU A 1 47  ? 8.026   -0.816  -11.478 1.00 13.61 ? 55   LEU A CG  1 
ATOM   191  C  CD1 . LEU A 1 47  ? 6.803   -0.165  -12.086 1.00 16.44 ? 55   LEU A CD1 1 
ATOM   192  C  CD2 . LEU A 1 47  ? 9.076   0.204   -11.100 1.00 17.69 ? 55   LEU A CD2 1 
ATOM   193  N  N   . PRO A 1 48  ? 8.380   -2.836  -7.257  1.00 10.56 ? 56   PRO A N   1 
ATOM   194  C  CA  . PRO A 1 48  ? 7.636   -3.341  -6.092  1.00 9.86  ? 56   PRO A CA  1 
ATOM   195  C  C   . PRO A 1 48  ? 6.169   -2.937  -6.169  1.00 8.53  ? 56   PRO A C   1 
ATOM   196  O  O   . PRO A 1 48  ? 5.822   -2.021  -6.909  1.00 9.92  ? 56   PRO A O   1 
ATOM   197  C  CB  . PRO A 1 48  ? 8.324   -2.650  -4.920  1.00 11.25 ? 56   PRO A CB  1 
ATOM   198  C  CG  . PRO A 1 48  ? 8.897   -1.434  -5.489  1.00 14.36 ? 56   PRO A CG  1 
ATOM   199  C  CD  . PRO A 1 48  ? 9.261   -1.717  -6.904  1.00 11.98 ? 56   PRO A CD  1 
ATOM   200  N  N   . LEU A 1 49  ? 5.324   -3.618  -5.400  1.00 8.80  ? 57   LEU A N   1 
ATOM   201  C  CA  . LEU A 1 49  ? 3.918   -3.242  -5.302  1.00 8.07  ? 57   LEU A CA  1 
ATOM   202  C  C   . LEU A 1 49  ? 3.652   -2.600  -3.960  1.00 7.43  ? 57   LEU A C   1 
ATOM   203  O  O   . LEU A 1 49  ? 4.261   -2.944  -2.946  1.00 9.20  ? 57   LEU A O   1 
ATOM   204  C  CB  . LEU A 1 49  ? 2.957   -4.408  -5.483  1.00 9.89  ? 57   LEU A CB  1 
ATOM   205  C  CG  . LEU A 1 49  ? 3.106   -5.241  -6.753  1.00 9.69  ? 57   LEU A CG  1 
ATOM   206  C  CD1 . LEU A 1 49  ? 4.007   -6.464  -6.512  1.00 11.18 ? 57   LEU A CD1 1 
ATOM   207  C  CD2 . LEU A 1 49  ? 1.741   -5.647  -7.266  1.00 11.00 ? 57   LEU A CD2 1 
ATOM   208  N  N   . MET A 1 50  ? 2.700   -1.662  -3.970  1.00 7.60  ? 58   MET A N   1 
ATOM   209  C  CA  . MET A 1 50  ? 2.146   -1.076  -2.750  1.00 7.37  ? 58   MET A CA  1 
ATOM   210  C  C   . MET A 1 50  ? 0.667   -1.426  -2.767  1.00 7.00  ? 58   MET A C   1 
ATOM   211  O  O   . MET A 1 50  ? -0.048  -1.033  -3.699  1.00 7.97  ? 58   MET A O   1 
ATOM   212  C  CB  . MET A 1 50  ? 2.352   0.429   -2.752  1.00 8.14  ? 58   MET A CB  1 
ATOM   213  C  CG  . MET A 1 50  ? 1.755   1.119   -1.569  1.00 8.52  ? 58   MET A CG  1 
ATOM   214  S  SD  . MET A 1 50  ? 2.055   2.877   -1.658  1.00 8.84  ? 58   MET A SD  1 
ATOM   215  C  CE  . MET A 1 50  ? 1.456   3.436   -0.082  1.00 9.66  ? 58   MET A CE  1 
ATOM   216  N  N   . VAL A 1 51  ? 0.216   -2.160  -1.751  1.00 7.04  ? 59   VAL A N   1 
ATOM   217  C  CA  . VAL A 1 51  ? -1.160  -2.654  -1.692  1.00 7.26  ? 59   VAL A CA  1 
ATOM   218  C  C   . VAL A 1 51  ? -1.851  -2.033  -0.484  1.00 7.08  ? 59   VAL A C   1 
ATOM   219  O  O   . VAL A 1 51  ? -1.394  -2.172  0.662   1.00 8.70  ? 59   VAL A O   1 
ATOM   220  C  CB  . VAL A 1 51  ? -1.165  -4.200  -1.590  1.00 8.45  ? 59   VAL A CB  1 
ATOM   221  C  CG1 . VAL A 1 51  ? -2.589  -4.720  -1.423  1.00 10.20 ? 59   VAL A CG1 1 
ATOM   222  C  CG2 . VAL A 1 51  ? -0.462  -4.812  -2.798  1.00 9.34  ? 59   VAL A CG2 1 
ATOM   223  N  N   . ILE A 1 52  ? -2.963  -1.355  -0.745  1.00 7.62  ? 60   ILE A N   1 
ATOM   224  C  CA  . ILE A 1 52  ? -3.770  -0.716  0.288   1.00 7.59  ? 60   ILE A CA  1 
ATOM   225  C  C   . ILE A 1 52  ? -5.081  -1.467  0.404   1.00 7.90  ? 60   ILE A C   1 
ATOM   226  O  O   . ILE A 1 52  ? -5.872  -1.472  -0.552  1.00 8.66  ? 60   ILE A O   1 
ATOM   227  C  CB  . ILE A 1 52  ? -4.043  0.775   -0.062  1.00 8.85  ? 60   ILE A CB  1 
ATOM   228  C  CG1 . ILE A 1 52  ? -2.737  1.509   -0.363  1.00 11.44 ? 60   ILE A CG1 1 
ATOM   229  C  CG2 . ILE A 1 52  ? -4.855  1.448   1.037   1.00 10.57 ? 60   ILE A CG2 1 
ATOM   230  C  CD1 . ILE A 1 52  ? -3.039  2.876   -1.011  1.00 16.55 ? 60   ILE A CD1 1 
ATOM   231  N  N   . ILE A 1 53  ? -5.331  -2.098  1.544   1.00 7.71  ? 61   ILE A N   1 
ATOM   232  C  CA  . ILE A 1 53  ? -6.583  -2.816  1.804   1.00 8.12  ? 61   ILE A CA  1 
ATOM   233  C  C   . ILE A 1 53  ? -7.498  -1.940  2.640   1.00 7.21  ? 61   ILE A C   1 
ATOM   234  O  O   . ILE A 1 53  ? -7.094  -1.468  3.692   1.00 7.96  ? 61   ILE A O   1 
ATOM   235  C  CB  . ILE A 1 53  ? -6.269  -4.149  2.513   1.00 8.50  ? 61   ILE A CB  1 
ATOM   236  C  CG1 . ILE A 1 53  ? -5.466  -5.048  1.552   1.00 10.40 ? 61   ILE A CG1 1 
ATOM   237  C  CG2 . ILE A 1 53  ? -7.552  -4.829  2.986   1.00 10.61 ? 61   ILE A CG2 1 
ATOM   238  C  CD1 . ILE A 1 53  ? -4.833  -6.252  2.225   1.00 11.94 ? 61   ILE A CD1 1 
ATOM   239  N  N   . HIS A 1 54  ? -8.724  -1.718  2.154   1.00 7.52  ? 62   HIS A N   1 
ATOM   240  C  CA  . HIS A 1 54  ? -9.607  -0.770  2.782   1.00 7.76  ? 62   HIS A CA  1 
ATOM   241  C  C   . HIS A 1 54  ? -11.051 -1.196  2.609   1.00 7.88  ? 62   HIS A C   1 
ATOM   242  O  O   . HIS A 1 54  ? -11.362 -2.049  1.773   1.00 9.16  ? 62   HIS A O   1 
ATOM   243  C  CB  . HIS A 1 54  ? -9.343  0.626   2.212   1.00 8.06  ? 62   HIS A CB  1 
ATOM   244  C  CG  . HIS A 1 54  ? -9.628  0.756   0.755   1.00 7.19  ? 62   HIS A CG  1 
ATOM   245  N  ND1 . HIS A 1 54  ? -10.767 1.355   0.268   1.00 8.72  ? 62   HIS A ND1 1 
ATOM   246  C  CD2 . HIS A 1 54  ? -8.905  0.361   -0.311  1.00 8.38  ? 62   HIS A CD2 1 
ATOM   247  C  CE1 . HIS A 1 54  ? -10.706 1.348   -1.051  1.00 8.56  ? 62   HIS A CE1 1 
ATOM   248  N  NE2 . HIS A 1 54  ? -9.586  0.751   -1.428  1.00 8.15  ? 62   HIS A NE2 1 
ATOM   249  N  N   . LYS A 1 55  ? -11.947 -0.615  3.415   1.00 8.05  ? 63   LYS A N   1 
ATOM   250  C  CA  . LYS A 1 55  ? -13.388 -0.918  3.334   1.00 9.28  ? 63   LYS A CA  1 
ATOM   251  C  C   . LYS A 1 55  ? -14.174 0.364   3.210   1.00 8.55  ? 63   LYS A C   1 
ATOM   252  O  O   . LYS A 1 55  ? -13.828 1.380   3.815   1.00 9.26  ? 63   LYS A O   1 
ATOM   253  C  CB  . LYS A 1 55  ? -13.853 -1.710  4.573   1.00 10.44 ? 63   LYS A CB  1 
ATOM   254  C  CG  . LYS A 1 55  ? -13.012 -2.939  4.852   1.00 12.88 ? 63   LYS A CG  1 
ATOM   255  C  CD  . LYS A 1 55  ? -13.192 -4.039  3.850   1.00 13.30 ? 63   LYS A CD  1 
ATOM   256  C  CE  . LYS A 1 55  ? -12.268 -5.196  4.184   1.00 16.63 ? 63   LYS A CE  1 
ATOM   257  N  NZ  . LYS A 1 55  ? -12.525 -6.372  3.345   1.00 18.85 ? 63   LYS A NZ  1 
ATOM   258  N  N   . SER A 1 56  ? -15.272 0.284   2.481   1.00 8.66  ? 64   SER A N   1 
ATOM   259  C  CA  . SER A 1 56  ? -16.042 1.467   2.111   1.00 8.99  ? 64   SER A CA  1 
ATOM   260  C  C   . SER A 1 56  ? -16.851 2.064   3.257   1.00 8.97  ? 64   SER A C   1 
ATOM   261  O  O   . SER A 1 56  ? -17.323 3.188   3.151   1.00 10.43 ? 64   SER A O   1 
ATOM   262  C  CB  . SER A 1 56  ? -16.928 1.164   0.914   1.00 10.81 ? 64   SER A CB  1 
ATOM   263  O  OG  . SER A 1 56  ? -17.848 0.145   1.247   1.00 11.59 ? 64   SER A OG  1 
ATOM   264  N  N   . TRP A 1 57  ? -16.993 1.322   4.357   1.00 9.02  ? 65   TRP A N   1 
ATOM   265  C  CA  . TRP A 1 57  ? -17.732 1.788   5.531   1.00 9.28  ? 65   TRP A CA  1 
ATOM   266  C  C   . TRP A 1 57  ? -16.835 2.284   6.644   1.00 10.42 ? 65   TRP A C   1 
ATOM   267  O  O   . TRP A 1 57  ? -17.330 2.878   7.586   1.00 12.56 ? 65   TRP A O   1 
ATOM   268  C  CB  . TRP A 1 57  ? -18.630 0.663   6.060   1.00 10.29 ? 65   TRP A CB  1 
ATOM   269  C  CG  A TRP A 1 57  ? -17.837 -0.522  6.552   0.65 11.33 ? 65   TRP A CG  1 
ATOM   270  C  CG  B TRP A 1 57  ? -17.911 -0.639  6.250   0.35 9.90  ? 65   TRP A CG  1 
ATOM   271  C  CD1 A TRP A 1 57  ? -17.261 -0.696  7.794   0.65 12.66 ? 65   TRP A CD1 1 
ATOM   272  C  CD1 B TRP A 1 57  ? -17.876 -1.694  5.381   0.35 10.00 ? 65   TRP A CD1 1 
ATOM   273  C  CD2 A TRP A 1 57  ? -17.508 -1.687  5.803   0.65 11.74 ? 65   TRP A CD2 1 
ATOM   274  C  CD2 B TRP A 1 57  ? -17.102 -1.017  7.369   0.35 9.82  ? 65   TRP A CD2 1 
ATOM   275  N  NE1 A TRP A 1 57  ? -16.611 -1.907  7.851   0.65 13.96 ? 65   TRP A NE1 1 
ATOM   276  N  NE1 B TRP A 1 57  ? -17.113 -2.714  5.900   0.35 9.18  ? 65   TRP A NE1 1 
ATOM   277  C  CE2 A TRP A 1 57  ? -16.753 -2.544  6.644   0.65 12.50 ? 65   TRP A CE2 1 
ATOM   278  C  CE2 B TRP A 1 57  ? -16.621 -2.322  7.120   0.35 9.90  ? 65   TRP A CE2 1 
ATOM   279  C  CE3 A TRP A 1 57  ? -17.774 -2.103  4.499   0.65 11.40 ? 65   TRP A CE3 1 
ATOM   280  C  CE3 B TRP A 1 57  ? -16.748 -0.390  8.579   0.35 10.64 ? 65   TRP A CE3 1 
ATOM   281  C  CZ2 A TRP A 1 57  ? -16.263 -3.795  6.209   0.65 13.77 ? 65   TRP A CZ2 1 
ATOM   282  C  CZ2 B TRP A 1 57  ? -15.795 -3.002  8.022   0.35 11.42 ? 65   TRP A CZ2 1 
ATOM   283  C  CZ3 A TRP A 1 57  ? -17.294 -3.341  4.065   0.65 14.51 ? 65   TRP A CZ3 1 
ATOM   284  C  CZ3 B TRP A 1 57  ? -15.919 -1.065  9.464   0.35 12.73 ? 65   TRP A CZ3 1 
ATOM   285  C  CH2 A TRP A 1 57  ? -16.549 -4.174  4.924   0.65 15.63 ? 65   TRP A CH2 1 
ATOM   286  C  CH2 B TRP A 1 57  ? -15.463 -2.356  9.182   0.35 13.13 ? 65   TRP A CH2 1 
ATOM   287  N  N   A CYS A 1 58  ? -15.524 2.029   6.542   0.60 9.65  ? 66   CYS A N   1 
ATOM   288  N  N   B CYS A 1 58  ? -15.521 2.085   6.486   0.40 9.44  ? 66   CYS A N   1 
ATOM   289  C  CA  A CYS A 1 58  ? -14.631 2.237   7.674   0.60 11.08 ? 66   CYS A CA  1 
ATOM   290  C  CA  B CYS A 1 58  ? -14.517 2.221   7.538   0.40 10.34 ? 66   CYS A CA  1 
ATOM   291  C  C   A CYS A 1 58  ? -14.196 3.678   7.782   0.60 10.38 ? 66   CYS A C   1 
ATOM   292  C  C   B CYS A 1 58  ? -14.137 3.695   7.759   0.40 10.75 ? 66   CYS A C   1 
ATOM   293  O  O   A CYS A 1 58  ? -13.775 4.298   6.824   0.60 10.24 ? 66   CYS A O   1 
ATOM   294  O  O   B CYS A 1 58  ? -13.748 4.381   6.823   0.40 10.69 ? 66   CYS A O   1 
ATOM   295  C  CB  A CYS A 1 58  ? -13.418 1.329   7.572   0.60 13.51 ? 66   CYS A CB  1 
ATOM   296  C  CB  B CYS A 1 58  ? -13.335 1.350   7.098   0.40 10.24 ? 66   CYS A CB  1 
ATOM   297  S  SG  A CYS A 1 58  ? -12.214 1.641   8.865   0.60 17.87 ? 66   CYS A SG  1 
ATOM   298  S  SG  B CYS A 1 58  ? -11.703 1.669   7.778   0.40 12.05 ? 66   CYS A SG  1 
ATOM   299  N  N   . GLY A 1 59  ? -14.269 4.189   8.992   1.00 11.04 ? 67   GLY A N   1 
ATOM   300  C  CA  . GLY A 1 59  ? -13.928 5.564   9.286   1.00 9.87  ? 67   GLY A CA  1 
ATOM   301  C  C   . GLY A 1 59  ? -12.448 5.873   9.130   1.00 8.84  ? 67   GLY A C   1 
ATOM   302  O  O   . GLY A 1 59  ? -12.086 6.955   8.698   1.00 9.14  ? 67   GLY A O   1 
ATOM   303  N  N   . ALA A 1 60  ? -11.580 4.927   9.485   1.00 8.86  ? 68   ALA A N   1 
ATOM   304  C  CA  . ALA A 1 60  ? -10.138 5.138   9.320   1.00 8.47  ? 68   ALA A CA  1 
ATOM   305  C  C   . ALA A 1 60  ? -9.811  5.243   7.828   1.00 8.50  ? 68   ALA A C   1 
ATOM   306  O  O   . ALA A 1 60  ? -8.988  6.069   7.411   1.00 8.82  ? 68   ALA A O   1 
ATOM   307  C  CB  . ALA A 1 60  ? -9.354  3.996   9.965   1.00 10.21 ? 68   ALA A CB  1 
ATOM   308  N  N   A CYS A 1 61  ? -10.464 4.416   7.019   0.60 8.10  ? 69   CYS A N   1 
ATOM   309  N  N   B CYS A 1 61  ? -10.461 4.406   7.023   0.40 9.27  ? 69   CYS A N   1 
ATOM   310  C  CA  A CYS A 1 61  ? -10.219 4.432   5.584   0.60 8.26  ? 69   CYS A CA  1 
ATOM   311  C  CA  B CYS A 1 61  ? -10.240 4.403   5.580   0.40 10.45 ? 69   CYS A CA  1 
ATOM   312  C  C   A CYS A 1 61  ? -10.696 5.742   4.976   0.60 9.19  ? 69   CYS A C   1 
ATOM   313  C  C   B CYS A 1 61  ? -10.708 5.719   4.967   0.40 9.73  ? 69   CYS A C   1 
ATOM   314  O  O   A CYS A 1 61  ? -10.003 6.380   4.181   0.60 9.90  ? 69   CYS A O   1 
ATOM   315  O  O   B CYS A 1 61  ? -10.014 6.332   4.158   0.40 10.47 ? 69   CYS A O   1 
ATOM   316  C  CB  A CYS A 1 61  ? -10.917 3.244   4.923   0.60 9.10  ? 69   CYS A CB  1 
ATOM   317  C  CB  B CYS A 1 61  ? -10.954 3.212   4.933   0.40 13.41 ? 69   CYS A CB  1 
ATOM   318  S  SG  A CYS A 1 61  ? -10.386 1.628   5.572   0.60 8.76  ? 69   CYS A SG  1 
ATOM   319  S  SG  B CYS A 1 61  ? -10.567 1.605   5.686   0.40 16.24 ? 69   CYS A SG  1 
ATOM   320  N  N   . LYS A 1 62  ? -11.892 6.171   5.395   1.00 9.02  ? 70   LYS A N   1 
ATOM   321  C  CA  . LYS A 1 62  ? -12.445 7.427   4.932   1.00 9.25  ? 70   LYS A CA  1 
ATOM   322  C  C   . LYS A 1 62  ? -11.502 8.579   5.258   1.00 9.31  ? 70   LYS A C   1 
ATOM   323  O  O   . LYS A 1 62  ? -11.271 9.467   4.428   1.00 10.37 ? 70   LYS A O   1 
ATOM   324  C  CB  . LYS A 1 62  ? -13.822 7.644   5.570   1.00 9.44  ? 70   LYS A CB  1 
ATOM   325  C  CG  . LYS A 1 62  ? -14.384 9.032   5.362   1.00 10.80 ? 70   LYS A CG  1 
ATOM   326  C  CD  . LYS A 1 62  ? -15.717 9.247   6.089   1.00 12.25 ? 70   LYS A CD  1 
ATOM   327  C  CE  . LYS A 1 62  ? -16.230 10.671  5.908   1.00 13.58 ? 70   LYS A CE  1 
ATOM   328  N  NZ  . LYS A 1 62  ? -17.475 10.935  6.666   1.00 15.39 ? 70   LYS A NZ  1 
ATOM   329  N  N   . ALA A 1 63  ? -10.972 8.584   6.477   1.00 8.64  ? 71   ALA A N   1 
ATOM   330  C  CA  . ALA A 1 63  ? -10.105 9.681   6.890   1.00 8.95  ? 71   ALA A CA  1 
ATOM   331  C  C   . ALA A 1 63  ? -8.801  9.736   6.112   1.00 8.29  ? 71   ALA A C   1 
ATOM   332  O  O   . ALA A 1 63  ? -8.286  10.825  5.851   1.00 9.36  ? 71   ALA A O   1 
ATOM   333  C  CB  . ALA A 1 63  ? -9.835  9.639   8.392   1.00 9.95  ? 71   ALA A CB  1 
ATOM   334  N  N   . LEU A 1 64  ? -8.223  8.575   5.804   1.00 8.19  ? 72   LEU A N   1 
ATOM   335  C  CA  . LEU A 1 64  ? -6.932  8.526   5.142   1.00 7.84  ? 72   LEU A CA  1 
ATOM   336  C  C   . LEU A 1 64  ? -6.993  9.003   3.701   1.00 7.92  ? 72   LEU A C   1 
ATOM   337  O  O   . LEU A 1 64  ? -6.039  9.607   3.200   1.00 9.06  ? 72   LEU A O   1 
ATOM   338  C  CB  . LEU A 1 64  ? -6.336  7.115   5.232   1.00 9.01  ? 72   LEU A CB  1 
ATOM   339  C  CG  . LEU A 1 64  ? -4.947  6.922   4.637   1.00 9.60  ? 72   LEU A CG  1 
ATOM   340  C  CD1 . LEU A 1 64  ? -3.919  7.784   5.377   1.00 12.47 ? 72   LEU A CD1 1 
ATOM   341  C  CD2 . LEU A 1 64  ? -4.562  5.430   4.682   1.00 10.91 ? 72   LEU A CD2 1 
ATOM   342  N  N   . LYS A 1 65  ? -8.095  8.719   3.021   1.00 8.38  ? 73   LYS A N   1 
ATOM   343  C  CA  . LYS A 1 65  ? -8.193  8.967   1.582   1.00 8.80  ? 73   LYS A CA  1 
ATOM   344  C  C   . LYS A 1 65  ? -7.794  10.386  1.153   1.00 8.66  ? 73   LYS A C   1 
ATOM   345  O  O   . LYS A 1 65  ? -6.918  10.508  0.308   1.00 9.28  ? 73   LYS A O   1 
ATOM   346  C  CB  . LYS A 1 65  ? -9.601  8.640   1.091   1.00 9.27  ? 73   LYS A CB  1 
ATOM   347  C  CG  . LYS A 1 65  ? -9.818  7.167   0.934   1.00 9.45  ? 73   LYS A CG  1 
ATOM   348  C  CD  . LYS A 1 65  ? -11.271 6.851   0.683   1.00 10.21 ? 73   LYS A CD  1 
ATOM   349  C  CE  . LYS A 1 65  ? -11.486 5.363   0.595   1.00 10.45 ? 73   LYS A CE  1 
ATOM   350  N  NZ  . LYS A 1 65  ? -12.839 5.045   0.110   1.00 12.58 ? 73   LYS A NZ  1 
ATOM   351  N  N   . PRO A 1 66  ? -8.396  11.447  1.705   1.00 9.39  ? 74   PRO A N   1 
ATOM   352  C  CA  . PRO A 1 66  ? -8.025  12.787  1.212   1.00 9.99  ? 74   PRO A CA  1 
ATOM   353  C  C   . PRO A 1 66  ? -6.585  13.161  1.557   1.00 9.51  ? 74   PRO A C   1 
ATOM   354  O  O   . PRO A 1 66  ? -5.961  13.908  0.822   1.00 10.40 ? 74   PRO A O   1 
ATOM   355  C  CB  . PRO A 1 66  ? -9.031  13.719  1.885   1.00 11.30 ? 74   PRO A CB  1 
ATOM   356  C  CG  . PRO A 1 66  ? -9.460  12.969  3.108   1.00 12.01 ? 74   PRO A CG  1 
ATOM   357  C  CD  . PRO A 1 66  ? -9.498  11.520  2.691   1.00 10.30 ? 74   PRO A CD  1 
ATOM   358  N  N   . LYS A 1 67  ? -6.067  12.651  2.673   1.00 9.20  ? 75   LYS A N   1 
ATOM   359  C  CA  . LYS A 1 67  ? -4.682  12.906  3.049   1.00 9.40  ? 75   LYS A CA  1 
ATOM   360  C  C   . LYS A 1 67  ? -3.731  12.278  2.010   1.00 8.83  ? 75   LYS A C   1 
ATOM   361  O  O   . LYS A 1 67  ? -2.721  12.862  1.614   1.00 10.29 ? 75   LYS A O   1 
ATOM   362  C  CB  . LYS A 1 67  ? -4.408  12.372  4.455   1.00 10.03 ? 75   LYS A CB  1 
ATOM   363  C  CG  . LYS A 1 67  ? -5.327  13.018  5.500   1.00 11.20 ? 75   LYS A CG  1 
ATOM   364  C  CD  . LYS A 1 67  ? -5.298  12.287  6.841   1.00 10.30 ? 75   LYS A CD  1 
ATOM   365  C  CE  . LYS A 1 67  ? -6.355  12.832  7.756   1.00 11.12 ? 75   LYS A CE  1 
ATOM   366  N  NZ  . LYS A 1 67  ? -6.422  12.131  9.063   1.00 11.07 ? 75   LYS A NZ  1 
ATOM   367  N  N   . PHE A 1 68  ? -4.063  11.067  1.580   1.00 8.95  ? 76   PHE A N   1 
ATOM   368  C  CA  . PHE A 1 68  ? -3.281  10.352  0.594   1.00 8.65  ? 76   PHE A CA  1 
ATOM   369  C  C   . PHE A 1 68  ? -3.391  11.053  -0.771  1.00 9.11  ? 76   PHE A C   1 
ATOM   370  O  O   . PHE A 1 68  ? -2.382  11.254  -1.451  1.00 9.78  ? 76   PHE A O   1 
ATOM   371  C  CB  . PHE A 1 68  ? -3.848  8.936   0.551   1.00 10.34 ? 76   PHE A CB  1 
ATOM   372  C  CG  . PHE A 1 68  ? -2.986  7.906   -0.140  1.00 8.61  ? 76   PHE A CG  1 
ATOM   373  C  CD1 . PHE A 1 68  ? -2.306  6.939   0.627   1.00 10.09 ? 76   PHE A CD1 1 
ATOM   374  C  CD2 . PHE A 1 68  ? -2.901  7.830   -1.514  1.00 9.79  ? 76   PHE A CD2 1 
ATOM   375  C  CE1 . PHE A 1 68  ? -1.547  5.943   0.034   1.00 11.28 ? 76   PHE A CE1 1 
ATOM   376  C  CE2 . PHE A 1 68  ? -2.131  6.833   -2.112  1.00 11.36 ? 76   PHE A CE2 1 
ATOM   377  C  CZ  . PHE A 1 68  ? -1.461  5.903   -1.343  1.00 11.66 ? 76   PHE A CZ  1 
ATOM   378  N  N   . ALA A 1 69  ? -4.612  11.422  -1.165  1.00 9.21  ? 77   ALA A N   1 
ATOM   379  C  CA  . ALA A 1 69  ? -4.882  11.989  -2.473  1.00 10.13 ? 77   ALA A CA  1 
ATOM   380  C  C   . ALA A 1 69  ? -4.259  13.354  -2.640  1.00 10.30 ? 77   ALA A C   1 
ATOM   381  O  O   . ALA A 1 69  ? -3.909  13.728  -3.751  1.00 13.50 ? 77   ALA A O   1 
ATOM   382  C  CB  . ALA A 1 69  ? -6.378  12.031  -2.702  1.00 11.15 ? 77   ALA A CB  1 
ATOM   383  N  N   . GLU A 1 70  ? -4.116  14.112  -1.562  1.00 10.37 ? 78   GLU A N   1 
ATOM   384  C  CA  . GLU A 1 70  ? -3.632  15.483  -1.682  1.00 12.19 ? 78   GLU A CA  1 
ATOM   385  C  C   . GLU A 1 70  ? -2.116  15.618  -1.558  1.00 12.64 ? 78   GLU A C   1 
ATOM   386  O  O   . GLU A 1 70  ? -1.574  16.695  -1.732  1.00 16.49 ? 78   GLU A O   1 
ATOM   387  C  CB  . GLU A 1 70  ? -4.354  16.371  -0.675  1.00 15.11 ? 78   GLU A CB  1 
ATOM   388  C  CG  A GLU A 1 70  ? -3.817  16.235  0.739   0.60 19.02 ? 78   GLU A CG  1 
ATOM   389  C  CG  B GLU A 1 70  ? -5.815  16.610  -1.052  0.40 15.64 ? 78   GLU A CG  1 
ATOM   390  N  N   . SER A 1 71  ? -1.423  14.504  -1.343  1.00 10.50 ? 79   SER A N   1 
ATOM   391  C  CA  . SER A 1 71  ? 0.023   14.507  -1.151  1.00 10.49 ? 79   SER A CA  1 
ATOM   392  C  C   . SER A 1 71  ? 0.798   14.459  -2.459  1.00 10.96 ? 79   SER A C   1 
ATOM   393  O  O   . SER A 1 71  ? 0.785   13.462  -3.194  1.00 10.69 ? 79   SER A O   1 
ATOM   394  C  CB  . SER A 1 71  ? 0.422   13.327  -0.273  1.00 10.98 ? 79   SER A CB  1 
ATOM   395  O  OG  . SER A 1 71  ? 1.818   13.196  -0.245  1.00 11.15 ? 79   SER A OG  1 
ATOM   396  N  N   . THR A 1 72  ? 1.485   15.552  -2.764  1.00 12.11 ? 80   THR A N   1 
ATOM   397  C  CA  . THR A 1 72  ? 2.360   15.554  -3.932  1.00 13.56 ? 80   THR A CA  1 
ATOM   398  C  C   . THR A 1 72  ? 3.445   14.497  -3.807  1.00 11.34 ? 80   THR A C   1 
ATOM   399  O  O   . THR A 1 72  ? 3.786   13.839  -4.792  1.00 11.94 ? 80   THR A O   1 
ATOM   400  C  CB  A THR A 1 72  ? 2.958   16.954  -4.147  0.65 16.05 ? 80   THR A CB  1 
ATOM   401  C  CB  B THR A 1 72  ? 3.032   16.939  -4.105  0.35 16.18 ? 80   THR A CB  1 
ATOM   402  O  OG1 A THR A 1 72  ? 1.942   17.784  -4.715  0.65 17.40 ? 80   THR A OG1 1 
ATOM   403  O  OG1 B THR A 1 72  ? 3.843   17.211  -2.962  0.35 19.12 ? 80   THR A OG1 1 
ATOM   404  C  CG2 A THR A 1 72  ? 4.058   16.943  -5.214  0.65 16.55 ? 80   THR A CG2 1 
ATOM   405  C  CG2 B THR A 1 72  ? 2.007   18.068  -4.066  0.35 15.60 ? 80   THR A CG2 1 
ATOM   406  N  N   . GLU A 1 73  ? 4.007   14.351  -2.605  1.00 11.11 ? 81   GLU A N   1 
ATOM   407  C  CA  . GLU A 1 73  ? 5.103   13.415  -2.427  1.00 12.08 ? 81   GLU A CA  1 
ATOM   408  C  C   . GLU A 1 73  ? 4.650   11.973  -2.629  1.00 9.71  ? 81   GLU A C   1 
ATOM   409  O  O   . GLU A 1 73  ? 5.381   11.198  -3.242  1.00 10.64 ? 81   GLU A O   1 
ATOM   410  C  CB  . GLU A 1 73  ? 5.796   13.593  -1.087  1.00 13.72 ? 81   GLU A CB  1 
ATOM   411  C  CG  . GLU A 1 73  ? 7.122   12.843  -1.023  1.00 18.89 ? 81   GLU A CG  1 
ATOM   412  C  CD  . GLU A 1 73  ? 8.073   13.366  0.028   1.00 22.41 ? 81   GLU A CD  1 
ATOM   413  O  OE1 . GLU A 1 73  ? 7.626   14.054  0.978   1.00 23.94 ? 81   GLU A OE1 1 
ATOM   414  O  OE2 . GLU A 1 73  ? 9.282   13.054  -0.102  1.00 24.62 ? 81   GLU A OE2 1 
ATOM   415  N  N   . ILE A 1 74  ? 3.459   11.608  -2.139  1.00 9.49  ? 82   ILE A N   1 
ATOM   416  C  CA  . ILE A 1 74  ? 2.961   10.261  -2.410  1.00 8.75  ? 82   ILE A CA  1 
ATOM   417  C  C   . ILE A 1 74  ? 2.829   10.047  -3.921  1.00 9.05  ? 82   ILE A C   1 
ATOM   418  O  O   . ILE A 1 74  ? 3.217   8.993   -4.451  1.00 9.48  ? 82   ILE A O   1 
ATOM   419  C  CB  . ILE A 1 74  ? 1.633   10.000  -1.697  1.00 8.65  ? 82   ILE A CB  1 
ATOM   420  C  CG1 . ILE A 1 74  ? 1.871   9.877   -0.184  1.00 9.04  ? 82   ILE A CG1 1 
ATOM   421  C  CG2 . ILE A 1 74  ? 0.948   8.758   -2.259  1.00 9.87  ? 82   ILE A CG2 1 
ATOM   422  C  CD1 . ILE A 1 74  ? 0.601   9.758   0.622   1.00 9.92  ? 82   ILE A CD1 1 
ATOM   423  N  N   . SER A 1 75  ? 2.286   11.033  -4.639  1.00 8.94  ? 83   SER A N   1 
ATOM   424  C  CA  . SER A 1 75  ? 2.113   10.891  -6.080  1.00 9.82  ? 83   SER A CA  1 
ATOM   425  C  C   . SER A 1 75  ? 3.477   10.710  -6.770  1.00 9.76  ? 83   SER A C   1 
ATOM   426  O  O   . SER A 1 75  ? 3.656   9.829   -7.622  1.00 9.63  ? 83   SER A O   1 
ATOM   427  C  CB  . SER A 1 75  ? 1.394   12.108  -6.621  1.00 10.99 ? 83   SER A CB  1 
ATOM   428  O  OG  . SER A 1 75  ? 1.361   12.086  -8.042  1.00 12.40 ? 83   SER A OG  1 
ATOM   429  N  N   . GLU A 1 76  ? 4.471   11.512  -6.392  1.00 9.51  ? 84   GLU A N   1 
ATOM   430  C  CA  . GLU A 1 76  ? 5.794   11.401  -6.993  1.00 10.79 ? 84   GLU A CA  1 
ATOM   431  C  C   . GLU A 1 76  ? 6.388   10.030  -6.714  1.00 10.04 ? 84   GLU A C   1 
ATOM   432  O  O   . GLU A 1 76  ? 6.976   9.412   -7.590  1.00 10.82 ? 84   GLU A O   1 
ATOM   433  C  CB  . GLU A 1 76  ? 6.700   12.462  -6.408  1.00 13.22 ? 84   GLU A CB  1 
ATOM   434  C  CG  . GLU A 1 76  ? 6.451   13.875  -6.869  1.00 18.10 ? 84   GLU A CG  1 
ATOM   435  C  CD  . GLU A 1 76  ? 7.276   14.896  -6.071  1.00 20.67 ? 84   GLU A CD  1 
ATOM   436  O  OE1 . GLU A 1 76  ? 7.924   14.544  -5.039  1.00 23.88 ? 84   GLU A OE1 1 
ATOM   437  O  OE2 . GLU A 1 76  ? 7.246   16.076  -6.459  1.00 23.90 ? 84   GLU A OE2 1 
ATOM   438  N  N   . LEU A 1 77  ? 6.290   9.541   -5.486  1.00 9.70  ? 85   LEU A N   1 
ATOM   439  C  CA  . LEU A 1 77  ? 6.834   8.231   -5.159  1.00 9.77  ? 85   LEU A CA  1 
ATOM   440  C  C   . LEU A 1 77  ? 6.091   7.092   -5.836  1.00 9.31  ? 85   LEU A C   1 
ATOM   441  O  O   . LEU A 1 77  ? 6.689   6.050   -6.113  1.00 9.63  ? 85   LEU A O   1 
ATOM   442  C  CB  . LEU A 1 77  ? 6.888   8.043   -3.645  1.00 10.96 ? 85   LEU A CB  1 
ATOM   443  C  CG  . LEU A 1 77  ? 7.952   8.860   -2.923  1.00 12.17 ? 85   LEU A CG  1 
ATOM   444  C  CD1 . LEU A 1 77  ? 7.713   8.899   -1.423  1.00 13.98 ? 85   LEU A CD1 1 
ATOM   445  C  CD2 . LEU A 1 77  ? 9.335   8.287   -3.196  1.00 16.03 ? 85   LEU A CD2 1 
ATOM   446  N  N   . SER A 1 78  ? 4.798   7.289   -6.120  1.00 8.65  ? 86   SER A N   1 
ATOM   447  C  CA  . SER A 1 78  ? 3.972   6.207   -6.640  1.00 8.37  ? 86   SER A CA  1 
ATOM   448  C  C   . SER A 1 78  ? 4.454   5.702   -7.994  1.00 7.78  ? 86   SER A C   1 
ATOM   449  O  O   . SER A 1 78  ? 4.164   4.562   -8.340  1.00 8.87  ? 86   SER A O   1 
ATOM   450  C  CB  . SER A 1 78  ? 2.514   6.631   -6.748  1.00 9.14  ? 86   SER A CB  1 
ATOM   451  O  OG  . SER A 1 78  ? 2.279   7.515   -7.844  1.00 9.36  ? 86   SER A OG  1 
ATOM   452  N  N   . HIS A 1 79  ? 5.178   6.531   -8.738  1.00 8.30  ? 87   HIS A N   1 
ATOM   453  C  CA  . HIS A 1 79  ? 5.679   6.127   -10.039 1.00 8.89  ? 87   HIS A CA  1 
ATOM   454  C  C   . HIS A 1 79  ? 6.641   4.966   -9.954  1.00 8.39  ? 87   HIS A C   1 
ATOM   455  O  O   . HIS A 1 79  ? 6.839   4.240   -10.927 1.00 10.09 ? 87   HIS A O   1 
ATOM   456  C  CB  . HIS A 1 79  ? 6.323   7.307   -10.732 1.00 9.65  ? 87   HIS A CB  1 
ATOM   457  C  CG  . HIS A 1 79  ? 5.375   8.425   -10.917 1.00 9.44  ? 87   HIS A CG  1 
ATOM   458  N  ND1 . HIS A 1 79  ? 4.156   8.262   -11.534 1.00 10.40 ? 87   HIS A ND1 1 
ATOM   459  C  CD2 . HIS A 1 79  ? 5.416   9.700   -10.469 1.00 11.10 ? 87   HIS A CD2 1 
ATOM   460  C  CE1 . HIS A 1 79  ? 3.493   9.405   -11.486 1.00 11.39 ? 87   HIS A CE1 1 
ATOM   461  N  NE2 . HIS A 1 79  ? 4.232   10.291  -10.842 1.00 11.42 ? 87   HIS A NE2 1 
ATOM   462  N  N   . ASN A 1 80  ? 7.244   4.777   -8.782  1.00 8.79  ? 88   ASN A N   1 
ATOM   463  C  CA  . ASN A 1 80  ? 8.205   3.700   -8.504  1.00 9.82  ? 88   ASN A CA  1 
ATOM   464  C  C   . ASN A 1 80  ? 7.563   2.398   -8.058  1.00 8.80  ? 88   ASN A C   1 
ATOM   465  O  O   . ASN A 1 80  ? 8.277   1.430   -7.751  1.00 10.55 ? 88   ASN A O   1 
ATOM   466  C  CB  . ASN A 1 80  ? 9.219   4.176   -7.453  1.00 11.67 ? 88   ASN A CB  1 
ATOM   467  C  CG  . ASN A 1 80  ? 9.939   5.422   -7.900  1.00 14.64 ? 88   ASN A CG  1 
ATOM   468  O  OD1 . ASN A 1 80  ? 10.749  5.384   -8.808  1.00 17.57 ? 88   ASN A OD1 1 
ATOM   469  N  ND2 . ASN A 1 80  ? 9.603   6.542   -7.285  1.00 18.83 ? 88   ASN A ND2 1 
ATOM   470  N  N   . PHE A 1 81  ? 6.230   2.370   -8.013  1.00 8.31  ? 89   PHE A N   1 
ATOM   471  C  CA  . PHE A 1 81  ? 5.467   1.214   -7.552  1.00 8.67  ? 89   PHE A CA  1 
ATOM   472  C  C   . PHE A 1 81  ? 4.385   0.823   -8.514  1.00 8.27  ? 89   PHE A C   1 
ATOM   473  O  O   . PHE A 1 81  ? 3.864   1.653   -9.245  1.00 9.92  ? 89   PHE A O   1 
ATOM   474  C  CB  . PHE A 1 81  ? 4.768   1.533   -6.226  1.00 8.27  ? 89   PHE A CB  1 
ATOM   475  C  CG  . PHE A 1 81  ? 5.714   1.750   -5.097  1.00 8.09  ? 89   PHE A CG  1 
ATOM   476  C  CD1 . PHE A 1 81  ? 6.092   0.682   -4.283  1.00 8.66  ? 89   PHE A CD1 1 
ATOM   477  C  CD2 . PHE A 1 81  ? 6.216   3.018   -4.802  1.00 9.99  ? 89   PHE A CD2 1 
ATOM   478  C  CE1 . PHE A 1 81  ? 6.994   0.859   -3.233  1.00 10.26 ? 89   PHE A CE1 1 
ATOM   479  C  CE2 . PHE A 1 81  ? 7.132   3.194   -3.769  1.00 10.48 ? 89   PHE A CE2 1 
ATOM   480  C  CZ  . PHE A 1 81  ? 7.492   2.113   -2.962  1.00 10.22 ? 89   PHE A CZ  1 
ATOM   481  N  N   . VAL A 1 82  ? 4.008   -0.443  -8.460  1.00 8.25  ? 90   VAL A N   1 
ATOM   482  C  CA  . VAL A 1 82  ? 2.700   -0.848  -8.937  1.00 8.26  ? 90   VAL A CA  1 
ATOM   483  C  C   . VAL A 1 82  ? 1.726   -0.639  -7.774  1.00 7.79  ? 90   VAL A C   1 
ATOM   484  O  O   . VAL A 1 82  ? 1.834   -1.306  -6.739  1.00 8.51  ? 90   VAL A O   1 
ATOM   485  C  CB  . VAL A 1 82  ? 2.705   -2.298  -9.415  1.00 8.81  ? 90   VAL A CB  1 
ATOM   486  C  CG1 . VAL A 1 82  ? 1.319   -2.727  -9.810  1.00 10.54 ? 90   VAL A CG1 1 
ATOM   487  C  CG2 . VAL A 1 82  ? 3.671   -2.484  -10.576 1.00 10.77 ? 90   VAL A CG2 1 
ATOM   488  N  N   . MET A 1 83  ? 0.840   0.345   -7.927  1.00 7.68  ? 91   MET A N   1 
ATOM   489  C  CA  . MET A 1 83  ? -0.116  0.777   -6.908  1.00 7.05  ? 91   MET A CA  1 
ATOM   490  C  C   . MET A 1 83  ? -1.397  -0.006  -7.043  1.00 7.30  ? 91   MET A C   1 
ATOM   491  O  O   . MET A 1 83  ? -2.006  -0.050  -8.119  1.00 8.26  ? 91   MET A O   1 
ATOM   492  C  CB  . MET A 1 83  ? -0.398  2.270   -7.090  1.00 7.90  ? 91   MET A CB  1 
ATOM   493  C  CG  . MET A 1 83  ? 0.847   3.166   -6.975  1.00 8.62  ? 91   MET A CG  1 
ATOM   494  S  SD  . MET A 1 83  ? 1.533   3.308   -5.324  1.00 8.20  ? 91   MET A SD  1 
ATOM   495  C  CE  . MET A 1 83  ? 0.302   4.359   -4.552  1.00 9.14  ? 91   MET A CE  1 
ATOM   496  N  N   . VAL A 1 84  ? -1.847  -0.570  -5.921  1.00 7.56  ? 92   VAL A N   1 
ATOM   497  C  CA  . VAL A 1 84  ? -3.019  -1.410  -5.895  1.00 7.69  ? 92   VAL A CA  1 
ATOM   498  C  C   . VAL A 1 84  ? -3.851  -1.043  -4.680  1.00 7.53  ? 92   VAL A C   1 
ATOM   499  O  O   . VAL A 1 84  ? -3.345  -1.036  -3.550  1.00 8.66  ? 92   VAL A O   1 
ATOM   500  C  CB  . VAL A 1 84  ? -2.632  -2.916  -5.785  1.00 8.39  ? 92   VAL A CB  1 
ATOM   501  C  CG1 . VAL A 1 84  ? -3.870  -3.815  -5.710  1.00 9.94  ? 92   VAL A CG1 1 
ATOM   502  C  CG2 . VAL A 1 84  ? -1.714  -3.339  -6.954  1.00 9.80  ? 92   VAL A CG2 1 
ATOM   503  N  N   . ASN A 1 85  ? -5.132  -0.741  -4.877  1.00 8.10  ? 93   ASN A N   1 
ATOM   504  C  CA  . ASN A 1 85  ? -6.037  -0.600  -3.735  1.00 8.21  ? 93   ASN A CA  1 
ATOM   505  C  C   . ASN A 1 85  ? -7.127  -1.642  -3.854  1.00 8.15  ? 93   ASN A C   1 
ATOM   506  O  O   . ASN A 1 85  ? -7.661  -1.856  -4.947  1.00 9.32  ? 93   ASN A O   1 
ATOM   507  C  CB  . ASN A 1 85  ? -6.565  0.833   -3.557  1.00 8.59  ? 93   ASN A CB  1 
ATOM   508  C  CG  . ASN A 1 85  ? -7.743  1.152   -4.464  1.00 8.52  ? 93   ASN A CG  1 
ATOM   509  O  OD1 . ASN A 1 85  ? -8.894  0.843   -4.145  1.00 8.84  ? 93   ASN A OD1 1 
ATOM   510  N  ND2 . ASN A 1 85  ? -7.481  1.817   -5.586  1.00 9.47  ? 93   ASN A ND2 1 
ATOM   511  N  N   . LEU A 1 86  ? -7.403  -2.317  -2.735  1.00 8.46  ? 94   LEU A N   1 
ATOM   512  C  CA  . LEU A 1 86  ? -8.341  -3.426  -2.678  1.00 8.47  ? 94   LEU A CA  1 
ATOM   513  C  C   . LEU A 1 86  ? -9.445  -3.070  -1.715  1.00 8.05  ? 94   LEU A C   1 
ATOM   514  O  O   . LEU A 1 86  ? -9.227  -2.957  -0.515  1.00 9.14  ? 94   LEU A O   1 
ATOM   515  C  CB  . LEU A 1 86  ? -7.625  -4.705  -2.251  1.00 9.76  ? 94   LEU A CB  1 
ATOM   516  C  CG  . LEU A 1 86  ? -6.437  -5.092  -3.155  1.00 9.72  ? 94   LEU A CG  1 
ATOM   517  C  CD1 . LEU A 1 86  ? -5.696  -6.277  -2.585  1.00 11.19 ? 94   LEU A CD1 1 
ATOM   518  C  CD2 . LEU A 1 86  ? -6.893  -5.391  -4.567  1.00 11.16 ? 94   LEU A CD2 1 
ATOM   519  N  N   . GLU A 1 87  ? -10.633 -2.860  -2.273  1.00 9.16  ? 95   GLU A N   1 
ATOM   520  C  CA  . GLU A 1 87  ? -11.787 -2.395  -1.527  1.00 9.05  ? 95   GLU A CA  1 
ATOM   521  C  C   . GLU A 1 87  ? -12.725 -3.555  -1.235  1.00 9.44  ? 95   GLU A C   1 
ATOM   522  O  O   . GLU A 1 87  ? -13.063 -4.324  -2.135  1.00 10.42 ? 95   GLU A O   1 
ATOM   523  C  CB  . GLU A 1 87  ? -12.546 -1.330  -2.321  1.00 10.12 ? 95   GLU A CB  1 
ATOM   524  C  CG  . GLU A 1 87  ? -13.696 -0.699  -1.553  1.00 11.97 ? 95   GLU A CG  1 
ATOM   525  C  CD  . GLU A 1 87  ? -14.341 0.400   -2.349  1.00 12.28 ? 95   GLU A CD  1 
ATOM   526  O  OE1 . GLU A 1 87  ? -14.875 0.130   -3.455  1.00 15.07 ? 95   GLU A OE1 1 
ATOM   527  O  OE2 . GLU A 1 87  ? -14.276 1.536   -1.886  1.00 13.74 ? 95   GLU A OE2 1 
ATOM   528  N  N   . ASP A 1 88  ? -13.229 -3.617  -0.002  1.00 10.04 ? 96   ASP A N   1 
ATOM   529  C  CA  . ASP A 1 88  ? -14.300 -4.556  0.370   1.00 11.23 ? 96   ASP A CA  1 
ATOM   530  C  C   . ASP A 1 88  ? -13.912 -5.979  -0.057  1.00 12.20 ? 96   ASP A C   1 
ATOM   531  O  O   . ASP A 1 88  ? -12.871 -6.467  0.368   1.00 13.28 ? 96   ASP A O   1 
ATOM   532  C  CB  . ASP A 1 88  ? -15.670 -4.080  -0.170  1.00 11.90 ? 96   ASP A CB  1 
ATOM   533  C  CG  . ASP A 1 88  ? -16.088 -2.770  0.424   1.00 11.53 ? 96   ASP A CG  1 
ATOM   534  O  OD1 . ASP A 1 88  ? -15.419 -2.290  1.356   1.00 12.44 ? 96   ASP A OD1 1 
ATOM   535  O  OD2 . ASP A 1 88  ? -17.103 -2.163  0.025   1.00 13.30 ? 96   ASP A OD2 1 
ATOM   536  N  N   . GLU A 1 89  ? -14.709 -6.629  -0.904  1.00 12.81 ? 97   GLU A N   1 
ATOM   537  C  CA  . GLU A 1 89  ? -14.472 -8.041  -1.265  1.00 13.91 ? 97   GLU A CA  1 
ATOM   538  C  C   . GLU A 1 89  ? -13.242 -8.279  -2.136  1.00 13.49 ? 97   GLU A C   1 
ATOM   539  O  O   . GLU A 1 89  ? -12.870 -9.431  -2.385  1.00 15.50 ? 97   GLU A O   1 
ATOM   540  C  CB  . GLU A 1 89  ? -15.717 -8.664  -1.932  1.00 16.17 ? 97   GLU A CB  1 
ATOM   541  N  N   . GLU A 1 90  ? -12.589 -7.219  -2.594  1.00 12.57 ? 98   GLU A N   1 
ATOM   542  C  CA  . GLU A 1 90  ? -11.313 -7.365  -3.306  1.00 13.02 ? 98   GLU A CA  1 
ATOM   543  C  C   . GLU A 1 90  ? -10.184 -7.800  -2.378  1.00 12.96 ? 98   GLU A C   1 
ATOM   544  O  O   . GLU A 1 90  ? -9.118  -8.163  -2.861  1.00 15.42 ? 98   GLU A O   1 
ATOM   545  C  CB  . GLU A 1 90  ? -10.924 -6.052  -3.995  1.00 13.22 ? 98   GLU A CB  1 
ATOM   546  C  CG  . GLU A 1 90  ? -11.910 -5.617  -5.065  1.00 14.28 ? 98   GLU A CG  1 
ATOM   547  C  CD  . GLU A 1 90  ? -11.605 -4.258  -5.699  1.00 15.17 ? 98   GLU A CD  1 
ATOM   548  O  OE1 . GLU A 1 90  ? -10.895 -3.413  -5.097  1.00 12.29 ? 98   GLU A OE1 1 
ATOM   549  O  OE2 . GLU A 1 90  ? -12.119 -3.996  -6.833  1.00 20.91 ? 98   GLU A OE2 1 
ATOM   550  N  N   . GLU A 1 91  ? -10.385 -7.736  -1.062  1.00 13.29 ? 99   GLU A N   1 
ATOM   551  C  CA  . GLU A 1 91  ? -9.358  -8.162  -0.109  1.00 15.66 ? 99   GLU A CA  1 
ATOM   552  C  C   . GLU A 1 91  ? -8.951  -9.596  -0.392  1.00 16.35 ? 99   GLU A C   1 
ATOM   553  O  O   . GLU A 1 91  ? -9.812  -10.452 -0.538  1.00 15.78 ? 99   GLU A O   1 
ATOM   554  C  CB  . GLU A 1 91  ? -9.844  -8.036  1.339   1.00 16.85 ? 99   GLU A CB  1 
ATOM   555  C  CG  . GLU A 1 91  ? -8.815  -8.506  2.343   1.00 18.07 ? 99   GLU A CG  1 
ATOM   556  C  CD  . GLU A 1 91  ? -9.197  -8.334  3.782   1.00 18.87 ? 99   GLU A CD  1 
ATOM   557  O  OE1 . GLU A 1 91  ? -10.309 -7.865  4.097   1.00 19.78 ? 99   GLU A OE1 1 
ATOM   558  O  OE2 . GLU A 1 91  ? -8.364  -8.708  4.634   1.00 21.50 ? 99   GLU A OE2 1 
ATOM   559  N  N   . PRO A 1 92  ? -7.641  -9.879  -0.450  1.00 17.39 ? 100  PRO A N   1 
ATOM   560  C  CA  . PRO A 1 92  ? -7.177  -11.252 -0.698  1.00 17.53 ? 100  PRO A CA  1 
ATOM   561  C  C   . PRO A 1 92  ? -7.569  -12.207 0.444   1.00 15.85 ? 100  PRO A C   1 
ATOM   562  O  O   . PRO A 1 92  ? -7.475  -11.833 1.599   1.00 16.55 ? 100  PRO A O   1 
ATOM   563  C  CB  . PRO A 1 92  ? -5.644  -11.089 -0.783  1.00 18.48 ? 100  PRO A CB  1 
ATOM   564  C  CG  . PRO A 1 92  ? -5.447  -9.662  -1.097  1.00 18.86 ? 100  PRO A CG  1 
ATOM   565  C  CD  . PRO A 1 92  ? -6.498  -8.954  -0.275  1.00 17.32 ? 100  PRO A CD  1 
ATOM   566  N  N   . LYS A 1 93  ? -7.982  -13.434 0.110   1.00 18.00 ? 101  LYS A N   1 
ATOM   567  C  CA  . LYS A 1 93  ? -8.141  -14.500 1.102   1.00 20.16 ? 101  LYS A CA  1 
ATOM   568  C  C   . LYS A 1 93  ? -6.803  -15.219 1.218   1.00 19.74 ? 101  LYS A C   1 
ATOM   569  O  O   . LYS A 1 93  ? -6.615  -16.350 0.760   1.00 23.35 ? 101  LYS A O   1 
ATOM   570  C  CB  . LYS A 1 93  ? -9.246  -15.481 0.692   1.00 23.29 ? 101  LYS A CB  1 
ATOM   571  C  CG  A LYS A 1 93  ? -9.712  -16.402 1.812   0.60 25.91 ? 101  LYS A CG  1 
ATOM   572  C  CG  B LYS A 1 93  ? -10.628 -14.846 0.568   0.40 22.59 ? 101  LYS A CG  1 
ATOM   573  N  N   . ASP A 1 94  ? -5.863  -14.519 1.815   1.00 17.61 ? 102  ASP A N   1 
ATOM   574  C  CA  . ASP A 1 94  ? -4.470  -14.918 1.819   1.00 15.34 ? 102  ASP A CA  1 
ATOM   575  C  C   . ASP A 1 94  ? -3.889  -14.281 3.056   1.00 16.16 ? 102  ASP A C   1 
ATOM   576  O  O   . ASP A 1 94  ? -3.831  -13.062 3.150   1.00 15.17 ? 102  ASP A O   1 
ATOM   577  C  CB  . ASP A 1 94  ? -3.830  -14.368 0.548   1.00 16.95 ? 102  ASP A CB  1 
ATOM   578  C  CG  . ASP A 1 94  ? -2.350  -14.676 0.419   1.00 16.77 ? 102  ASP A CG  1 
ATOM   579  O  OD1 . ASP A 1 94  ? -1.662  -15.039 1.412   1.00 18.22 ? 102  ASP A OD1 1 
ATOM   580  O  OD2 . ASP A 1 94  ? -1.796  -14.528 -0.693  1.00 19.29 ? 102  ASP A OD2 1 
ATOM   581  N  N   . GLU A 1 95  ? -3.472  -15.115 4.007   1.00 16.26 ? 103  GLU A N   1 
ATOM   582  C  CA  . GLU A 1 95  ? -3.005  -14.630 5.291   1.00 16.65 ? 103  GLU A CA  1 
ATOM   583  C  C   . GLU A 1 95  ? -1.722  -13.801 5.193   1.00 13.06 ? 103  GLU A C   1 
ATOM   584  O  O   . GLU A 1 95  ? -1.383  -13.091 6.132   1.00 14.32 ? 103  GLU A O   1 
ATOM   585  C  CB  . GLU A 1 95  ? -2.779  -15.798 6.263   1.00 20.81 ? 103  GLU A CB  1 
ATOM   586  C  CG  . GLU A 1 95  ? -4.052  -16.492 6.747   0.70 23.63 ? 103  GLU A CG  1 
ATOM   587  C  CD  A GLU A 1 95  ? -4.654  -15.831 7.971   0.70 26.08 ? 103  GLU A CD  1 
ATOM   588  C  CD  B GLU A 1 95  ? -3.820  -17.340 7.984   0.30 24.36 ? 103  GLU A CD  1 
ATOM   589  N  N   . ASP A 1 96  ? -1.003  -13.873 4.057   1.00 12.46 ? 104  ASP A N   1 
ATOM   590  C  CA  . ASP A 1 96  ? 0.165   -13.008 3.887   1.00 12.27 ? 104  ASP A CA  1 
ATOM   591  C  C   . ASP A 1 96  ? -0.213  -11.532 3.975   1.00 12.17 ? 104  ASP A C   1 
ATOM   592  O  O   . ASP A 1 96  ? 0.645   -10.708 4.273   1.00 12.38 ? 104  ASP A O   1 
ATOM   593  C  CB  . ASP A 1 96  ? 0.855   -13.230 2.539   1.00 13.10 ? 104  ASP A CB  1 
ATOM   594  C  CG  . ASP A 1 96  ? 1.608   -14.540 2.434   1.00 13.86 ? 104  ASP A CG  1 
ATOM   595  O  OD1 . ASP A 1 96  ? 1.684   -15.329 3.401   1.00 15.57 ? 104  ASP A OD1 1 
ATOM   596  O  OD2 . ASP A 1 96  ? 2.167   -14.833 1.360   1.00 14.14 ? 104  ASP A OD2 1 
ATOM   597  N  N   . PHE A 1 97  ? -1.489  -11.210 3.738   1.00 11.56 ? 105  PHE A N   1 
ATOM   598  C  CA  . PHE A 1 97  ? -1.942  -9.820  3.742   1.00 11.29 ? 105  PHE A CA  1 
ATOM   599  C  C   . PHE A 1 97  ? -2.489  -9.343  5.066   1.00 11.15 ? 105  PHE A C   1 
ATOM   600  O  O   . PHE A 1 97  ? -2.985  -8.217  5.159   1.00 12.17 ? 105  PHE A O   1 
ATOM   601  C  CB  . PHE A 1 97  ? -2.939  -9.588  2.600   1.00 11.89 ? 105  PHE A CB  1 
ATOM   602  C  CG  . PHE A 1 97  ? -2.294  -9.655  1.244   1.00 11.81 ? 105  PHE A CG  1 
ATOM   603  C  CD1 . PHE A 1 97  ? -1.789  -8.506  0.622   1.00 12.90 ? 105  PHE A CD1 1 
ATOM   604  C  CD2 . PHE A 1 97  ? -2.158  -10.872 0.586   1.00 13.79 ? 105  PHE A CD2 1 
ATOM   605  C  CE1 . PHE A 1 97  ? -1.169  -8.588  -0.639  1.00 13.14 ? 105  PHE A CE1 1 
ATOM   606  C  CE2 . PHE A 1 97  ? -1.533  -10.952 -0.660  1.00 14.54 ? 105  PHE A CE2 1 
ATOM   607  C  CZ  . PHE A 1 97  ? -1.048  -9.817  -1.262  1.00 13.93 ? 105  PHE A CZ  1 
ATOM   608  N  N   . SER A 1 98  ? -2.380  -10.162 6.107   1.00 11.32 ? 106  SER A N   1 
ATOM   609  C  CA  . SER A 1 98  ? -2.747  -9.747  7.460   1.00 12.26 ? 106  SER A CA  1 
ATOM   610  C  C   . SER A 1 98  ? -1.723  -10.262 8.480   1.00 13.18 ? 106  SER A C   1 
ATOM   611  O  O   . SER A 1 98  ? -2.092  -10.980 9.396   1.00 15.54 ? 106  SER A O   1 
ATOM   612  C  CB  . SER A 1 98  ? -4.168  -10.207 7.822   1.00 14.37 ? 106  SER A CB  1 
ATOM   613  O  OG  . SER A 1 98  ? -4.336  -11.572 7.553   1.00 17.24 ? 106  SER A OG  1 
ATOM   614  N  N   . PRO A 1 99  ? -0.459  -9.860  8.364   1.00 13.17 ? 107  PRO A N   1 
ATOM   615  C  CA  . PRO A 1 99  ? 0.602   -10.436 9.199   1.00 14.60 ? 107  PRO A CA  1 
ATOM   616  C  C   . PRO A 1 99  ? 0.461   -10.168 10.684  1.00 13.34 ? 107  PRO A C   1 
ATOM   617  O  O   . PRO A 1 99  ? 1.042   -10.918 11.467  1.00 16.57 ? 107  PRO A O   1 
ATOM   618  C  CB  . PRO A 1 99  ? 1.890   -9.750  8.684   1.00 16.35 ? 107  PRO A CB  1 
ATOM   619  C  CG  . PRO A 1 99  ? 1.578   -9.111  7.419   1.00 15.56 ? 107  PRO A CG  1 
ATOM   620  C  CD  . PRO A 1 99  ? 0.083   -8.853  7.424   1.00 14.41 ? 107  PRO A CD  1 
ATOM   621  N  N   . ASP A 1 100 ? -0.231  -9.099  11.087  1.00 13.52 ? 108  ASP A N   1 
ATOM   622  C  CA  . ASP A 1 100 ? -0.394  -8.783  12.501  1.00 13.77 ? 108  ASP A CA  1 
ATOM   623  C  C   . ASP A 1 100 ? -1.806  -8.357  12.864  1.00 13.84 ? 108  ASP A C   1 
ATOM   624  O  O   . ASP A 1 100 ? -2.015  -7.620  13.815  1.00 16.03 ? 108  ASP A O   1 
ATOM   625  C  CB  . ASP A 1 100 ? 0.657   -7.778  12.995  1.00 13.91 ? 108  ASP A CB  1 
ATOM   626  C  CG  . ASP A 1 100 ? 0.324   -6.323  12.642  1.00 12.56 ? 108  ASP A CG  1 
ATOM   627  O  OD1 . ASP A 1 100 ? -0.426  -6.076  11.655  1.00 12.58 ? 108  ASP A OD1 1 
ATOM   628  O  OD2 . ASP A 1 100 ? 0.815   -5.379  13.309  1.00 13.31 ? 108  ASP A OD2 1 
ATOM   629  N  N   . GLY A 1 101 ? -2.775  -8.860  12.121  1.00 14.13 ? 109  GLY A N   1 
ATOM   630  C  CA  . GLY A 1 101 ? -4.164  -8.578  12.449  1.00 15.06 ? 109  GLY A CA  1 
ATOM   631  C  C   . GLY A 1 101 ? -5.009  -8.099  11.278  1.00 14.59 ? 109  GLY A C   1 
ATOM   632  O  O   . GLY A 1 101 ? -4.522  -7.810  10.179  1.00 14.80 ? 109  GLY A O   1 
ATOM   633  N  N   . GLY A 1 102 ? -6.309  -8.033  11.537  1.00 14.69 ? 110  GLY A N   1 
ATOM   634  C  CA  . GLY A 1 102 ? -7.293  -7.753  10.518  1.00 15.89 ? 110  GLY A CA  1 
ATOM   635  C  C   . GLY A 1 102 ? -7.861  -6.350  10.562  1.00 14.46 ? 110  GLY A C   1 
ATOM   636  O  O   . GLY A 1 102 ? -8.880  -6.108  9.936   1.00 16.63 ? 110  GLY A O   1 
ATOM   637  N  N   . TYR A 1 103 ? -7.208  -5.431  11.269  1.00 12.85 ? 111  TYR A N   1 
ATOM   638  C  CA  . TYR A 1 103 ? -7.579  -4.012  11.251  1.00 12.42 ? 111  TYR A CA  1 
ATOM   639  C  C   . TYR A 1 103 ? -7.446  -3.430  9.834   1.00 10.59 ? 111  TYR A C   1 
ATOM   640  O  O   . TYR A 1 103 ? -6.782  -4.002  8.956   1.00 11.44 ? 111  TYR A O   1 
ATOM   641  C  CB  . TYR A 1 103 ? -6.724  -3.206  12.228  1.00 13.08 ? 111  TYR A CB  1 
ATOM   642  C  CG  . TYR A 1 103 ? -5.254  -3.353  11.938  1.00 11.26 ? 111  TYR A CG  1 
ATOM   643  C  CD1 . TYR A 1 103 ? -4.621  -2.505  11.026  1.00 10.88 ? 111  TYR A CD1 1 
ATOM   644  C  CD2 . TYR A 1 103 ? -4.504  -4.358  12.549  1.00 12.15 ? 111  TYR A CD2 1 
ATOM   645  C  CE1 . TYR A 1 103 ? -3.285  -2.642  10.727  1.00 10.05 ? 111  TYR A CE1 1 
ATOM   646  C  CE2 . TYR A 1 103 ? -3.149  -4.494  12.269  1.00 11.49 ? 111  TYR A CE2 1 
ATOM   647  C  CZ  . TYR A 1 103 ? -2.553  -3.635  11.356  1.00 9.98  ? 111  TYR A CZ  1 
ATOM   648  O  OH  . TYR A 1 103 ? -1.223  -3.743  11.039  1.00 11.41 ? 111  TYR A OH  1 
ATOM   649  N  N   . ILE A 1 104 ? -8.057  -2.264  9.620   1.00 10.90 ? 112  ILE A N   1 
ATOM   650  C  CA  . ILE A 1 104 ? -8.072  -1.605  8.316   1.00 11.20 ? 112  ILE A CA  1 
ATOM   651  C  C   . ILE A 1 104 ? -7.981  -0.101  8.512   1.00 9.71  ? 112  ILE A C   1 
ATOM   652  O  O   . ILE A 1 104 ? -8.404  0.426   9.555   1.00 10.21 ? 112  ILE A O   1 
ATOM   653  C  CB  . ILE A 1 104 ? -9.334  -1.963  7.526   1.00 12.94 ? 112  ILE A CB  1 
ATOM   654  C  CG1 . ILE A 1 104 ? -10.561 -1.834  8.436   1.00 15.25 ? 112  ILE A CG1 1 
ATOM   655  C  CG2 . ILE A 1 104 ? -9.195  -3.336  6.861   1.00 16.79 ? 112  ILE A CG2 1 
ATOM   656  C  CD1 . ILE A 1 104 ? -11.939 -1.956  7.792   1.00 17.99 ? 112  ILE A CD1 1 
ATOM   657  N  N   . PRO A 1 105 ? -7.445  0.638   7.547   1.00 9.19  ? 113  PRO A N   1 
ATOM   658  C  CA  . PRO A 1 105 ? -6.811  0.097   6.342   1.00 9.92  ? 113  PRO A CA  1 
ATOM   659  C  C   . PRO A 1 105 ? -5.439  -0.488  6.675   1.00 8.96  ? 113  PRO A C   1 
ATOM   660  O  O   . PRO A 1 105 ? -4.839  -0.144  7.709   1.00 10.23 ? 113  PRO A O   1 
ATOM   661  C  CB  . PRO A 1 105 ? -6.689  1.319   5.459   1.00 10.31 ? 113  PRO A CB  1 
ATOM   662  C  CG  . PRO A 1 105 ? -6.536  2.459   6.427   1.00 10.48 ? 113  PRO A CG  1 
ATOM   663  C  CD  . PRO A 1 105 ? -7.387  2.105   7.592   1.00 9.98  ? 113  PRO A CD  1 
ATOM   664  N  N   . ARG A 1 106 ? -4.928  -1.323  5.779   1.00 8.17  ? 114  ARG A N   1 
ATOM   665  C  CA  . ARG A 1 106 ? -3.553  -1.842  5.887   1.00 8.73  ? 114  ARG A CA  1 
ATOM   666  C  C   . ARG A 1 106 ? -2.804  -1.503  4.614   1.00 7.60  ? 114  ARG A C   1 
ATOM   667  O  O   . ARG A 1 106 ? -3.361  -1.612  3.511   1.00 8.56  ? 114  ARG A O   1 
ATOM   668  C  CB  . ARG A 1 106 ? -3.542  -3.379  6.077   1.00 10.50 ? 114  ARG A CB  1 
ATOM   669  C  CG  . ARG A 1 106 ? -4.268  -3.817  7.318   1.00 11.39 ? 114  ARG A CG  1 
ATOM   670  C  CD  . ARG A 1 106 ? -4.043  -5.246  7.682   1.00 11.43 ? 114  ARG A CD  1 
ATOM   671  N  NE  . ARG A 1 106 ? -4.445  -6.232  6.679   1.00 10.66 ? 114  ARG A NE  1 
ATOM   672  C  CZ  . ARG A 1 106 ? -5.695  -6.623  6.430   1.00 10.28 ? 114  ARG A CZ  1 
ATOM   673  N  NH1 . ARG A 1 106 ? -6.723  -6.061  7.069   1.00 12.01 ? 114  ARG A NH1 1 
ATOM   674  N  NH2 . ARG A 1 106 ? -5.912  -7.571  5.531   1.00 12.15 ? 114  ARG A NH2 1 
ATOM   675  N  N   . ILE A 1 107 ? -1.555  -1.102  4.766   1.00 7.82  ? 115  ILE A N   1 
ATOM   676  C  CA  . ILE A 1 107 ? -0.670  -0.876  3.628   1.00 7.75  ? 115  ILE A CA  1 
ATOM   677  C  C   . ILE A 1 107 ? 0.508   -1.848  3.714   1.00 7.25  ? 115  ILE A C   1 
ATOM   678  O  O   . ILE A 1 107 ? 1.253   -1.832  4.706   1.00 8.01  ? 115  ILE A O   1 
ATOM   679  C  CB  . ILE A 1 107 ? -0.173  0.576   3.579   1.00 7.91  ? 115  ILE A CB  1 
ATOM   680  C  CG1 . ILE A 1 107 ? -1.350  1.551   3.460   1.00 9.23  ? 115  ILE A CG1 1 
ATOM   681  C  CG2 . ILE A 1 107 ? 0.803   0.749   2.396   1.00 9.72  ? 115  ILE A CG2 1 
ATOM   682  C  CD1 . ILE A 1 107 ? -0.966  3.001   3.438   1.00 10.88 ? 115  ILE A CD1 1 
ATOM   683  N  N   . LEU A 1 108 ? 0.644   -2.679  2.705   1.00 7.69  ? 116  LEU A N   1 
ATOM   684  C  CA  . LEU A 1 108 ? 1.686   -3.682  2.625   1.00 7.96  ? 116  LEU A CA  1 
ATOM   685  C  C   . LEU A 1 108 ? 2.476   -3.470  1.356   1.00 7.32  ? 116  LEU A C   1 
ATOM   686  O  O   . LEU A 1 108 ? 1.938   -3.135  0.300   1.00 9.00  ? 116  LEU A O   1 
ATOM   687  C  CB  . LEU A 1 108 ? 1.082   -5.068  2.595   1.00 10.27 ? 116  LEU A CB  1 
ATOM   688  C  CG  . LEU A 1 108 ? 0.492   -5.527  3.933   1.00 13.95 ? 116  LEU A CG  1 
ATOM   689  C  CD1 . LEU A 1 108 ? -0.416  -6.658  3.639   1.00 20.00 ? 116  LEU A CD1 1 
ATOM   690  C  CD2 . LEU A 1 108 ? 1.562   -5.954  4.918   1.00 17.04 ? 116  LEU A CD2 1 
ATOM   691  N  N   . PHE A 1 109 ? 3.795   -3.712  1.460   1.00 7.55  ? 117  PHE A N   1 
ATOM   692  C  CA  . PHE A 1 109 ? 4.671   -3.622  0.302   1.00 7.85  ? 117  PHE A CA  1 
ATOM   693  C  C   . PHE A 1 109 ? 5.124   -5.003  -0.098  1.00 8.42  ? 117  PHE A C   1 
ATOM   694  O  O   . PHE A 1 109 ? 5.437   -5.847  0.756   1.00 9.19  ? 117  PHE A O   1 
ATOM   695  C  CB  . PHE A 1 109 ? 5.861   -2.724  0.634   1.00 8.92  ? 117  PHE A CB  1 
ATOM   696  C  CG  . PHE A 1 109 ? 5.475   -1.283  0.889   1.00 8.02  ? 117  PHE A CG  1 
ATOM   697  C  CD1 . PHE A 1 109 ? 5.238   -0.428  -0.178  1.00 8.48  ? 117  PHE A CD1 1 
ATOM   698  C  CD2 . PHE A 1 109 ? 5.258   -0.813  2.186   1.00 9.27  ? 117  PHE A CD2 1 
ATOM   699  C  CE1 . PHE A 1 109 ? 4.866   0.881   0.044   1.00 9.37  ? 117  PHE A CE1 1 
ATOM   700  C  CE2 . PHE A 1 109 ? 4.883   0.491   2.411   1.00 9.27  ? 117  PHE A CE2 1 
ATOM   701  C  CZ  . PHE A 1 109 ? 4.676   1.347   1.345   1.00 8.50  ? 117  PHE A CZ  1 
ATOM   702  N  N   . LEU A 1 110 ? 5.161   -5.217  -1.408  1.00 8.52  ? 118  LEU A N   1 
ATOM   703  C  CA  . LEU A 1 110 ? 5.521   -6.507  -2.003  1.00 8.75  ? 118  LEU A CA  1 
ATOM   704  C  C   . LEU A 1 110 ? 6.728   -6.323  -2.924  1.00 8.90  ? 118  LEU A C   1 
ATOM   705  O  O   . LEU A 1 110 ? 6.864   -5.280  -3.575  1.00 9.32  ? 118  LEU A O   1 
ATOM   706  C  CB  . LEU A 1 110 ? 4.388   -7.050  -2.856  1.00 10.02 ? 118  LEU A CB  1 
ATOM   707  C  CG  . LEU A 1 110 ? 3.166   -7.633  -2.160  1.00 10.28 ? 118  LEU A CG  1 
ATOM   708  C  CD1 . LEU A 1 110 ? 2.474   -6.651  -1.202  1.00 10.40 ? 118  LEU A CD1 1 
ATOM   709  C  CD2 . LEU A 1 110 ? 2.169   -8.126  -3.187  1.00 11.92 ? 118  LEU A CD2 1 
ATOM   710  N  N   . ASP A 1 111 ? 7.612   -7.323  -2.991  1.00 10.17 ? 119  ASP A N   1 
ATOM   711  C  CA  . ASP A 1 111 ? 8.713   -7.232  -3.939  1.00 11.43 ? 119  ASP A CA  1 
ATOM   712  C  C   . ASP A 1 111 ? 8.196   -7.463  -5.361  1.00 11.16 ? 119  ASP A C   1 
ATOM   713  O  O   . ASP A 1 111 ? 7.052   -7.878  -5.552  1.00 11.23 ? 119  ASP A O   1 
ATOM   714  C  CB  . ASP A 1 111 ? 9.883   -8.127  -3.520  1.00 11.93 ? 119  ASP A CB  1 
ATOM   715  C  CG  . ASP A 1 111 ? 9.559   -9.588  -3.466  1.00 12.16 ? 119  ASP A CG  1 
ATOM   716  O  OD1 . ASP A 1 111 ? 8.773   -10.090 -4.285  1.00 13.91 ? 119  ASP A OD1 1 
ATOM   717  O  OD2 . ASP A 1 111 ? 10.074  -10.291 -2.571  1.00 13.51 ? 119  ASP A OD2 1 
ATOM   718  N  N   . PRO A 1 112 ? 9.031   -7.247  -6.387  1.00 11.97 ? 120  PRO A N   1 
ATOM   719  C  CA  . PRO A 1 112 ? 8.544   -7.426  -7.763  1.00 12.91 ? 120  PRO A CA  1 
ATOM   720  C  C   . PRO A 1 112 ? 8.094   -8.828  -8.104  1.00 13.67 ? 120  PRO A C   1 
ATOM   721  O  O   . PRO A 1 112 ? 7.316   -8.982  -9.034  1.00 16.42 ? 120  PRO A O   1 
ATOM   722  C  CB  . PRO A 1 112 ? 9.732   -6.998  -8.618  1.00 14.84 ? 120  PRO A CB  1 
ATOM   723  C  CG  . PRO A 1 112 ? 10.487  -6.028  -7.722  1.00 14.53 ? 120  PRO A CG  1 
ATOM   724  C  CD  . PRO A 1 112 ? 10.370  -6.641  -6.340  1.00 12.89 ? 120  PRO A CD  1 
ATOM   725  N  N   . SER A 1 113 ? 8.544   -9.825  -7.340  1.00 13.98 ? 121  SER A N   1 
ATOM   726  C  CA  . SER A 1 113 ? 8.111   -11.201 -7.545  1.00 16.79 ? 121  SER A CA  1 
ATOM   727  C  C   . SER A 1 113 ? 6.745   -11.467 -6.906  1.00 16.67 ? 121  SER A C   1 
ATOM   728  O  O   . SER A 1 113 ? 6.176   -12.553 -7.048  1.00 21.07 ? 121  SER A O   1 
ATOM   729  C  CB  A SER A 1 113 ? 9.153   -12.184 -7.024  0.70 18.00 ? 121  SER A CB  1 
ATOM   730  C  CB  B SER A 1 113 ? 9.149   -12.179 -6.987  0.30 17.79 ? 121  SER A CB  1 
ATOM   731  O  OG  A SER A 1 113 ? 9.007   -12.383 -5.635  0.70 20.06 ? 121  SER A OG  1 
ATOM   732  O  OG  B SER A 1 113 ? 10.446  -11.891 -7.482  0.30 19.50 ? 121  SER A OG  1 
ATOM   733  N  N   . GLY A 1 114 ? 6.205   -10.483 -6.200  1.00 14.83 ? 122  GLY A N   1 
ATOM   734  C  CA  . GLY A 1 114 ? 4.899   -10.631 -5.592  1.00 14.50 ? 122  GLY A CA  1 
ATOM   735  C  C   . GLY A 1 114 ? 4.869   -11.084 -4.148  1.00 12.38 ? 122  GLY A C   1 
ATOM   736  O  O   . GLY A 1 114 ? 3.777   -11.292 -3.633  1.00 16.07 ? 122  GLY A O   1 
ATOM   737  N  N   . LYS A 1 115 ? 6.007   -11.219 -3.482  1.00 12.82 ? 123  LYS A N   1 
ATOM   738  C  CA  . LYS A 1 115 ? 6.007   -11.630 -2.075  1.00 12.95 ? 123  LYS A CA  1 
ATOM   739  C  C   . LYS A 1 115 ? 5.769   -10.444 -1.166  1.00 10.70 ? 123  LYS A C   1 
ATOM   740  O  O   . LYS A 1 115 ? 6.413   -9.415  -1.322  1.00 10.54 ? 123  LYS A O   1 
ATOM   741  C  CB  . LYS A 1 115 ? 7.352   -12.274 -1.668  1.00 14.26 ? 123  LYS A CB  1 
ATOM   742  C  CG  . LYS A 1 115 ? 7.733   -13.522 -2.446  1.00 16.47 ? 123  LYS A CG  1 
ATOM   743  C  CD  . LYS A 1 115 ? 8.844   -14.334 -1.740  1.00 17.60 ? 123  LYS A CD  1 
ATOM   744  C  CE  . LYS A 1 115 ? 10.115  -13.549 -1.451  1.00 19.01 ? 123  LYS A CE  1 
ATOM   745  N  NZ  . LYS A 1 115 ? 10.794  -12.985 -2.652  1.00 19.94 ? 123  LYS A NZ  1 
ATOM   746  N  N   . VAL A 1 116 ? 4.903   -10.626 -0.171  1.00 10.90 ? 124  VAL A N   1 
ATOM   747  C  CA  . VAL A 1 116 ? 4.706   -9.604  0.854   1.00 10.92 ? 124  VAL A CA  1 
ATOM   748  C  C   . VAL A 1 116 ? 5.946   -9.495  1.741   1.00 9.42  ? 124  VAL A C   1 
ATOM   749  O  O   . VAL A 1 116 ? 6.528   -10.508 2.135   1.00 10.54 ? 124  VAL A O   1 
ATOM   750  C  CB  . VAL A 1 116 ? 3.455   -9.899  1.702   1.00 10.73 ? 124  VAL A CB  1 
ATOM   751  C  CG1 . VAL A 1 116 ? 3.252   -8.847  2.747   1.00 10.83 ? 124  VAL A CG1 1 
ATOM   752  C  CG2 . VAL A 1 116 ? 2.196   -9.945  0.834   1.00 11.97 ? 124  VAL A CG2 1 
ATOM   753  N  N   . HIS A 1 117 ? 6.333   -8.270  2.054   1.00 9.17  ? 125  HIS A N   1 
ATOM   754  C  CA  . HIS A 1 117 ? 7.447   -7.987  2.935   1.00 9.13  ? 125  HIS A CA  1 
ATOM   755  C  C   . HIS A 1 117 ? 6.938   -7.384  4.242   1.00 9.66  ? 125  HIS A C   1 
ATOM   756  O  O   . HIS A 1 117 ? 6.870   -6.161  4.394   1.00 9.97  ? 125  HIS A O   1 
ATOM   757  C  CB  . HIS A 1 117 ? 8.460   -7.089  2.239   1.00 10.31 ? 125  HIS A CB  1 
ATOM   758  C  CG  . HIS A 1 117 ? 9.379   -7.859  1.352   1.00 9.57  ? 125  HIS A CG  1 
ATOM   759  N  ND1 . HIS A 1 117 ? 10.702  -8.069  1.677   1.00 9.54  ? 125  HIS A ND1 1 
ATOM   760  C  CD2 . HIS A 1 117 ? 9.166   -8.525  0.192   1.00 10.96 ? 125  HIS A CD2 1 
ATOM   761  C  CE1 . HIS A 1 117 ? 11.269  -8.816  0.750   1.00 10.76 ? 125  HIS A CE1 1 
ATOM   762  N  NE2 . HIS A 1 117 ? 10.359  -9.109  -0.167  1.00 10.76 ? 125  HIS A NE2 1 
ATOM   763  N  N   . PRO A 1 118 ? 6.582   -8.237  5.203   1.00 9.88  ? 126  PRO A N   1 
ATOM   764  C  CA  . PRO A 1 118 ? 5.975   -7.722  6.427   1.00 10.47 ? 126  PRO A CA  1 
ATOM   765  C  C   . PRO A 1 118 ? 6.962   -6.986  7.332   1.00 9.85  ? 126  PRO A C   1 
ATOM   766  O  O   . PRO A 1 118 ? 6.525   -6.355  8.308   1.00 10.32 ? 126  PRO A O   1 
ATOM   767  C  CB  . PRO A 1 118 ? 5.393   -8.974  7.093   1.00 13.48 ? 126  PRO A CB  1 
ATOM   768  C  CG  . PRO A 1 118 ? 6.076   -10.063 6.531   1.00 11.68 ? 126  PRO A CG  1 
ATOM   769  C  CD  . PRO A 1 118 ? 6.691   -9.702  5.228   1.00 10.59 ? 126  PRO A CD  1 
ATOM   770  N  N   . GLU A 1 119 ? 8.247   -7.033  7.002   1.00 10.13 ? 127  GLU A N   1 
ATOM   771  C  CA  . GLU A 1 119 ? 9.232   -6.293  7.780   1.00 10.40 ? 127  GLU A CA  1 
ATOM   772  C  C   . GLU A 1 119 ? 9.206   -4.787  7.514   1.00 10.48 ? 127  GLU A C   1 
ATOM   773  O  O   . GLU A 1 119 ? 9.788   -4.005  8.269   1.00 11.96 ? 127  GLU A O   1 
ATOM   774  C  CB  . GLU A 1 119 ? 10.627  -6.870  7.547   1.00 11.35 ? 127  GLU A CB  1 
ATOM   775  C  CG  . GLU A 1 119 ? 11.332  -6.468  6.239   1.00 11.76 ? 127  GLU A CG  1 
ATOM   776  C  CD  . GLU A 1 119 ? 10.853  -7.142  4.957   1.00 10.61 ? 127  GLU A CD  1 
ATOM   777  O  OE1 . GLU A 1 119 ? 9.844   -7.861  4.945   1.00 11.06 ? 127  GLU A OE1 1 
ATOM   778  O  OE2 . GLU A 1 119 ? 11.555  -6.964  3.929   1.00 11.00 ? 127  GLU A OE2 1 
ATOM   779  N  N   . ILE A 1 120 ? 8.519   -4.379  6.436   1.00 10.02 ? 128  ILE A N   1 
ATOM   780  C  CA  . ILE A 1 120 ? 8.369   -2.954  6.170   1.00 9.84  ? 128  ILE A CA  1 
ATOM   781  C  C   . ILE A 1 120 ? 7.081   -2.469  6.815   1.00 9.10  ? 128  ILE A C   1 
ATOM   782  O  O   . ILE A 1 120 ? 5.989   -2.835  6.374   1.00 9.11  ? 128  ILE A O   1 
ATOM   783  C  CB  . ILE A 1 120 ? 8.386   -2.667  4.663   1.00 10.16 ? 128  ILE A CB  1 
ATOM   784  C  CG1 . ILE A 1 120 ? 9.649   -3.258  4.024   1.00 12.03 ? 128  ILE A CG1 1 
ATOM   785  C  CG2 . ILE A 1 120 ? 8.257   -1.146  4.376   1.00 12.04 ? 128  ILE A CG2 1 
ATOM   786  C  CD1 . ILE A 1 120 ? 9.692   -3.182  2.542   1.00 13.31 ? 128  ILE A CD1 1 
ATOM   787  N  N   . ILE A 1 121 ? 7.237   -1.658  7.854   1.00 9.43  ? 129  ILE A N   1 
ATOM   788  C  CA  . ILE A 1 121 ? 6.146   -1.264  8.718   1.00 9.84  ? 129  ILE A CA  1 
ATOM   789  C  C   . ILE A 1 121 ? 6.076   0.253   8.842   1.00 9.10  ? 129  ILE A C   1 
ATOM   790  O  O   . ILE A 1 121 ? 6.992   0.972   8.448   1.00 9.87  ? 129  ILE A O   1 
ATOM   791  C  CB  . ILE A 1 121 ? 6.336   -1.898  10.136  1.00 10.56 ? 129  ILE A CB  1 
ATOM   792  C  CG1 . ILE A 1 121 ? 7.500   -1.248  10.909  1.00 11.77 ? 129  ILE A CG1 1 
ATOM   793  C  CG2 . ILE A 1 121 ? 6.477   -3.402  10.060  1.00 11.41 ? 129  ILE A CG2 1 
ATOM   794  C  CD1 . ILE A 1 121 ? 7.561   -1.630  12.376  1.00 14.21 ? 129  ILE A CD1 1 
ATOM   795  N  N   . ASN A 1 122 ? 4.998   0.733   9.461   1.00 9.22  ? 130  ASN A N   1 
ATOM   796  C  CA  . ASN A 1 122 ? 4.880   2.152   9.779   1.00 8.93  ? 130  ASN A CA  1 
ATOM   797  C  C   . ASN A 1 122 ? 5.676   2.426   11.056  1.00 9.17  ? 130  ASN A C   1 
ATOM   798  O  O   . ASN A 1 122 ? 5.166   2.291   12.190  1.00 10.74 ? 130  ASN A O   1 
ATOM   799  C  CB  . ASN A 1 122 ? 3.427   2.517   9.979   1.00 9.84  ? 130  ASN A CB  1 
ATOM   800  C  CG  . ASN A 1 122 ? 3.246   3.969   10.350  1.00 9.01  ? 130  ASN A CG  1 
ATOM   801  O  OD1 . ASN A 1 122 ? 4.179   4.774   10.251  1.00 10.34 ? 130  ASN A OD1 1 
ATOM   802  N  ND2 . ASN A 1 122 ? 2.053   4.317   10.823  1.00 9.36  ? 130  ASN A ND2 1 
ATOM   803  N  N   . GLU A 1 123 ? 6.932   2.838   10.890  1.00 10.18 ? 131  GLU A N   1 
ATOM   804  C  CA  . GLU A 1 123 ? 7.840   2.949   12.035  1.00 11.70 ? 131  GLU A CA  1 
ATOM   805  C  C   . GLU A 1 123 ? 7.392   4.004   13.017  1.00 11.98 ? 131  GLU A C   1 
ATOM   806  O  O   . GLU A 1 123 ? 7.704   3.903   14.198  1.00 15.83 ? 131  GLU A O   1 
ATOM   807  C  CB  . GLU A 1 123 ? 9.264   3.257   11.564  1.00 13.35 ? 131  GLU A CB  1 
ATOM   808  C  CG  . GLU A 1 123 ? 9.934   2.130   10.776  1.00 14.88 ? 131  GLU A CG  1 
ATOM   809  C  CD  . GLU A 1 123 ? 10.354  0.943   11.625  1.00 17.56 ? 131  GLU A CD  1 
ATOM   810  O  OE1 . GLU A 1 123 ? 10.322  1.015   12.885  1.00 20.17 ? 131  GLU A OE1 1 
ATOM   811  O  OE2 . GLU A 1 123 ? 10.725  -0.081  11.021  1.00 17.54 ? 131  GLU A OE2 1 
ATOM   812  N  N   . ASN A 1 124 ? 6.671   5.016   12.554  1.00 11.96 ? 132  ASN A N   1 
ATOM   813  C  CA  . ASN A 1 124 ? 6.202   6.055   13.468  1.00 15.01 ? 132  ASN A CA  1 
ATOM   814  C  C   . ASN A 1 124 ? 4.789   5.856   13.998  1.00 13.76 ? 132  ASN A C   1 
ATOM   815  O  O   . ASN A 1 124 ? 4.229   6.739   14.678  1.00 17.04 ? 132  ASN A O   1 
ATOM   816  C  CB  . ASN A 1 124 ? 6.415   7.458   12.893  1.00 20.76 ? 132  ASN A CB  1 
ATOM   817  C  CG  . ASN A 1 124 ? 7.870   7.933   13.037  1.00 22.17 ? 132  ASN A CG  1 
ATOM   818  O  OD1 . ASN A 1 124 ? 8.646   7.393   13.831  1.00 25.61 ? 132  ASN A OD1 1 
ATOM   819  N  ND2 . ASN A 1 124 ? 8.233   8.940   12.273  1.00 25.60 ? 132  ASN A ND2 1 
ATOM   820  N  N   . GLY A 1 125 ? 4.233   4.681   13.756  1.00 11.27 ? 133  GLY A N   1 
ATOM   821  C  CA  . GLY A 1 125 ? 2.918   4.331   14.256  1.00 11.65 ? 133  GLY A CA  1 
ATOM   822  C  C   . GLY A 1 125 ? 3.024   3.519   15.536  1.00 11.39 ? 133  GLY A C   1 
ATOM   823  O  O   . GLY A 1 125 ? 4.037   3.555   16.269  1.00 13.49 ? 133  GLY A O   1 
ATOM   824  N  N   . ASN A 1 126 ? 1.945   2.826   15.843  1.00 10.97 ? 134  ASN A N   1 
ATOM   825  C  CA  . ASN A 1 126 ? 1.829   1.994   17.023  1.00 12.53 ? 134  ASN A CA  1 
ATOM   826  C  C   . ASN A 1 126 ? 2.350   0.604   16.669  1.00 12.98 ? 134  ASN A C   1 
ATOM   827  O  O   . ASN A 1 126 ? 1.908   0.037   15.668  1.00 12.43 ? 134  ASN A O   1 
ATOM   828  C  CB  . ASN A 1 126 ? 0.344   1.979   17.395  1.00 11.88 ? 134  ASN A CB  1 
ATOM   829  C  CG  . ASN A 1 126 ? 0.032   1.176   18.637  1.00 12.77 ? 134  ASN A CG  1 
ATOM   830  O  OD1 . ASN A 1 126 ? 0.612   0.098   18.894  1.00 14.83 ? 134  ASN A OD1 1 
ATOM   831  N  ND2 . ASN A 1 126 ? -0.948  1.660   19.390  1.00 14.07 ? 134  ASN A ND2 1 
ATOM   832  N  N   . PRO A 1 127 ? 3.288   0.049   17.465  1.00 14.20 ? 135  PRO A N   1 
ATOM   833  C  CA  . PRO A 1 127 ? 3.880   -1.271  17.151  1.00 15.27 ? 135  PRO A CA  1 
ATOM   834  C  C   . PRO A 1 127 ? 2.891   -2.435  17.127  1.00 14.84 ? 135  PRO A C   1 
ATOM   835  O  O   . PRO A 1 127 ? 3.213   -3.473  16.556  1.00 16.45 ? 135  PRO A O   1 
ATOM   836  C  CB  . PRO A 1 127 ? 4.941   -1.470  18.242  1.00 17.68 ? 135  PRO A CB  1 
ATOM   837  C  CG  . PRO A 1 127 ? 4.549   -0.592  19.342  1.00 18.59 ? 135  PRO A CG  1 
ATOM   838  C  CD  . PRO A 1 127 ? 3.867   0.609   18.707  1.00 16.23 ? 135  PRO A CD  1 
ATOM   839  N  N   . SER A 1 128 ? 1.704   -2.260  17.704  1.00 14.14 ? 136  SER A N   1 
ATOM   840  C  CA  . SER A 1 128 ? 0.673   -3.276  17.618  1.00 16.17 ? 136  SER A CA  1 
ATOM   841  C  C   . SER A 1 128 ? -0.096  -3.283  16.298  1.00 13.70 ? 136  SER A C   1 
ATOM   842  O  O   . SER A 1 128 ? -0.870  -4.206  16.064  1.00 15.97 ? 136  SER A O   1 
ATOM   843  C  CB  . SER A 1 128 ? -0.297  -3.145  18.787  1.00 17.77 ? 136  SER A CB  1 
ATOM   844  O  OG  . SER A 1 128 ? 0.372   -3.417  20.009  1.00 21.49 ? 136  SER A OG  1 
ATOM   845  N  N   . TYR A 1 129 ? 0.093   -2.237  15.478  1.00 12.79 ? 137  TYR A N   1 
ATOM   846  C  CA  . TYR A 1 129 ? -0.653  -2.050  14.229  1.00 12.04 ? 137  TYR A CA  1 
ATOM   847  C  C   . TYR A 1 129 ? 0.352   -1.616  13.179  1.00 10.57 ? 137  TYR A C   1 
ATOM   848  O  O   . TYR A 1 129 ? 0.389   -0.472  12.748  1.00 10.81 ? 137  TYR A O   1 
ATOM   849  C  CB  . TYR A 1 129 ? -1.795  -1.047  14.392  1.00 13.85 ? 137  TYR A CB  1 
ATOM   850  C  CG  . TYR A 1 129 ? -2.688  -1.362  15.566  1.00 15.88 ? 137  TYR A CG  1 
ATOM   851  C  CD1 . TYR A 1 129 ? -3.570  -2.436  15.524  1.00 18.28 ? 137  TYR A CD1 1 
ATOM   852  C  CD2 . TYR A 1 129 ? -2.610  -0.619  16.750  1.00 18.66 ? 137  TYR A CD2 1 
ATOM   853  C  CE1 . TYR A 1 129 ? -4.391  -2.744  16.622  1.00 22.31 ? 137  TYR A CE1 1 
ATOM   854  C  CE2 . TYR A 1 129 ? -3.436  -0.907  17.844  1.00 22.60 ? 137  TYR A CE2 1 
ATOM   855  C  CZ  . TYR A 1 129 ? -4.303  -1.972  17.769  1.00 22.78 ? 137  TYR A CZ  1 
ATOM   856  O  OH  . TYR A 1 129 ? -5.099  -2.234  18.870  1.00 26.32 ? 137  TYR A OH  1 
ATOM   857  N  N   . LYS A 1 130 ? 1.185   -2.561  12.771  1.00 10.00 ? 138  LYS A N   1 
ATOM   858  C  CA  . LYS A 1 130 ? 2.349   -2.265  11.948  1.00 10.44 ? 138  LYS A CA  1 
ATOM   859  C  C   . LYS A 1 130 ? 2.034   -1.670  10.590  1.00 8.36  ? 138  LYS A C   1 
ATOM   860  O  O   . LYS A 1 130 ? 2.868   -0.947  10.046  1.00 9.57  ? 138  LYS A O   1 
ATOM   861  C  CB  . LYS A 1 130 ? 3.164   -3.542  11.738  1.00 11.03 ? 138  LYS A CB  1 
ATOM   862  C  CG  . LYS A 1 130 ? 3.957   -3.973  12.947  1.00 13.69 ? 138  LYS A CG  1 
ATOM   863  C  CD  . LYS A 1 130 ? 4.464   -5.412  12.731  1.00 15.56 ? 138  LYS A CD  1 
ATOM   864  C  CE  . LYS A 1 130 ? 5.577   -5.823  13.684  1.00 17.24 ? 138  LYS A CE  1 
ATOM   865  N  NZ  . LYS A 1 130 ? 5.904   -7.278  13.509  1.00 20.67 ? 138  LYS A NZ  1 
ATOM   866  N  N   . TYR A 1 131 ? 0.862   -1.979  10.060  1.00 8.35  ? 139  TYR A N   1 
ATOM   867  C  CA  . TYR A 1 131 ? 0.527   -1.584  8.697   1.00 8.05  ? 139  TYR A CA  1 
ATOM   868  C  C   . TYR A 1 131 ? -0.553  -0.528  8.667   1.00 7.52  ? 139  TYR A C   1 
ATOM   869  O  O   . TYR A 1 131 ? -1.134  -0.275  7.599   1.00 7.75  ? 139  TYR A O   1 
ATOM   870  C  CB  . TYR A 1 131 ? 0.151   -2.831  7.843   1.00 9.18  ? 139  TYR A CB  1 
ATOM   871  C  CG  . TYR A 1 131 ? 1.174   -3.920  8.076   1.00 8.66  ? 139  TYR A CG  1 
ATOM   872  C  CD1 . TYR A 1 131 ? 2.508   -3.783  7.635   1.00 8.78  ? 139  TYR A CD1 1 
ATOM   873  C  CD2 . TYR A 1 131 ? 0.867   -5.015  8.854   1.00 10.18 ? 139  TYR A CD2 1 
ATOM   874  C  CE1 . TYR A 1 131 ? 3.467   -4.734  7.959   1.00 9.64  ? 139  TYR A CE1 1 
ATOM   875  C  CE2 . TYR A 1 131 ? 1.829   -5.967  9.194   1.00 10.43 ? 139  TYR A CE2 1 
ATOM   876  C  CZ  . TYR A 1 131 ? 3.130   -5.838  8.744   1.00 8.96  ? 139  TYR A CZ  1 
ATOM   877  O  OH  . TYR A 1 131 ? 4.046   -6.772  9.111   1.00 10.94 ? 139  TYR A OH  1 
ATOM   878  N  N   . PHE A 1 132 ? -0.805  0.090   9.820   1.00 8.06  ? 140  PHE A N   1 
ATOM   879  C  CA  . PHE A 1 132 ? -1.816  1.126   9.993   1.00 8.38  ? 140  PHE A CA  1 
ATOM   880  C  C   . PHE A 1 132 ? -1.134  2.486   9.934   1.00 8.00  ? 140  PHE A C   1 
ATOM   881  O  O   . PHE A 1 132 ? -0.390  2.859   10.844  1.00 9.40  ? 140  PHE A O   1 
ATOM   882  C  CB  . PHE A 1 132 ? -2.508  0.903   11.354  1.00 9.07  ? 140  PHE A CB  1 
ATOM   883  C  CG  . PHE A 1 132 ? -3.724  1.755   11.603  1.00 8.50  ? 140  PHE A CG  1 
ATOM   884  C  CD1 . PHE A 1 132 ? -4.947  1.474   10.994  1.00 8.67  ? 140  PHE A CD1 1 
ATOM   885  C  CD2 . PHE A 1 132 ? -3.686  2.777   12.534  1.00 9.62  ? 140  PHE A CD2 1 
ATOM   886  C  CE1 . PHE A 1 132 ? -6.082  2.224   11.295  1.00 10.10 ? 140  PHE A CE1 1 
ATOM   887  C  CE2 . PHE A 1 132 ? -4.827  3.534   12.844  1.00 10.87 ? 140  PHE A CE2 1 
ATOM   888  C  CZ  . PHE A 1 132 ? -6.011  3.269   12.206  1.00 9.82  ? 140  PHE A CZ  1 
ATOM   889  N  N   . TYR A 1 133 ? -1.371  3.205   8.836   1.00 8.17  ? 141  TYR A N   1 
ATOM   890  C  CA  . TYR A 1 133 ? -0.788  4.516   8.578   1.00 7.95  ? 141  TYR A CA  1 
ATOM   891  C  C   . TYR A 1 133 ? -1.906  5.544   8.662   1.00 8.14  ? 141  TYR A C   1 
ATOM   892  O  O   . TYR A 1 133 ? -2.975  5.339   8.086   1.00 9.63  ? 141  TYR A O   1 
ATOM   893  C  CB  . TYR A 1 133 ? -0.194  4.556   7.169   1.00 8.68  ? 141  TYR A CB  1 
ATOM   894  C  CG  . TYR A 1 133 ? 1.031   3.697   6.914   1.00 8.10  ? 141  TYR A CG  1 
ATOM   895  C  CD1 . TYR A 1 133 ? 2.283   4.288   6.821   1.00 9.20  ? 141  TYR A CD1 1 
ATOM   896  C  CD2 . TYR A 1 133 ? 0.927   2.318   6.738   1.00 8.47  ? 141  TYR A CD2 1 
ATOM   897  C  CE1 . TYR A 1 133 ? 3.426   3.523   6.533   1.00 9.25  ? 141  TYR A CE1 1 
ATOM   898  C  CE2 . TYR A 1 133 ? 2.045   1.547   6.467   1.00 8.20  ? 141  TYR A CE2 1 
ATOM   899  C  CZ  . TYR A 1 133 ? 3.291   2.159   6.358   1.00 8.70  ? 141  TYR A CZ  1 
ATOM   900  O  OH  . TYR A 1 133 ? 4.406   1.424   6.050   1.00 9.69  ? 141  TYR A OH  1 
ATOM   901  N  N   . VAL A 1 134 ? -1.641  6.677   9.307   1.00 8.97  ? 142  VAL A N   1 
ATOM   902  C  CA  . VAL A 1 134 ? -2.713  7.642   9.539   1.00 8.88  ? 142  VAL A CA  1 
ATOM   903  C  C   . VAL A 1 134 ? -2.462  9.008   8.935   1.00 8.50  ? 142  VAL A C   1 
ATOM   904  O  O   . VAL A 1 134 ? -3.336  9.883   9.024   1.00 9.73  ? 142  VAL A O   1 
ATOM   905  C  CB  . VAL A 1 134 ? -3.075  7.756   11.045  1.00 9.75  ? 142  VAL A CB  1 
ATOM   906  C  CG1 . VAL A 1 134 ? -3.585  6.449   11.544  1.00 12.36 ? 142  VAL A CG1 1 
ATOM   907  C  CG2 . VAL A 1 134 ? -1.878  8.266   11.883  1.00 10.63 ? 142  VAL A CG2 1 
ATOM   908  N  N   . SER A 1 135 ? -1.288  9.241   8.360   1.00 8.98  ? 143  SER A N   1 
ATOM   909  C  CA  . SER A 1 135 ? -0.968  10.527  7.754   1.00 9.04  ? 143  SER A CA  1 
ATOM   910  C  C   . SER A 1 135 ? -0.185  10.322  6.492   1.00 8.53  ? 143  SER A C   1 
ATOM   911  O  O   . SER A 1 135 ? 0.458   9.279   6.294   1.00 9.46  ? 143  SER A O   1 
ATOM   912  C  CB  . SER A 1 135 ? -0.155  11.389  8.696   1.00 10.67 ? 143  SER A CB  1 
ATOM   913  O  OG  . SER A 1 135 ? 1.132   10.830  8.861   1.00 10.81 ? 143  SER A OG  1 
ATOM   914  N  N   . ALA A 1 136 ? -0.213  11.317  5.619   1.00 10.01 ? 144  ALA A N   1 
ATOM   915  C  CA  . ALA A 1 136 ? 0.593   11.280  4.407   1.00 10.03 ? 144  ALA A CA  1 
ATOM   916  C  C   . ALA A 1 136 ? 2.080   11.168  4.754   1.00 9.65  ? 144  ALA A C   1 
ATOM   917  O  O   . ALA A 1 136 ? 2.810   10.434  4.089   1.00 10.39 ? 144  ALA A O   1 
ATOM   918  C  CB  . ALA A 1 136 ? 0.325   12.524  3.568   1.00 11.82 ? 144  ALA A CB  1 
ATOM   919  N  N   . GLU A 1 137 ? 2.534   11.886  5.786   1.00 10.39 ? 145  GLU A N   1 
ATOM   920  C  CA  . GLU A 1 137 ? 3.940   11.816  6.157   1.00 11.40 ? 145  GLU A CA  1 
ATOM   921  C  C   . GLU A 1 137 ? 4.370   10.387  6.512   1.00 10.03 ? 145  GLU A C   1 
ATOM   922  O  O   . GLU A 1 137 ? 5.447   9.930   6.108   1.00 11.13 ? 145  GLU A O   1 
ATOM   923  C  CB  A GLU A 1 137 ? 4.117   12.770  7.347   0.65 15.81 ? 145  GLU A CB  1 
ATOM   924  C  CB  B GLU A 1 137 ? 4.402   12.805  7.229   0.35 12.70 ? 145  GLU A CB  1 
ATOM   925  C  CG  A GLU A 1 137 ? 3.891   14.274  7.056   0.65 19.08 ? 145  GLU A CG  1 
ATOM   926  C  CG  B GLU A 1 137 ? 5.926   12.834  7.402   0.35 14.98 ? 145  GLU A CG  1 
ATOM   927  C  CD  A GLU A 1 137 ? 2.459   14.763  6.652   0.65 20.44 ? 145  GLU A CD  1 
ATOM   928  C  CD  B GLU A 1 137 ? 6.685   12.951  6.078   0.35 17.88 ? 145  GLU A CD  1 
ATOM   929  O  OE1 A GLU A 1 137 ? 1.352   14.224  7.038   0.65 13.27 ? 145  GLU A OE1 1 
ATOM   930  O  OE1 B GLU A 1 137 ? 7.465   12.025  5.711   0.35 16.39 ? 145  GLU A OE1 1 
ATOM   931  O  OE2 A GLU A 1 137 ? 2.429   15.797  5.916   0.65 23.57 ? 145  GLU A OE2 1 
ATOM   932  O  OE2 B GLU A 1 137 ? 6.493   13.969  5.383   0.35 19.96 ? 145  GLU A OE2 1 
ATOM   933  N  N   A GLN A 1 138 ? 3.513   9.666   7.228   0.60 9.28  ? 146  GLN A N   1 
ATOM   934  N  N   B GLN A 1 138 ? 3.517   9.668   7.236   0.40 9.71  ? 146  GLN A N   1 
ATOM   935  C  CA  . GLN A 1 138 ? 3.822   8.284   7.573   1.00 9.31  ? 146  GLN A CA  1 
ATOM   936  C  C   . GLN A 1 138 ? 3.859   7.417   6.319   1.00 8.59  ? 146  GLN A C   1 
ATOM   937  O  O   . GLN A 1 138 ? 4.739   6.594   6.166   1.00 8.77  ? 146  GLN A O   1 
ATOM   938  C  CB  . GLN A 1 138 ? 2.832   7.716   8.584   1.00 9.54  ? 146  GLN A CB  1 
ATOM   939  C  CG  . GLN A 1 138 ? 2.976   8.327   9.962   1.00 10.37 ? 146  GLN A CG  1 
ATOM   940  C  CD  . GLN A 1 138 ? 1.909   7.902   10.911  1.00 9.71  ? 146  GLN A CD  1 
ATOM   941  O  OE1 . GLN A 1 138 ? 1.044   7.073   10.591  1.00 10.24 ? 146  GLN A OE1 1 
ATOM   942  N  NE2 . GLN A 1 138 ? 1.961   8.465   12.117  1.00 13.15 ? 146  GLN A NE2 1 
ATOM   943  N  N   . VAL A 1 139 ? 2.901   7.619   5.409   1.00 8.78  ? 147  VAL A N   1 
ATOM   944  C  CA  . VAL A 1 139 ? 2.883   6.854   4.174   1.00 8.44  ? 147  VAL A CA  1 
ATOM   945  C  C   . VAL A 1 139 ? 4.158   7.083   3.349   1.00 8.08  ? 147  VAL A C   1 
ATOM   946  O  O   . VAL A 1 139 ? 4.759   6.137   2.844   1.00 8.64  ? 147  VAL A O   1 
ATOM   947  C  CB  . VAL A 1 139 ? 1.605   7.154   3.353   1.00 8.55  ? 147  VAL A CB  1 
ATOM   948  C  CG1 . VAL A 1 139 ? 1.706   6.481   1.980   1.00 9.75  ? 147  VAL A CG1 1 
ATOM   949  C  CG2 . VAL A 1 139 ? 0.358   6.732   4.068   1.00 9.38  ? 147  VAL A CG2 1 
ATOM   950  N  N   . VAL A 1 140 ? 4.558   8.349   3.232   1.00 8.99  ? 148  VAL A N   1 
ATOM   951  C  CA  . VAL A 1 140 ? 5.766   8.694   2.488   1.00 10.18 ? 148  VAL A CA  1 
ATOM   952  C  C   . VAL A 1 140 ? 6.981   7.941   3.036   1.00 9.77  ? 148  VAL A C   1 
ATOM   953  O  O   . VAL A 1 140 ? 7.799   7.417   2.264   1.00 10.21 ? 148  VAL A O   1 
ATOM   954  C  CB  . VAL A 1 140 ? 5.999   10.214  2.528   1.00 10.89 ? 148  VAL A CB  1 
ATOM   955  C  CG1 . VAL A 1 140 ? 7.405   10.585  2.072   1.00 12.78 ? 148  VAL A CG1 1 
ATOM   956  C  CG2 . VAL A 1 140 ? 4.984   10.915  1.631   1.00 11.89 ? 148  VAL A CG2 1 
ATOM   957  N  N   . GLN A 1 141 ? 7.118   7.879   4.351   1.00 9.75  ? 149  GLN A N   1 
ATOM   958  C  CA  . GLN A 1 141 ? 8.260   7.176   4.929   1.00 10.68 ? 149  GLN A CA  1 
ATOM   959  C  C   . GLN A 1 141 ? 8.256   5.684   4.606   1.00 9.37  ? 149  GLN A C   1 
ATOM   960  O  O   . GLN A 1 141 ? 9.308   5.103   4.300   1.00 11.21 ? 149  GLN A O   1 
ATOM   961  C  CB  . GLN A 1 141 ? 8.331   7.416   6.435   1.00 12.79 ? 149  GLN A CB  1 
ATOM   962  C  CG  . GLN A 1 141 ? 8.612   8.892   6.798   1.00 17.39 ? 149  GLN A CG  1 
ATOM   963  C  CD  . GLN A 1 141 ? 9.932   9.402   6.205   1.00 23.62 ? 149  GLN A CD  1 
ATOM   964  O  OE1 . GLN A 1 141 ? 10.980  8.795   6.421   1.00 29.08 ? 149  GLN A OE1 1 
ATOM   965  N  NE2 . GLN A 1 141 ? 9.874   10.487  5.438   1.00 25.80 ? 149  GLN A NE2 1 
ATOM   966  N  N   . GLY A 1 142 ? 7.073   5.074   4.602   1.00 9.19  ? 150  GLY A N   1 
ATOM   967  C  CA  . GLY A 1 142 ? 6.959   3.671   4.243   1.00 10.20 ? 150  GLY A CA  1 
ATOM   968  C  C   . GLY A 1 142 ? 7.336   3.455   2.783   1.00 8.79  ? 150  GLY A C   1 
ATOM   969  O  O   . GLY A 1 142 ? 8.074   2.538   2.435   1.00 9.33  ? 150  GLY A O   1 
ATOM   970  N  N   . MET A 1 143 ? 6.831   4.326   1.911   1.00 8.35  ? 151  MET A N   1 
ATOM   971  C  CA  . MET A 1 143 ? 7.141   4.219   0.489   1.00 8.53  ? 151  MET A CA  1 
ATOM   972  C  C   . MET A 1 143 ? 8.643   4.395   0.244   1.00 8.67  ? 151  MET A C   1 
ATOM   973  O  O   . MET A 1 143 ? 9.237   3.685   -0.587  1.00 9.37  ? 151  MET A O   1 
ATOM   974  C  CB  . MET A 1 143 ? 6.351   5.242   -0.316  1.00 8.89  ? 151  MET A CB  1 
ATOM   975  C  CG  . MET A 1 143 ? 4.835   4.974   -0.337  1.00 8.42  ? 151  MET A CG  1 
ATOM   976  S  SD  . MET A 1 143 ? 3.889   6.219   -1.207  1.00 9.08  ? 151  MET A SD  1 
ATOM   977  C  CE  . MET A 1 143 ? 4.113   5.702   -2.939  1.00 9.85  ? 151  MET A CE  1 
ATOM   978  N  N   . LYS A 1 144 ? 9.264   5.359   0.919   1.00 8.87  ? 152  LYS A N   1 
ATOM   979  C  CA  . LYS A 1 144 ? 10.697  5.570   0.731   1.00 10.80 ? 152  LYS A CA  1 
ATOM   980  C  C   . LYS A 1 144 ? 11.483  4.328   1.148   1.00 10.71 ? 152  LYS A C   1 
ATOM   981  O  O   . LYS A 1 144 ? 12.405  3.896   0.443   1.00 11.81 ? 152  LYS A O   1 
ATOM   982  C  CB  . LYS A 1 144 ? 11.137  6.808   1.508   1.00 11.57 ? 152  LYS A CB  1 
ATOM   983  C  CG  . LYS A 1 144 ? 10.758  8.117   0.851   1.00 14.85 ? 152  LYS A CG  1 
ATOM   984  C  CD  . LYS A 1 144 ? 11.171  9.302   1.717   1.00 17.53 ? 152  LYS A CD  1 
ATOM   985  C  CE  . LYS A 1 144 ? 10.958  10.603  0.977   1.00 23.51 ? 152  LYS A CE  1 
ATOM   986  N  NZ  . LYS A 1 144 ? 11.164  11.805  1.839   1.00 27.54 ? 152  LYS A NZ  1 
ATOM   987  N  N   . GLU A 1 145 ? 11.116  3.728   2.279   1.00 10.88 ? 153  GLU A N   1 
ATOM   988  C  CA  . GLU A 1 145 ? 11.819  2.524   2.709   1.00 11.18 ? 153  GLU A CA  1 
ATOM   989  C  C   . GLU A 1 145 ? 11.612  1.377   1.721   1.00 10.72 ? 153  GLU A C   1 
ATOM   990  O  O   . GLU A 1 145 ? 12.567  0.665   1.365   1.00 12.15 ? 153  GLU A O   1 
ATOM   991  C  CB  . GLU A 1 145 ? 11.392  2.107   4.106   1.00 12.29 ? 153  GLU A CB  1 
ATOM   992  C  CG  . GLU A 1 145 ? 12.172  0.852   4.505   1.00 14.70 ? 153  GLU A CG  1 
ATOM   993  C  CD  . GLU A 1 145 ? 12.057  0.433   5.949   1.00 16.53 ? 153  GLU A CD  1 
ATOM   994  O  OE1 . GLU A 1 145 ? 11.153  0.892   6.656   1.00 17.80 ? 153  GLU A OE1 1 
ATOM   995  O  OE2 . GLU A 1 145 ? 12.884  -0.398  6.380   1.00 20.32 ? 153  GLU A OE2 1 
ATOM   996  N  N   . ALA A 1 146 ? 10.375  1.189   1.272   1.00 10.12 ? 154  ALA A N   1 
ATOM   997  C  CA  . ALA A 1 146 ? 10.080  0.089   0.375   1.00 10.16 ? 154  ALA A CA  1 
ATOM   998  C  C   . ALA A 1 146 ? 10.791  0.261   -0.965  1.00 10.21 ? 154  ALA A C   1 
ATOM   999  O  O   . ALA A 1 146 ? 11.269  -0.705  -1.551  1.00 11.47 ? 154  ALA A O   1 
ATOM   1000 C  CB  . ALA A 1 146 ? 8.576   -0.059  0.182   1.00 10.18 ? 154  ALA A CB  1 
ATOM   1001 N  N   . GLN A 1 147 ? 10.872  1.489   -1.448  1.00 9.84  ? 155  GLN A N   1 
ATOM   1002 C  CA  . GLN A 1 147 ? 11.540  1.730   -2.717  1.00 12.06 ? 155  GLN A CA  1 
ATOM   1003 C  C   . GLN A 1 147 ? 13.003  1.324   -2.631  1.00 12.35 ? 155  GLN A C   1 
ATOM   1004 O  O   . GLN A 1 147 ? 13.529  0.650   -3.536  1.00 14.69 ? 155  GLN A O   1 
ATOM   1005 C  CB  . GLN A 1 147 ? 11.425  3.212   -3.109  1.00 12.88 ? 155  GLN A CB  1 
ATOM   1006 C  CG  . GLN A 1 147 ? 12.126  3.512   -4.422  1.00 15.39 ? 155  GLN A CG  1 
ATOM   1007 C  CD  . GLN A 1 147 ? 12.243  4.994   -4.707  1.00 18.59 ? 155  GLN A CD  1 
ATOM   1008 O  OE1 . GLN A 1 147 ? 12.108  5.855   -3.810  1.00 23.63 ? 155  GLN A OE1 1 
ATOM   1009 N  NE2 . GLN A 1 147 ? 12.521  5.307   -5.963  1.00 19.23 ? 155  GLN A NE2 1 
ATOM   1010 N  N   . GLU A 1 148 ? 13.656  1.700   -1.534  1.00 11.42 ? 156  GLU A N   1 
ATOM   1011 C  CA  . GLU A 1 148 ? 15.082  1.411   -1.320  1.00 13.71 ? 156  GLU A CA  1 
ATOM   1012 C  C   . GLU A 1 148 ? 15.307  -0.085  -1.150  1.00 13.24 ? 156  GLU A C   1 
ATOM   1013 O  O   . GLU A 1 148 ? 16.258  -0.641  -1.689  1.00 16.27 ? 156  GLU A O   1 
ATOM   1014 C  CB  . GLU A 1 148 ? 15.563  2.152   -0.070  1.00 17.56 ? 156  GLU A CB  1 
ATOM   1015 C  CG  A GLU A 1 148 ? 15.778  3.645   -0.266  0.70 21.59 ? 156  GLU A CG  1 
ATOM   1016 C  CG  B GLU A 1 148 ? 17.030  1.957   0.274   0.30 15.62 ? 156  GLU A CG  1 
ATOM   1017 N  N   . ARG A 1 149 ? 14.452  -0.742  -0.374  1.00 11.87 ? 157  ARG A N   1 
ATOM   1018 C  CA  . ARG A 1 149 ? 14.692  -2.117  0.032   1.00 12.06 ? 157  ARG A CA  1 
ATOM   1019 C  C   . ARG A 1 149 ? 14.257  -3.138  -1.000  1.00 11.44 ? 157  ARG A C   1 
ATOM   1020 O  O   . ARG A 1 149 ? 14.900  -4.186  -1.149  1.00 13.41 ? 157  ARG A O   1 
ATOM   1021 C  CB  . ARG A 1 149 ? 13.981  -2.362  1.347   1.00 13.06 ? 157  ARG A CB  1 
ATOM   1022 C  CG  . ARG A 1 149 ? 14.099  -3.727  1.880   1.00 15.62 ? 157  ARG A CG  1 
ATOM   1023 C  CD  . ARG A 1 149 ? 13.708  -3.809  3.334   1.00 15.03 ? 157  ARG A CD  1 
ATOM   1024 N  NE  . ARG A 1 149 ? 13.665  -5.198  3.753   1.00 16.15 ? 157  ARG A NE  1 
ATOM   1025 C  CZ  . ARG A 1 149 ? 14.727  -5.910  4.084   1.00 15.38 ? 157  ARG A CZ  1 
ATOM   1026 N  NH1 . ARG A 1 149 ? 15.936  -5.366  4.068   1.00 18.50 ? 157  ARG A NH1 1 
ATOM   1027 N  NH2 . ARG A 1 149 ? 14.573  -7.183  4.401   1.00 17.34 ? 157  ARG A NH2 1 
ATOM   1028 N  N   . LEU A 1 150 ? 13.191  -2.848  -1.740  1.00 10.71 ? 158  LEU A N   1 
ATOM   1029 C  CA  . LEU A 1 150 ? 12.572  -3.857  -2.604  1.00 11.74 ? 158  LEU A CA  1 
ATOM   1030 C  C   . LEU A 1 150 ? 12.923  -3.768  -4.069  1.00 14.91 ? 158  LEU A C   1 
ATOM   1031 O  O   . LEU A 1 150 ? 12.726  -4.726  -4.809  1.00 19.91 ? 158  LEU A O   1 
ATOM   1032 C  CB  . LEU A 1 150 ? 11.060  -3.866  -2.420  1.00 11.79 ? 158  LEU A CB  1 
ATOM   1033 C  CG  . LEU A 1 150 ? 10.584  -4.104  -0.987  1.00 10.97 ? 158  LEU A CG  1 
ATOM   1034 C  CD1 . LEU A 1 150 ? 9.050   -4.173  -0.995  1.00 12.99 ? 158  LEU A CD1 1 
ATOM   1035 C  CD2 . LEU A 1 150 ? 11.176  -5.375  -0.376  1.00 12.08 ? 158  LEU A CD2 1 
ATOM   1036 N  N   . THR A 1 151 ? 13.420  -2.618  -4.488  1.00 15.40 ? 159  THR A N   1 
ATOM   1037 C  CA  . THR A 1 151 ? 13.802  -2.448  -5.886  1.00 16.45 ? 159  THR A CA  1 
ATOM   1038 C  C   . THR A 1 151 ? 15.162  -3.145  -6.070  1.00 18.09 ? 159  THR A C   1 
ATOM   1039 O  O   . THR A 1 151 ? 16.061  -3.023  -5.226  1.00 18.94 ? 159  THR A O   1 
ATOM   1040 C  CB  . THR A 1 151 ? 13.858  -0.946  -6.271  1.00 14.79 ? 159  THR A CB  1 
ATOM   1041 O  OG1 . THR A 1 151 ? 12.624  -0.309  -5.884  1.00 16.08 ? 159  THR A OG1 1 
ATOM   1042 C  CG2 . THR A 1 151 ? 13.949  -0.738  -7.781  1.00 16.36 ? 159  THR A CG2 1 
ATOM   1043 N  N   . GLY A 1 152 ? 15.300  -3.879  -7.175  1.00 21.58 ? 160  GLY A N   1 
ATOM   1044 C  CA  . GLY A 1 152 ? 16.547  -4.547  -7.528  1.00 25.16 ? 160  GLY A CA  1 
ATOM   1045 C  C   . GLY A 1 152 ? 16.979  -5.611  -6.532  1.00 27.08 ? 160  GLY A C   1 
ATOM   1046 O  O   . GLY A 1 152 ? 18.171  -5.919  -6.429  1.00 30.74 ? 160  GLY A O   1 
ATOM   1047 N  N   . ASP A 1 153 ? 16.015  -6.162  -5.798  1.00 28.24 ? 161  ASP A N   1 
ATOM   1048 C  CA  . ASP A 1 153 ? 16.282  -7.173  -4.770  1.00 28.70 ? 161  ASP A CA  1 
ATOM   1049 C  C   . ASP A 1 153 ? 17.335  -6.729  -3.745  1.00 26.67 ? 161  ASP A C   1 
ATOM   1050 O  O   . ASP A 1 153 ? 18.151  -7.539  -3.293  1.00 26.97 ? 161  ASP A O   1 
ATOM   1051 N  N   . ALA A 1 154 ? 17.310  -5.450  -3.363  1.00 23.39 ? 162  ALA A N   1 
ATOM   1052 C  CA  . ALA A 1 154 ? 18.298  -4.922  -2.427  1.00 20.84 ? 162  ALA A CA  1 
ATOM   1053 C  C   . ALA A 1 154 ? 18.292  -5.705  -1.128  1.00 21.37 ? 162  ALA A C   1 
ATOM   1054 O  O   . ALA A 1 154 ? 19.353  -5.951  -0.547  1.00 23.41 ? 162  ALA A O   1 
ATOM   1055 C  CB  . ALA A 1 154 ? 18.061  -3.428  -2.167  1.00 20.67 ? 162  ALA A CB  1 
ATOM   1056 N  N   . PHE A 1 155 ? 17.106  -6.143  -0.701  1.00 19.30 ? 163  PHE A N   1 
ATOM   1057 C  CA  . PHE A 1 155 ? 16.940  -6.901  0.546   1.00 19.80 ? 163  PHE A CA  1 
ATOM   1058 C  C   . PHE A 1 155 ? 17.730  -8.214  0.577   1.00 22.05 ? 163  PHE A C   1 
ATOM   1059 O  O   . PHE A 1 155 ? 18.026  -8.730  1.657   1.00 24.36 ? 163  PHE A O   1 
ATOM   1060 C  CB  . PHE A 1 155 ? 15.453  -7.173  0.847   1.00 18.70 ? 163  PHE A CB  1 
ATOM   1061 C  CG  . PHE A 1 155 ? 14.776  -8.064  -0.159  1.00 16.76 ? 163  PHE A CG  1 
ATOM   1062 C  CD1 . PHE A 1 155 ? 14.717  -9.460  0.020   1.00 17.66 ? 163  PHE A CD1 1 
ATOM   1063 C  CD2 . PHE A 1 155 ? 14.182  -7.521  -1.285  1.00 16.14 ? 163  PHE A CD2 1 
ATOM   1064 C  CE1 . PHE A 1 155 ? 14.075  -10.262 -0.933  1.00 18.83 ? 163  PHE A CE1 1 
ATOM   1065 C  CE2 . PHE A 1 155 ? 13.559  -8.327  -2.242  1.00 17.59 ? 163  PHE A CE2 1 
ATOM   1066 C  CZ  . PHE A 1 155 ? 13.508  -9.683  -2.073  1.00 19.57 ? 163  PHE A CZ  1 
ATOM   1067 N  N   . ARG A 1 156 ? 18.041  -8.750  -0.597  1.00 20.32 ? 164  ARG A N   1 
HETATM 1068 PT PT  A PT  B 2 .   ? -14.117 1.856   11.624  0.30 19.40 ? 1001 PT  A PT  1 
HETATM 1069 PT PT  B PT  B 2 .   ? -12.792 1.192   10.736  0.20 28.30 ? 1001 PT  A PT  1 
HETATM 1070 CL CL  A CL  C 3 .   ? -15.431 2.554   13.375  0.30 19.02 ? 1003 CL  A CL  1 
HETATM 1071 CL CL  A CL  D 3 .   ? -15.722 0.328   11.137  0.30 20.22 ? 1004 CL  A CL  1 
HETATM 1072 CL CL  A CL  E 3 .   ? -12.588 3.337   12.168  0.30 17.07 ? 1005 CL  A CL  1 
HETATM 1073 PT PT  . PT  F 2 .   ? -15.755 -6.990  2.546   0.20 31.75 ? 1002 PT  A PT  1 
HETATM 1074 O  O   . HOH G 4 .   ? -9.643  8.581   -6.282  1.00 12.25 ? 201  HOH A O   1 
HETATM 1075 O  O   . HOH G 4 .   ? -8.630  12.725  -8.184  1.00 17.44 ? 202  HOH A O   1 
HETATM 1076 O  O   . HOH G 4 .   ? -6.031  7.166   -12.142 1.00 16.95 ? 203  HOH A O   1 
HETATM 1077 O  O   . HOH G 4 .   ? -1.216  11.739  -4.049  1.00 10.83 ? 204  HOH A O   1 
HETATM 1078 O  O   . HOH G 4 .   ? 0.763   10.016  -9.664  1.00 15.27 ? 205  HOH A O   1 
HETATM 1079 O  O   . HOH G 4 .   ? 0.832   6.943   -10.186 1.00 11.03 ? 206  HOH A O   1 
HETATM 1080 O  O   . HOH G 4 .   ? 2.764   3.781   -10.808 1.00 11.71 ? 207  HOH A O   1 
HETATM 1081 O  O   . HOH G 4 .   ? 4.853   2.736   -12.886 1.00 11.81 ? 208  HOH A O   1 
HETATM 1082 O  O   . HOH G 4 .   ? -5.556  4.250   -12.743 1.00 15.39 ? 209  HOH A O   1 
HETATM 1083 O  O   . HOH G 4 .   ? -6.111  -0.546  -7.506  1.00 10.99 ? 210  HOH A O   1 
HETATM 1084 O  O   . HOH G 4 .   ? -5.380  -3.342  -13.617 1.00 17.19 ? 211  HOH A O   1 
HETATM 1085 O  O   . HOH G 4 .   ? 4.816   -10.525 -15.974 1.00 24.15 ? 212  HOH A O   1 
HETATM 1086 O  O   . HOH G 4 .   ? 4.691   -9.930  -9.163  1.00 19.20 ? 213  HOH A O   1 
HETATM 1087 O  O   . HOH G 4 .   ? 13.712  -4.458  -9.306  1.00 26.79 ? 214  HOH A O   1 
HETATM 1088 O  O   . HOH G 4 .   ? -13.362 2.369   0.529   1.00 11.21 ? 215  HOH A O   1 
HETATM 1089 O  O   . HOH G 4 .   ? -10.623 -4.881  1.353   1.00 19.74 ? 216  HOH A O   1 
HETATM 1090 O  O   . HOH G 4 .   ? -16.878 4.978   1.099   1.00 17.32 ? 217  HOH A O   1 
HETATM 1091 O  O   . HOH G 4 .   ? -14.412 4.176   4.081   1.00 14.26 ? 218  HOH A O   1 
HETATM 1092 O  O   . HOH G 4 .   ? -16.902 5.765   4.708   1.00 15.66 ? 219  HOH A O   1 
HETATM 1093 O  O   . HOH G 4 .   ? -17.040 5.687   7.484   1.00 18.97 ? 220  HOH A O   1 
HETATM 1094 O  O   . HOH G 4 .   ? -13.866 9.083   9.000   1.00 13.64 ? 221  HOH A O   1 
HETATM 1095 O  O   . HOH G 4 .   ? -12.850 10.329  2.375   1.00 12.64 ? 222  HOH A O   1 
HETATM 1096 O  O   . HOH G 4 .   ? -10.073 11.894  -1.573  1.00 18.46 ? 223  HOH A O   1 
HETATM 1097 O  O   . HOH G 4 .   ? -1.882  14.989  3.178   1.00 20.30 ? 224  HOH A O   1 
HETATM 1098 O  O   . HOH G 4 .   ? 2.726   14.741  1.754   1.00 19.47 ? 225  HOH A O   1 
HETATM 1099 O  O   . HOH G 4 .   ? 1.569   17.852  -0.896  1.00 22.73 ? 226  HOH A O   1 
HETATM 1100 O  O   . HOH G 4 .   ? 3.860   16.265  -0.336  1.00 20.15 ? 227  HOH A O   1 
HETATM 1101 O  O   . HOH G 4 .   ? 3.425   12.775  -9.816  1.00 15.01 ? 228  HOH A O   1 
HETATM 1102 O  O   . HOH G 4 .   ? 2.539   6.166   -12.187 1.00 11.04 ? 229  HOH A O   1 
HETATM 1103 O  O   . HOH G 4 .   ? 9.090   3.972   -12.566 1.00 12.42 ? 230  HOH A O   1 
HETATM 1104 O  O   . HOH G 4 .   ? 11.170  1.252   -7.742  1.00 16.52 ? 231  HOH A O   1 
HETATM 1105 O  O   . HOH G 4 .   ? -10.600 -0.751  -5.701  1.00 12.48 ? 232  HOH A O   1 
HETATM 1106 O  O   . HOH G 4 .   ? -8.897  -0.045  -8.002  1.00 19.06 ? 233  HOH A O   1 
HETATM 1107 O  O   . HOH G 4 .   ? -8.244  -3.319  -7.355  1.00 18.30 ? 234  HOH A O   1 
HETATM 1108 O  O   . HOH G 4 .   ? -7.517  -7.228  -7.360  1.00 21.09 ? 235  HOH A O   1 
HETATM 1109 O  O   . HOH G 4 .   ? -6.860  -9.283  -9.136  1.00 19.09 ? 236  HOH A O   1 
HETATM 1110 O  O   . HOH G 4 .   ? 11.389  3.629   -11.047 1.00 23.17 ? 237  HOH A O   1 
HETATM 1111 O  O   . HOH G 4 .   ? -8.320  -8.815  -5.354  1.00 23.75 ? 238  HOH A O   1 
HETATM 1112 O  O   . HOH G 4 .   ? 3.205   -11.495 5.045   1.00 15.89 ? 239  HOH A O   1 
HETATM 1113 O  O   . HOH G 4 .   ? 5.043   -12.591 3.258   1.00 17.16 ? 240  HOH A O   1 
HETATM 1114 O  O   . HOH G 4 .   ? 4.219   -13.411 0.342   1.00 18.76 ? 241  HOH A O   1 
HETATM 1115 O  O   . HOH G 4 .   ? 0.825   -14.259 -1.105  1.00 18.15 ? 242  HOH A O   1 
HETATM 1116 O  O   . HOH G 4 .   ? 1.379   -12.003 -2.521  1.00 18.44 ? 243  HOH A O   1 
HETATM 1117 O  O   . HOH G 4 .   ? 0.147   2.207   13.695  1.00 11.72 ? 244  HOH A O   1 
HETATM 1118 O  O   . HOH G 4 .   ? 4.194   0.222   13.804  1.00 14.38 ? 245  HOH A O   1 
HETATM 1119 O  O   . HOH G 4 .   ? 10.012  -0.836  8.416   1.00 14.44 ? 246  HOH A O   1 
HETATM 1120 O  O   . HOH G 4 .   ? 8.663   2.051   6.595   1.00 14.09 ? 247  HOH A O   1 
HETATM 1121 O  O   . HOH G 4 .   ? 8.259   3.973   8.404   1.00 14.34 ? 248  HOH A O   1 
HETATM 1122 O  O   . HOH G 4 .   ? 5.991   5.558   8.413   1.00 12.81 ? 249  HOH A O   1 
HETATM 1123 O  O   . HOH G 4 .   ? -1.878  -7.199  9.548   1.00 12.86 ? 250  HOH A O   1 
HETATM 1124 O  O   . HOH G 4 .   ? 4.077   -8.558  11.308  1.00 18.25 ? 251  HOH A O   1 
HETATM 1125 O  O   . HOH G 4 .   ? 7.432   -6.686  11.023  1.00 16.78 ? 252  HOH A O   1 
HETATM 1126 O  O   . HOH G 4 .   ? 4.928   -4.224  4.062   1.00 9.21  ? 253  HOH A O   1 
HETATM 1127 O  O   . HOH G 4 .   ? 3.867   -1.125  5.550   1.00 9.87  ? 254  HOH A O   1 
HETATM 1128 O  O   . HOH G 4 .   ? -2.903  1.846   6.805   1.00 11.26 ? 255  HOH A O   1 
HETATM 1129 O  O   . HOH G 4 .   ? -5.381  4.479   9.011   1.00 12.45 ? 256  HOH A O   1 
HETATM 1130 O  O   . HOH G 4 .   ? -6.834  6.843   9.007   1.00 11.72 ? 257  HOH A O   1 
HETATM 1131 O  O   . HOH G 4 .   ? -5.986  9.353   9.096   1.00 11.10 ? 258  HOH A O   1 
HETATM 1132 O  O   . HOH G 4 .   ? 2.134   12.035  11.142  1.00 13.76 ? 259  HOH A O   1 
HETATM 1133 O  O   . HOH G 4 .   ? 4.541   10.596  12.274  1.00 13.58 ? 260  HOH A O   1 
HETATM 1134 O  O   . HOH G 4 .   ? -9.687  13.152  6.711   1.00 11.07 ? 261  HOH A O   1 
HETATM 1135 O  O   . HOH G 4 .   ? -12.423 12.994  6.313   1.00 14.03 ? 262  HOH A O   1 
HETATM 1136 O  O   . HOH G 4 .   ? -13.495 12.613  3.731   1.00 17.65 ? 263  HOH A O   1 
HETATM 1137 O  O   . HOH G 4 .   ? -1.633  13.918  6.212   1.00 13.83 ? 264  HOH A O   1 
HETATM 1138 O  O   . HOH G 4 .   ? 0.553   16.110  2.695   1.00 22.76 ? 265  HOH A O   1 
HETATM 1139 O  O   . HOH G 4 .   ? 2.169   -5.998  15.574  1.00 17.71 ? 266  HOH A O   1 
HETATM 1140 O  O   . HOH G 4 .   ? -2.173  -6.417  16.238  1.00 17.94 ? 267  HOH A O   1 
HETATM 1141 O  O   . HOH G 4 .   ? -9.926  -1.971  12.079  1.00 22.32 ? 268  HOH A O   1 
HETATM 1142 O  O   . HOH G 4 .   ? -6.244  -10.184 3.621   1.00 20.88 ? 269  HOH A O   1 
HETATM 1143 O  O   . HOH G 4 .   ? 10.538  -14.648 -4.852  1.00 43.11 ? 270  HOH A O   1 
HETATM 1144 O  O   . HOH G 4 .   ? 3.724   -12.512 -9.805  1.00 26.45 ? 271  HOH A O   1 
HETATM 1145 O  O   . HOH G 4 .   ? -0.725  -12.081 -11.757 1.00 19.97 ? 272  HOH A O   1 
HETATM 1146 O  O   . HOH G 4 .   ? -1.852  -13.265 -9.548  1.00 21.76 ? 273  HOH A O   1 
HETATM 1147 O  O   . HOH G 4 .   ? -3.976  -14.840 -9.998  1.00 27.10 ? 274  HOH A O   1 
HETATM 1148 O  O   . HOH G 4 .   ? 7.382   7.043   10.176  1.00 22.92 ? 275  HOH A O   1 
HETATM 1149 O  O   . HOH G 4 .   ? 11.687  5.893   5.415   1.00 20.36 ? 276  HOH A O   1 
HETATM 1150 O  O   . HOH G 4 .   ? 13.599  5.826   -1.180  1.00 22.67 ? 277  HOH A O   1 
HETATM 1151 O  O   . HOH G 4 .   ? -17.009 -5.794  -2.656  1.00 20.27 ? 278  HOH A O   1 
HETATM 1152 O  O   . HOH G 4 .   ? -3.132  -11.836 -7.560  1.00 21.75 ? 279  HOH A O   1 
HETATM 1153 O  O   . HOH G 4 .   ? -5.923  -11.547 -7.798  1.00 23.26 ? 280  HOH A O   1 
HETATM 1154 O  O   . HOH G 4 .   ? -3.295  -13.235 -2.871  1.00 26.45 ? 281  HOH A O   1 
HETATM 1155 O  O   . HOH G 4 .   ? -0.499  -17.528 1.065   1.00 20.22 ? 282  HOH A O   1 
HETATM 1156 O  O   . HOH G 4 .   ? 3.172   -13.506 6.761   1.00 19.33 ? 283  HOH A O   1 
HETATM 1157 O  O   . HOH G 4 .   ? 3.775   -15.609 5.103   1.00 17.88 ? 284  HOH A O   1 
HETATM 1158 O  O   . HOH G 4 .   ? 3.607   -17.609 7.097   1.00 20.15 ? 285  HOH A O   1 
HETATM 1159 O  O   . HOH G 4 .   ? -14.533 6.049   2.118   1.00 15.72 ? 286  HOH A O   1 
HETATM 1160 O  O   . HOH G 4 .   ? -12.311 11.547  -0.116  1.00 21.11 ? 287  HOH A O   1 
HETATM 1161 O  O   . HOH G 4 .   ? -9.544  14.547  -1.812  1.00 26.35 ? 288  HOH A O   1 
HETATM 1162 O  O   . HOH G 4 .   ? 5.273   -0.407  -15.840 1.00 14.80 ? 289  HOH A O   1 
HETATM 1163 O  O   . HOH G 4 .   ? 4.333   -1.093  -18.438 1.00 22.74 ? 290  HOH A O   1 
HETATM 1164 O  O   . HOH G 4 .   ? 17.169  -0.693  -4.314  1.00 25.36 ? 291  HOH A O   1 
HETATM 1165 O  O   . HOH G 4 .   ? -0.495  -5.682  -16.176 1.00 25.01 ? 292  HOH A O   1 
HETATM 1166 O  O   . HOH G 4 .   ? -0.700  -2.936  -15.434 1.00 21.29 ? 293  HOH A O   1 
HETATM 1167 O  O   . HOH G 4 .   ? -3.463  -2.578  -15.336 1.00 19.93 ? 294  HOH A O   1 
HETATM 1168 O  O   . HOH G 4 .   ? -7.309  -1.124  -11.885 1.00 25.65 ? 295  HOH A O   1 
HETATM 1169 O  O   . HOH G 4 .   ? 10.513  7.793   -10.177 1.00 22.14 ? 296  HOH A O   1 
HETATM 1170 O  O   . HOH G 4 .   ? 9.169   10.108  -9.064  1.00 21.96 ? 297  HOH A O   1 
# 
